data_8XLA
#
_entry.id   8XLA
#
_cell.length_a   160.750
_cell.length_b   212.040
_cell.length_c   255.720
_cell.angle_alpha   90.000
_cell.angle_beta   90.000
_cell.angle_gamma   90.000
#
_symmetry.space_group_name_H-M   'I 2 2 2'
#
loop_
_entity.id
_entity.type
_entity.pdbx_description
1 polymer 'Beta sliding clamp'
2 polymer 'DNA mismatch repair protein MutL'
#
loop_
_entity_poly.entity_id
_entity_poly.type
_entity_poly.pdbx_seq_one_letter_code
_entity_poly.pdbx_strand_id
1 'polypeptide(L)'
;MGSSHHHHHHSSGLVPRGSHMLILQAERDSLLKPLQAFTGIVERLHTLPILSNVLIEGRGGQTKLLATDLEIQIDTAGPE
GGAGDFRITTNAKKFQDILRALPAGALVSLDWDDNRLTLKAGKSRFALQTLPAADFPMMNVGEDISATFSLGQERFKTML
SQVQYSMAVQDIRYYLNGLLMQVEGSQLRLVATDGHRLAYAACAIDADLPRAEVILPRKTVLELFKLLNNPDDPIQIELL
DKQVRFQCNGTTIVSKVIDGKFPDFNRVIPLDNDKIFVLSRAELLGALERVSILANEKFRGARLFLQPGLLSVVCSNNEQ
EEAREEIEIAYQGGELEVGFNIGYLMDVLRNIHSDDMQLAFGDANRSTLFTVPNNPNFKYIVMPMRI
;
A,B,E,F
2 'polypeptide(L)'
;TMGSSHHHHHHSSGLVPRGSHSQSELPPLGFAIAQLLGIYILAQAEDSLLLIDMHAAAERVNYEKMKRQRQENGNLQSQH
LLIPVTFAASHEECAALADHAETLAGFGLELSDMGGNTLAVRAAPVMLGKSDVVSLARDVLGELAQVGSSQTIASHENRI
LATMSCHGSIRAGRRLTLPEMNALLRDMENTPRSNQCNHGRPTWVKLTLKELDTLFLRGQ
;
Y,Z,D
#
# COMPACT_ATOMS: atom_id res chain seq x y z
N LEU A 14 -43.18 6.75 4.50
CA LEU A 14 -42.16 7.28 3.61
C LEU A 14 -41.47 8.48 4.24
N VAL A 15 -40.14 8.54 4.07
CA VAL A 15 -39.33 9.61 4.62
C VAL A 15 -38.56 10.30 3.51
N PRO A 16 -38.14 11.53 3.77
CA PRO A 16 -37.35 12.29 2.81
C PRO A 16 -36.07 11.55 2.46
N ARG A 17 -35.68 11.61 1.19
CA ARG A 17 -34.50 10.90 0.74
C ARG A 17 -33.26 11.40 1.47
N GLY A 18 -32.34 10.47 1.75
CA GLY A 18 -31.09 10.76 2.44
C GLY A 18 -31.32 11.29 3.86
N SER A 19 -32.37 10.79 4.52
CA SER A 19 -32.60 11.08 5.93
C SER A 19 -31.99 9.98 6.78
N HIS A 20 -31.34 10.38 7.87
CA HIS A 20 -30.67 9.41 8.74
C HIS A 20 -31.70 8.55 9.47
N MET A 21 -31.68 7.25 9.21
CA MET A 21 -32.62 6.31 9.79
C MET A 21 -31.91 5.48 10.87
N LEU A 22 -32.49 5.46 12.07
CA LEU A 22 -31.90 4.69 13.14
C LEU A 22 -32.07 3.20 12.87
N ILE A 23 -30.99 2.43 13.03
CA ILE A 23 -31.07 0.99 12.96
C ILE A 23 -30.70 0.33 14.29
N LEU A 24 -29.76 0.92 15.03
CA LEU A 24 -29.34 0.26 16.26
C LEU A 24 -28.96 1.29 17.32
N GLN A 25 -29.07 0.87 18.58
CA GLN A 25 -28.51 1.62 19.69
C GLN A 25 -28.17 0.64 20.81
N ALA A 26 -26.97 0.77 21.37
CA ALA A 26 -26.54 -0.18 22.38
C ALA A 26 -25.41 0.41 23.20
N GLU A 27 -25.28 -0.05 24.44
CA GLU A 27 -24.14 0.29 25.26
C GLU A 27 -22.88 -0.30 24.64
N ARG A 28 -21.74 0.38 24.85
CA ARG A 28 -20.52 0.07 24.11
C ARG A 28 -20.14 -1.41 24.22
N ASP A 29 -20.08 -1.93 25.45
CA ASP A 29 -19.64 -3.30 25.64
C ASP A 29 -20.62 -4.29 25.01
N SER A 30 -21.92 -4.01 25.10
CA SER A 30 -22.92 -4.91 24.54
C SER A 30 -22.78 -5.07 23.02
N LEU A 31 -22.09 -4.14 22.37
CA LEU A 31 -21.75 -4.26 20.94
C LEU A 31 -20.36 -4.81 20.71
N LEU A 32 -19.38 -4.33 21.48
CA LEU A 32 -17.98 -4.70 21.24
C LEU A 32 -17.72 -6.16 21.59
N LYS A 33 -18.35 -6.66 22.66
CA LYS A 33 -18.12 -8.04 23.06
C LYS A 33 -18.55 -9.05 22.00
N PRO A 34 -19.75 -8.97 21.41
CA PRO A 34 -20.06 -9.88 20.29
C PRO A 34 -19.15 -9.71 19.10
N LEU A 35 -18.67 -8.49 18.82
CA LEU A 35 -17.76 -8.28 17.70
C LEU A 35 -16.45 -9.03 17.89
N GLN A 36 -15.94 -9.07 19.12
CA GLN A 36 -14.64 -9.66 19.38
C GLN A 36 -14.61 -11.16 19.15
N ALA A 37 -15.76 -11.78 18.95
CA ALA A 37 -15.82 -13.18 18.51
C ALA A 37 -15.65 -13.32 17.00
N PHE A 38 -15.53 -12.23 16.26
CA PHE A 38 -15.53 -12.23 14.80
C PHE A 38 -14.38 -11.40 14.26
N THR A 39 -13.18 -11.60 14.79
CA THR A 39 -11.98 -11.01 14.20
C THR A 39 -10.84 -11.99 14.04
N GLY A 40 -10.80 -13.08 14.82
CA GLY A 40 -9.79 -14.10 14.61
C GLY A 40 -9.95 -14.86 13.30
N ILE A 41 -11.12 -14.76 12.67
CA ILE A 41 -11.33 -15.37 11.36
C ILE A 41 -11.33 -14.35 10.24
N VAL A 42 -11.53 -13.06 10.54
CA VAL A 42 -11.50 -12.04 9.49
C VAL A 42 -10.07 -11.81 9.04
N GLU A 43 -9.85 -11.92 7.73
CA GLU A 43 -8.52 -11.75 7.15
C GLU A 43 -8.43 -10.30 6.65
N ARG A 44 -7.62 -9.49 7.35
CA ARG A 44 -7.72 -8.04 7.25
C ARG A 44 -7.45 -7.53 5.84
N LEU A 45 -6.70 -8.27 5.03
CA LEU A 45 -6.51 -7.93 3.62
C LEU A 45 -6.65 -9.21 2.80
N HIS A 46 -7.79 -9.37 2.15
CA HIS A 46 -8.13 -10.52 1.32
C HIS A 46 -8.34 -10.05 -0.12
N THR A 47 -8.60 -11.01 -1.00
CA THR A 47 -8.92 -10.68 -2.39
C THR A 47 -10.38 -10.29 -2.58
N LEU A 48 -11.24 -10.57 -1.60
CA LEU A 48 -12.63 -10.12 -1.61
C LEU A 48 -12.78 -9.02 -0.57
N PRO A 49 -13.13 -7.79 -0.97
CA PRO A 49 -13.30 -6.72 0.03
C PRO A 49 -14.31 -7.05 1.11
N ILE A 50 -15.44 -7.66 0.74
CA ILE A 50 -16.48 -7.94 1.71
C ILE A 50 -16.05 -9.02 2.70
N LEU A 51 -15.00 -9.79 2.38
CA LEU A 51 -14.46 -10.73 3.34
C LEU A 51 -13.79 -10.02 4.51
N SER A 52 -13.46 -8.74 4.36
CA SER A 52 -12.90 -7.95 5.45
C SER A 52 -13.98 -7.31 6.32
N ASN A 53 -15.25 -7.57 6.03
CA ASN A 53 -16.36 -6.95 6.72
C ASN A 53 -17.03 -7.92 7.67
N VAL A 54 -17.77 -7.35 8.61
CA VAL A 54 -18.65 -8.08 9.53
C VAL A 54 -20.08 -7.77 9.14
N LEU A 55 -20.93 -8.80 9.20
CA LEU A 55 -22.34 -8.69 8.84
C LEU A 55 -23.18 -8.55 10.11
N ILE A 56 -24.04 -7.54 10.12
CA ILE A 56 -24.95 -7.28 11.24
C ILE A 56 -26.38 -7.43 10.72
N GLU A 57 -27.14 -8.33 11.32
CA GLU A 57 -28.52 -8.57 10.91
C GLU A 57 -29.46 -8.31 12.08
N GLY A 58 -30.53 -7.57 11.83
CA GLY A 58 -31.55 -7.30 12.81
C GLY A 58 -32.88 -7.89 12.38
N ARG A 59 -33.57 -8.52 13.33
CA ARG A 59 -34.85 -9.16 13.06
C ARG A 59 -35.66 -9.18 14.34
N GLY A 60 -36.87 -8.64 14.28
CA GLY A 60 -37.76 -8.66 15.42
C GLY A 60 -37.18 -8.04 16.67
N GLY A 61 -36.30 -7.06 16.53
CA GLY A 61 -35.69 -6.41 17.67
C GLY A 61 -34.39 -7.04 18.15
N GLN A 62 -33.96 -8.14 17.54
CA GLN A 62 -32.77 -8.85 18.00
C GLN A 62 -31.68 -8.78 16.93
N THR A 63 -30.43 -8.77 17.39
CA THR A 63 -29.28 -8.55 16.53
C THR A 63 -28.38 -9.79 16.52
N LYS A 64 -27.88 -10.13 15.33
CA LYS A 64 -26.89 -11.17 15.13
C LYS A 64 -25.68 -10.57 14.43
N LEU A 65 -24.49 -10.94 14.89
CA LEU A 65 -23.24 -10.57 14.24
C LEU A 65 -22.63 -11.82 13.62
N LEU A 66 -22.02 -11.66 12.45
CA LEU A 66 -21.55 -12.81 11.68
C LEU A 66 -20.29 -12.44 10.92
N ALA A 67 -19.40 -13.43 10.76
CA ALA A 67 -18.19 -13.25 9.98
C ALA A 67 -17.76 -14.60 9.42
N THR A 68 -16.92 -14.55 8.39
CA THR A 68 -16.47 -15.76 7.72
C THR A 68 -15.14 -15.53 7.03
N ASP A 69 -14.45 -16.63 6.76
CA ASP A 69 -13.27 -16.65 5.89
C ASP A 69 -13.40 -17.70 4.80
N LEU A 70 -14.64 -18.10 4.48
CA LEU A 70 -14.99 -19.13 3.51
C LEU A 70 -14.64 -20.53 4.04
N GLU A 71 -13.99 -20.60 5.19
CA GLU A 71 -13.70 -21.86 5.85
C GLU A 71 -14.35 -21.96 7.23
N ILE A 72 -14.32 -20.89 8.00
CA ILE A 72 -14.97 -20.84 9.31
C ILE A 72 -15.98 -19.70 9.30
N GLN A 73 -17.24 -20.03 9.54
CA GLN A 73 -18.31 -19.05 9.67
C GLN A 73 -18.75 -19.02 11.12
N ILE A 74 -18.61 -17.87 11.76
CA ILE A 74 -18.97 -17.71 13.17
C ILE A 74 -20.07 -16.66 13.27
N ASP A 75 -21.12 -16.98 14.03
CA ASP A 75 -22.19 -16.04 14.30
C ASP A 75 -22.52 -16.06 15.79
N THR A 76 -23.03 -14.94 16.28
CA THR A 76 -23.47 -14.87 17.67
C THR A 76 -24.57 -13.83 17.79
N ALA A 77 -25.29 -13.87 18.90
CA ALA A 77 -26.31 -12.87 19.19
C ALA A 77 -25.66 -11.58 19.64
N GLY A 78 -26.04 -10.47 19.00
CA GLY A 78 -25.56 -9.17 19.37
C GLY A 78 -26.46 -8.52 20.41
N PRO A 79 -26.30 -7.21 20.61
CA PRO A 79 -27.18 -6.50 21.56
C PRO A 79 -28.60 -6.42 21.05
N GLU A 80 -29.48 -5.74 21.78
CA GLU A 80 -30.86 -5.61 21.37
C GLU A 80 -31.13 -4.23 20.77
N GLY A 81 -32.31 -4.11 20.15
CA GLY A 81 -32.70 -2.91 19.43
C GLY A 81 -33.43 -3.25 18.15
N GLY A 82 -34.62 -2.68 17.96
CA GLY A 82 -35.47 -3.09 16.85
C GLY A 82 -35.31 -2.24 15.61
N ALA A 83 -36.38 -1.52 15.25
CA ALA A 83 -36.35 -0.54 14.16
C ALA A 83 -36.02 -1.18 12.81
N GLY A 84 -36.96 -1.98 12.31
CA GLY A 84 -36.92 -2.29 10.89
C GLY A 84 -35.90 -3.30 10.41
N ASP A 85 -36.23 -4.60 10.52
CA ASP A 85 -35.34 -5.72 10.18
C ASP A 85 -34.40 -5.40 9.04
N PHE A 86 -33.11 -5.64 9.25
CA PHE A 86 -32.07 -5.03 8.41
C PHE A 86 -30.90 -6.00 8.27
N ARG A 87 -30.06 -5.73 7.28
CA ARG A 87 -28.76 -6.39 7.15
C ARG A 87 -27.74 -5.39 6.60
N ILE A 88 -26.62 -5.24 7.30
CA ILE A 88 -25.52 -4.40 6.86
C ILE A 88 -24.23 -5.21 6.90
N THR A 89 -23.24 -4.75 6.16
CA THR A 89 -21.86 -5.21 6.33
C THR A 89 -20.98 -3.98 6.46
N THR A 90 -19.99 -4.04 7.35
CA THR A 90 -19.08 -2.92 7.49
C THR A 90 -17.70 -3.43 7.88
N ASN A 91 -16.68 -2.63 7.57
CA ASN A 91 -15.30 -3.05 7.79
C ASN A 91 -15.09 -3.40 9.26
N ALA A 92 -14.71 -4.66 9.50
CA ALA A 92 -14.62 -5.16 10.88
C ALA A 92 -13.57 -4.41 11.68
N LYS A 93 -12.40 -4.16 11.08
CA LYS A 93 -11.31 -3.57 11.85
C LYS A 93 -11.61 -2.13 12.25
N LYS A 94 -12.09 -1.31 11.30
CA LYS A 94 -12.41 0.07 11.63
C LYS A 94 -13.54 0.15 12.65
N PHE A 95 -14.58 -0.67 12.47
CA PHE A 95 -15.71 -0.66 13.39
C PHE A 95 -15.29 -1.08 14.80
N GLN A 96 -14.49 -2.14 14.90
CA GLN A 96 -14.02 -2.58 16.20
C GLN A 96 -13.09 -1.57 16.84
N ASP A 97 -12.23 -0.92 16.04
CA ASP A 97 -11.36 0.11 16.58
C ASP A 97 -12.16 1.28 17.12
N ILE A 98 -13.20 1.69 16.38
CA ILE A 98 -14.05 2.79 16.85
C ILE A 98 -14.74 2.41 18.14
N LEU A 99 -15.28 1.20 18.22
CA LEU A 99 -15.93 0.77 19.46
C LEU A 99 -14.95 0.72 20.62
N ARG A 100 -13.75 0.21 20.38
CA ARG A 100 -12.76 0.09 21.46
C ARG A 100 -12.25 1.46 21.93
N ALA A 101 -12.36 2.49 21.10
CA ALA A 101 -11.87 3.82 21.45
C ALA A 101 -12.92 4.66 22.16
N LEU A 102 -14.12 4.14 22.34
CA LEU A 102 -15.22 4.82 23.03
C LEU A 102 -15.14 4.56 24.53
N PRO A 103 -15.70 5.47 25.34
CA PRO A 103 -15.65 5.29 26.80
C PRO A 103 -16.36 4.01 27.23
N ALA A 104 -16.14 3.64 28.49
CA ALA A 104 -16.47 2.30 28.96
C ALA A 104 -17.95 1.98 28.82
N GLY A 105 -18.82 2.94 29.17
CA GLY A 105 -20.25 2.68 29.12
C GLY A 105 -21.00 3.57 28.15
N ALA A 106 -20.30 4.06 27.13
CA ALA A 106 -20.90 4.99 26.18
C ALA A 106 -22.01 4.32 25.37
N LEU A 107 -23.02 5.12 25.03
CA LEU A 107 -24.14 4.65 24.22
C LEU A 107 -23.86 4.94 22.74
N VAL A 108 -23.97 3.91 21.91
CA VAL A 108 -23.60 3.98 20.50
C VAL A 108 -24.88 3.86 19.68
N SER A 109 -25.03 4.74 18.68
CA SER A 109 -26.19 4.78 17.82
C SER A 109 -25.77 4.58 16.37
N LEU A 110 -26.40 3.62 15.70
CA LEU A 110 -26.10 3.26 14.32
C LEU A 110 -27.25 3.71 13.43
N ASP A 111 -26.95 4.64 12.52
CA ASP A 111 -27.85 5.13 11.48
C ASP A 111 -27.35 4.66 10.12
N TRP A 112 -28.24 4.70 9.13
CA TRP A 112 -27.90 4.38 7.75
C TRP A 112 -28.41 5.46 6.82
N ASP A 113 -27.55 5.86 5.87
CA ASP A 113 -27.92 6.78 4.80
C ASP A 113 -27.18 6.35 3.54
N ASP A 114 -27.91 5.82 2.57
CA ASP A 114 -27.32 5.18 1.39
C ASP A 114 -26.15 4.30 1.76
N ASN A 115 -25.02 4.46 1.05
CA ASN A 115 -23.86 3.61 1.27
C ASN A 115 -23.03 4.03 2.49
N ARG A 116 -23.60 4.82 3.40
CA ARG A 116 -22.88 5.25 4.58
C ARG A 116 -23.60 4.80 5.86
N LEU A 117 -22.79 4.39 6.83
CA LEU A 117 -23.23 4.02 8.16
C LEU A 117 -22.72 5.07 9.14
N THR A 118 -23.57 5.51 10.05
CA THR A 118 -23.21 6.59 10.97
C THR A 118 -23.21 6.07 12.40
N LEU A 119 -22.04 6.08 13.02
CA LEU A 119 -21.91 5.88 14.47
C LEU A 119 -21.99 7.23 15.15
N LYS A 120 -22.87 7.34 16.14
CA LYS A 120 -22.92 8.50 17.03
C LYS A 120 -22.68 8.03 18.45
N ALA A 121 -21.72 8.66 19.12
CA ALA A 121 -21.43 8.31 20.51
C ALA A 121 -20.76 9.50 21.18
N GLY A 122 -21.36 9.97 22.27
CA GLY A 122 -20.87 11.20 22.88
C GLY A 122 -20.99 12.35 21.89
N LYS A 123 -19.89 13.07 21.72
CA LYS A 123 -19.79 14.11 20.71
C LYS A 123 -19.06 13.64 19.47
N SER A 124 -19.16 12.35 19.14
CA SER A 124 -18.39 11.73 18.09
C SER A 124 -19.30 11.20 17.00
N ARG A 125 -19.07 11.66 15.77
CA ARG A 125 -19.62 11.03 14.57
C ARG A 125 -18.56 10.19 13.87
N PHE A 126 -19.03 9.11 13.25
CA PHE A 126 -18.22 8.31 12.35
C PHE A 126 -19.07 7.95 11.14
N ALA A 127 -18.54 8.21 9.95
CA ALA A 127 -19.23 7.90 8.70
C ALA A 127 -18.47 6.77 8.00
N LEU A 128 -18.79 5.54 8.38
CA LEU A 128 -18.22 4.36 7.78
C LEU A 128 -18.94 4.03 6.48
N GLN A 129 -18.36 3.11 5.71
CA GLN A 129 -18.97 2.65 4.46
C GLN A 129 -19.45 1.22 4.60
N THR A 130 -20.37 0.85 3.71
CA THR A 130 -21.01 -0.45 3.76
C THR A 130 -20.89 -1.14 2.41
N LEU A 131 -21.07 -2.46 2.44
CA LEU A 131 -21.15 -3.29 1.25
C LEU A 131 -22.44 -4.10 1.32
N PRO A 132 -23.04 -4.43 0.17
CA PRO A 132 -24.35 -5.07 0.18
C PRO A 132 -24.33 -6.42 0.90
N ALA A 133 -25.39 -6.67 1.68
CA ALA A 133 -25.50 -7.94 2.39
C ALA A 133 -25.69 -9.11 1.44
N ALA A 134 -26.33 -8.87 0.30
CA ALA A 134 -26.50 -9.94 -0.69
C ALA A 134 -25.17 -10.41 -1.25
N ASP A 135 -24.12 -9.62 -1.12
CA ASP A 135 -22.79 -9.98 -1.60
C ASP A 135 -21.97 -10.71 -0.54
N PHE A 136 -22.46 -10.83 0.69
CA PHE A 136 -21.69 -11.50 1.73
C PHE A 136 -21.77 -13.01 1.56
N PRO A 137 -20.64 -13.71 1.43
CA PRO A 137 -20.69 -15.17 1.25
C PRO A 137 -21.08 -15.89 2.52
N MET A 138 -22.11 -16.72 2.43
CA MET A 138 -22.59 -17.53 3.54
C MET A 138 -22.23 -18.98 3.31
N MET A 139 -21.73 -19.64 4.36
CA MET A 139 -21.41 -21.05 4.27
C MET A 139 -22.68 -21.87 4.09
N ASN A 140 -22.63 -22.85 3.18
CA ASN A 140 -23.75 -23.75 2.94
C ASN A 140 -23.65 -24.90 3.93
N VAL A 141 -24.48 -24.86 4.97
CA VAL A 141 -24.42 -25.84 6.04
C VAL A 141 -25.11 -27.12 5.57
N GLY A 142 -24.39 -28.24 5.67
CA GLY A 142 -24.98 -29.51 5.30
C GLY A 142 -26.12 -29.89 6.23
N GLU A 143 -27.16 -30.49 5.66
CA GLU A 143 -28.34 -30.89 6.41
C GLU A 143 -28.27 -32.33 6.90
N ASP A 144 -27.20 -33.05 6.58
CA ASP A 144 -27.01 -34.42 7.05
C ASP A 144 -26.07 -34.41 8.26
N ILE A 145 -26.58 -34.86 9.40
CA ILE A 145 -25.81 -34.90 10.63
C ILE A 145 -25.49 -36.35 10.95
N SER A 146 -24.20 -36.69 10.96
CA SER A 146 -23.79 -38.06 11.25
C SER A 146 -23.75 -38.35 12.75
N ALA A 147 -23.54 -37.32 13.57
CA ALA A 147 -23.49 -37.49 15.02
C ALA A 147 -23.72 -36.15 15.69
N THR A 148 -24.37 -36.20 16.85
CA THR A 148 -24.59 -35.02 17.69
C THR A 148 -24.33 -35.38 19.13
N PHE A 149 -23.53 -34.57 19.82
CA PHE A 149 -23.28 -34.80 21.23
C PHE A 149 -22.95 -33.47 21.90
N SER A 150 -22.69 -33.52 23.21
CA SER A 150 -22.37 -32.32 23.95
C SER A 150 -21.50 -32.69 25.14
N LEU A 151 -20.71 -31.73 25.61
CA LEU A 151 -19.85 -31.95 26.76
C LEU A 151 -19.49 -30.62 27.39
N GLY A 152 -19.05 -30.68 28.64
CA GLY A 152 -18.70 -29.45 29.35
C GLY A 152 -17.58 -28.71 28.64
N GLN A 153 -17.71 -27.37 28.61
CA GLN A 153 -16.72 -26.56 27.93
C GLN A 153 -15.36 -26.63 28.64
N GLU A 154 -15.36 -26.80 29.96
CA GLU A 154 -14.10 -26.89 30.68
C GLU A 154 -13.31 -28.13 30.27
N ARG A 155 -13.98 -29.29 30.24
CA ARG A 155 -13.32 -30.52 29.84
C ARG A 155 -12.82 -30.45 28.40
N PHE A 156 -13.66 -29.92 27.50
CA PHE A 156 -13.28 -29.83 26.09
C PHE A 156 -12.10 -28.89 25.90
N LYS A 157 -12.11 -27.74 26.59
CA LYS A 157 -10.98 -26.82 26.50
C LYS A 157 -9.72 -27.44 27.08
N THR A 158 -9.85 -28.18 28.18
CA THR A 158 -8.69 -28.85 28.75
C THR A 158 -8.11 -29.86 27.79
N MET A 159 -8.96 -30.65 27.14
CA MET A 159 -8.48 -31.62 26.15
C MET A 159 -7.80 -30.92 24.98
N LEU A 160 -8.40 -29.85 24.48
CA LEU A 160 -7.81 -29.11 23.38
C LEU A 160 -6.44 -28.57 23.75
N SER A 161 -6.32 -28.00 24.95
CA SER A 161 -5.02 -27.52 25.41
C SER A 161 -4.04 -28.67 25.62
N GLN A 162 -4.54 -29.86 25.93
CA GLN A 162 -3.68 -31.02 26.13
C GLN A 162 -3.20 -31.64 24.84
N VAL A 163 -3.85 -31.37 23.71
CA VAL A 163 -3.43 -31.96 22.44
C VAL A 163 -3.01 -30.93 21.39
N GLN A 164 -3.48 -29.68 21.45
CA GLN A 164 -3.22 -28.79 20.32
C GLN A 164 -1.77 -28.35 20.17
N TYR A 165 -0.79 -28.81 20.95
CA TYR A 165 0.60 -28.42 20.75
C TYR A 165 1.40 -29.45 19.97
N SER A 166 0.78 -30.54 19.53
CA SER A 166 1.47 -31.59 18.80
C SER A 166 1.16 -31.60 17.31
N MET A 167 0.33 -30.68 16.83
CA MET A 167 0.04 -30.62 15.41
C MET A 167 1.25 -30.10 14.63
N ALA A 168 1.30 -30.44 13.34
CA ALA A 168 2.33 -29.95 12.44
C ALA A 168 1.78 -28.77 11.66
N VAL A 169 2.45 -27.64 11.75
CA VAL A 169 2.01 -26.43 11.07
C VAL A 169 2.53 -26.49 9.62
N GLN A 170 1.60 -26.65 8.67
CA GLN A 170 1.90 -26.65 7.24
C GLN A 170 2.91 -27.73 6.86
N ASP A 171 2.50 -28.97 7.06
CA ASP A 171 3.24 -30.12 6.57
C ASP A 171 2.70 -30.55 5.21
N ILE A 172 3.57 -31.19 4.42
CA ILE A 172 3.14 -31.69 3.11
C ILE A 172 2.02 -32.72 3.27
N ARG A 173 2.05 -33.51 4.33
CA ARG A 173 0.91 -34.35 4.67
C ARG A 173 -0.14 -33.45 5.31
N TYR A 174 -1.13 -33.03 4.51
CA TYR A 174 -2.08 -32.01 4.97
C TYR A 174 -2.94 -32.51 6.11
N TYR A 175 -3.20 -33.82 6.18
CA TYR A 175 -4.02 -34.34 7.27
C TYR A 175 -3.34 -34.21 8.63
N LEU A 176 -2.02 -34.04 8.65
CA LEU A 176 -1.30 -33.77 9.91
C LEU A 176 -1.15 -32.28 10.16
N ASN A 177 -2.25 -31.53 10.03
CA ASN A 177 -2.23 -30.10 10.32
C ASN A 177 -3.37 -29.78 11.28
N GLY A 178 -4.48 -30.49 11.14
CA GLY A 178 -5.60 -30.34 12.03
C GLY A 178 -5.53 -31.30 13.21
N LEU A 179 -6.64 -31.36 13.94
CA LEU A 179 -6.78 -32.21 15.11
C LEU A 179 -7.83 -33.27 14.80
N LEU A 180 -7.49 -34.54 15.00
CA LEU A 180 -8.43 -35.62 14.78
C LEU A 180 -9.40 -35.65 15.95
N MET A 181 -10.67 -35.37 15.67
CA MET A 181 -11.75 -35.49 16.65
C MET A 181 -12.57 -36.71 16.28
N GLN A 182 -12.60 -37.70 17.17
CA GLN A 182 -13.22 -38.98 16.91
C GLN A 182 -14.21 -39.31 18.02
N VAL A 183 -15.35 -39.89 17.63
CA VAL A 183 -16.38 -40.31 18.57
C VAL A 183 -16.65 -41.79 18.35
N GLU A 184 -16.69 -42.55 19.43
CA GLU A 184 -17.02 -43.97 19.36
C GLU A 184 -17.77 -44.36 20.62
N GLY A 185 -18.99 -44.86 20.46
CA GLY A 185 -19.83 -45.21 21.59
C GLY A 185 -20.10 -44.02 22.48
N SER A 186 -19.52 -44.03 23.68
CA SER A 186 -19.62 -42.92 24.63
C SER A 186 -18.24 -42.35 24.93
N GLN A 187 -17.37 -42.30 23.93
CA GLN A 187 -16.01 -41.83 24.11
C GLN A 187 -15.66 -40.81 23.03
N LEU A 188 -15.07 -39.70 23.46
CA LEU A 188 -14.56 -38.65 22.57
C LEU A 188 -13.05 -38.61 22.70
N ARG A 189 -12.36 -38.58 21.56
CA ARG A 189 -10.91 -38.61 21.52
C ARG A 189 -10.39 -37.50 20.61
N LEU A 190 -9.41 -36.75 21.12
CA LEU A 190 -8.70 -35.74 20.36
C LEU A 190 -7.26 -36.20 20.20
N VAL A 191 -6.82 -36.36 18.96
CA VAL A 191 -5.47 -36.82 18.65
C VAL A 191 -4.79 -35.78 17.77
N ALA A 192 -3.59 -35.38 18.17
CA ALA A 192 -2.78 -34.47 17.36
C ALA A 192 -1.41 -35.08 17.18
N THR A 193 -0.85 -34.92 15.97
CA THR A 193 0.48 -35.43 15.71
C THR A 193 1.15 -34.63 14.60
N ASP A 194 2.40 -34.29 14.86
CA ASP A 194 3.18 -33.61 13.80
C ASP A 194 3.81 -34.74 13.01
N GLY A 195 5.12 -34.87 13.10
CA GLY A 195 5.72 -36.04 12.47
C GLY A 195 6.31 -36.92 13.53
N HIS A 196 6.81 -36.32 14.63
CA HIS A 196 7.48 -37.07 15.47
C HIS A 196 6.78 -37.13 16.69
N ARG A 197 6.03 -36.16 17.01
CA ARG A 197 5.41 -36.42 18.30
C ARG A 197 3.91 -36.63 18.15
N LEU A 198 3.29 -37.13 19.22
CA LEU A 198 1.84 -37.33 19.22
C LEU A 198 1.29 -37.08 20.62
N ALA A 199 0.11 -36.46 20.67
CA ALA A 199 -0.62 -36.24 21.90
C ALA A 199 -2.05 -36.75 21.74
N TYR A 200 -2.56 -37.39 22.79
CA TYR A 200 -3.88 -38.02 22.76
C TYR A 200 -4.62 -37.69 24.04
N ALA A 201 -5.85 -37.21 23.91
CA ALA A 201 -6.72 -36.95 25.05
C ALA A 201 -8.07 -37.61 24.79
N ALA A 202 -8.73 -38.03 25.87
CA ALA A 202 -10.00 -38.71 25.74
C ALA A 202 -10.89 -38.34 26.91
N CYS A 203 -12.19 -38.53 26.71
CA CYS A 203 -13.17 -38.31 27.77
C CYS A 203 -14.44 -39.07 27.42
N ALA A 204 -15.34 -39.14 28.41
CA ALA A 204 -16.64 -39.77 28.22
C ALA A 204 -17.68 -38.73 27.82
N ILE A 205 -18.63 -39.15 26.99
CA ILE A 205 -19.70 -38.29 26.52
C ILE A 205 -21.03 -38.98 26.78
N ASP A 206 -22.08 -38.17 26.90
CA ASP A 206 -23.41 -38.67 27.27
C ASP A 206 -24.22 -38.99 26.01
N ALA A 207 -23.75 -40.00 25.29
CA ALA A 207 -24.41 -40.48 24.09
C ALA A 207 -23.84 -41.84 23.73
N ASP A 208 -24.48 -42.49 22.76
CA ASP A 208 -24.01 -43.75 22.19
C ASP A 208 -23.95 -43.54 20.68
N LEU A 209 -22.81 -43.07 20.19
CA LEU A 209 -22.71 -42.69 18.79
C LEU A 209 -21.81 -43.66 18.02
N PRO A 210 -22.14 -43.95 16.77
CA PRO A 210 -21.24 -44.78 15.95
C PRO A 210 -19.93 -44.06 15.70
N ARG A 211 -18.88 -44.85 15.47
CA ARG A 211 -17.55 -44.28 15.29
C ARG A 211 -17.51 -43.36 14.08
N ALA A 212 -17.16 -42.10 14.32
CA ALA A 212 -16.99 -41.11 13.26
C ALA A 212 -15.79 -40.26 13.61
N GLU A 213 -15.23 -39.57 12.61
CA GLU A 213 -14.06 -38.76 12.85
C GLU A 213 -14.01 -37.62 11.84
N VAL A 214 -13.47 -36.48 12.30
CA VAL A 214 -13.18 -35.33 11.46
C VAL A 214 -11.79 -34.83 11.80
N ILE A 215 -11.23 -34.02 10.90
CA ILE A 215 -9.93 -33.40 11.08
C ILE A 215 -10.16 -31.89 11.11
N LEU A 216 -10.17 -31.32 12.30
CA LEU A 216 -10.41 -29.89 12.44
C LEU A 216 -9.19 -29.10 11.97
N PRO A 217 -9.37 -28.08 11.14
CA PRO A 217 -8.23 -27.23 10.76
C PRO A 217 -7.66 -26.50 11.96
N ARG A 218 -6.38 -26.13 11.87
CA ARG A 218 -5.71 -25.49 13.00
C ARG A 218 -6.37 -24.17 13.38
N LYS A 219 -6.75 -23.36 12.39
CA LYS A 219 -7.44 -22.12 12.70
C LYS A 219 -8.75 -22.38 13.41
N THR A 220 -9.47 -23.43 13.00
CA THR A 220 -10.68 -23.83 13.70
C THR A 220 -10.36 -24.22 15.15
N VAL A 221 -9.25 -24.93 15.36
CA VAL A 221 -8.87 -25.32 16.72
C VAL A 221 -8.63 -24.09 17.58
N LEU A 222 -7.90 -23.11 17.04
CA LEU A 222 -7.60 -21.90 17.82
C LEU A 222 -8.85 -21.08 18.11
N GLU A 223 -9.72 -20.92 17.10
CA GLU A 223 -10.96 -20.17 17.33
C GLU A 223 -11.86 -20.88 18.32
N LEU A 224 -11.92 -22.21 18.25
CA LEU A 224 -12.69 -22.99 19.21
C LEU A 224 -12.12 -22.86 20.62
N PHE A 225 -10.79 -22.78 20.71
CA PHE A 225 -10.15 -22.53 22.01
C PHE A 225 -10.55 -21.17 22.56
N LYS A 226 -10.61 -20.15 21.70
CA LYS A 226 -11.08 -18.84 22.16
C LYS A 226 -12.53 -18.89 22.57
N LEU A 227 -13.35 -19.67 21.85
CA LEU A 227 -14.80 -19.66 22.07
C LEU A 227 -15.19 -20.20 23.45
N LEU A 228 -14.43 -21.16 23.97
CA LEU A 228 -14.79 -21.83 25.22
C LEU A 228 -14.43 -20.93 26.39
N ASN A 229 -15.38 -20.05 26.77
CA ASN A 229 -15.15 -19.11 27.86
C ASN A 229 -16.07 -19.30 29.05
N ASN A 230 -17.05 -20.22 28.99
CA ASN A 230 -17.89 -20.52 30.13
C ASN A 230 -17.56 -21.90 30.65
N PRO A 231 -16.77 -22.01 31.74
CA PRO A 231 -16.36 -23.34 32.20
C PRO A 231 -17.51 -24.25 32.62
N ASP A 232 -18.57 -23.69 33.19
CA ASP A 232 -19.65 -24.51 33.72
C ASP A 232 -20.74 -24.82 32.69
N ASP A 233 -20.83 -24.05 31.62
CA ASP A 233 -21.78 -24.34 30.56
C ASP A 233 -21.23 -25.39 29.61
N PRO A 234 -22.10 -26.10 28.90
CA PRO A 234 -21.65 -27.09 27.92
C PRO A 234 -21.55 -26.51 26.51
N ILE A 235 -20.91 -27.29 25.63
CA ILE A 235 -20.84 -27.01 24.20
C ILE A 235 -21.35 -28.24 23.46
N GLN A 236 -22.10 -28.00 22.40
CA GLN A 236 -22.65 -29.06 21.56
C GLN A 236 -21.86 -29.14 20.26
N ILE A 237 -21.48 -30.35 19.88
CA ILE A 237 -20.73 -30.62 18.66
C ILE A 237 -21.59 -31.49 17.75
N GLU A 238 -21.74 -31.06 16.50
CA GLU A 238 -22.48 -31.80 15.48
C GLU A 238 -21.55 -32.05 14.30
N LEU A 239 -21.46 -33.31 13.88
CA LEU A 239 -20.62 -33.73 12.76
C LEU A 239 -21.51 -33.84 11.53
N LEU A 240 -21.50 -32.80 10.69
CA LEU A 240 -22.23 -32.82 9.43
C LEU A 240 -21.44 -33.65 8.43
N ASP A 241 -21.86 -33.63 7.17
CA ASP A 241 -21.13 -34.34 6.11
C ASP A 241 -19.94 -33.48 5.71
N LYS A 242 -18.77 -33.81 6.28
CA LYS A 242 -17.52 -33.08 6.03
C LYS A 242 -17.62 -31.62 6.46
N GLN A 243 -18.37 -31.36 7.52
CA GLN A 243 -18.40 -30.08 8.21
C GLN A 243 -18.59 -30.34 9.70
N VAL A 244 -18.23 -29.36 10.53
CA VAL A 244 -18.46 -29.46 11.96
C VAL A 244 -19.14 -28.19 12.45
N ARG A 245 -20.14 -28.34 13.31
CA ARG A 245 -20.85 -27.22 13.91
C ARG A 245 -20.72 -27.30 15.43
N PHE A 246 -20.05 -26.31 16.01
CA PHE A 246 -19.96 -26.15 17.46
C PHE A 246 -20.93 -25.05 17.91
N GLN A 247 -21.58 -25.26 19.04
CA GLN A 247 -22.56 -24.30 19.53
C GLN A 247 -22.43 -24.17 21.04
N CYS A 248 -22.23 -22.95 21.51
CA CYS A 248 -22.15 -22.66 22.94
C CYS A 248 -22.13 -21.16 23.16
N ASN A 249 -22.65 -20.75 24.32
CA ASN A 249 -22.65 -19.35 24.74
C ASN A 249 -23.35 -18.45 23.72
N GLY A 250 -24.44 -18.96 23.14
CA GLY A 250 -25.14 -18.20 22.11
C GLY A 250 -24.34 -17.97 20.85
N THR A 251 -23.31 -18.77 20.61
CA THR A 251 -22.42 -18.60 19.49
C THR A 251 -22.33 -19.91 18.72
N THR A 252 -22.37 -19.80 17.38
CA THR A 252 -22.33 -20.95 16.49
C THR A 252 -21.13 -20.81 15.56
N ILE A 253 -20.35 -21.89 15.45
CA ILE A 253 -19.21 -21.99 14.55
C ILE A 253 -19.46 -23.13 13.58
N VAL A 254 -19.34 -22.85 12.29
CA VAL A 254 -19.42 -23.87 11.24
C VAL A 254 -18.08 -23.88 10.52
N SER A 255 -17.48 -25.07 10.41
CA SER A 255 -16.13 -25.17 9.88
C SER A 255 -16.01 -26.31 8.87
N LYS A 256 -15.27 -26.05 7.80
CA LYS A 256 -14.82 -27.08 6.89
C LYS A 256 -13.82 -27.99 7.59
N VAL A 257 -13.64 -29.19 7.03
CA VAL A 257 -12.73 -30.16 7.61
C VAL A 257 -11.65 -30.51 6.59
N ILE A 258 -10.55 -31.05 7.10
CA ILE A 258 -9.49 -31.57 6.25
C ILE A 258 -9.89 -32.93 5.73
N ASP A 259 -9.88 -33.09 4.41
CA ASP A 259 -10.34 -34.32 3.76
C ASP A 259 -9.16 -35.27 3.63
N GLY A 260 -9.17 -36.34 4.39
CA GLY A 260 -8.09 -37.32 4.33
C GLY A 260 -8.21 -38.31 5.47
N LYS A 261 -7.37 -39.35 5.38
CA LYS A 261 -7.33 -40.39 6.39
C LYS A 261 -6.25 -40.08 7.41
N PHE A 262 -6.64 -39.91 8.66
CA PHE A 262 -5.69 -39.66 9.74
C PHE A 262 -4.95 -40.95 10.09
N PRO A 263 -3.68 -40.84 10.49
CA PRO A 263 -2.92 -42.04 10.84
C PRO A 263 -3.52 -42.78 12.04
N ASP A 264 -3.34 -44.09 12.05
CA ASP A 264 -3.82 -44.93 13.15
C ASP A 264 -2.88 -44.76 14.33
N PHE A 265 -3.36 -44.10 15.39
CA PHE A 265 -2.54 -43.80 16.55
C PHE A 265 -2.32 -45.02 17.45
N ASN A 266 -2.97 -46.14 17.17
CA ASN A 266 -2.82 -47.32 18.03
C ASN A 266 -1.45 -47.97 17.85
N ARG A 267 -1.01 -48.13 16.59
CA ARG A 267 0.33 -48.64 16.34
C ARG A 267 1.40 -47.69 16.86
N VAL A 268 1.04 -46.41 17.02
CA VAL A 268 1.96 -45.40 17.54
C VAL A 268 2.35 -45.70 18.99
N ILE A 269 1.38 -45.96 19.84
CA ILE A 269 1.60 -45.92 21.29
C ILE A 269 2.42 -47.15 21.71
N PRO A 270 3.53 -46.98 22.40
CA PRO A 270 4.27 -48.13 22.92
C PRO A 270 3.51 -48.82 24.05
N LEU A 271 3.86 -50.09 24.25
CA LEU A 271 3.14 -50.92 25.22
C LEU A 271 4.05 -51.64 26.22
N ASP A 272 5.37 -51.57 26.08
CA ASP A 272 6.27 -52.36 26.90
C ASP A 272 7.38 -51.54 27.53
N ASN A 273 7.20 -50.21 27.64
CA ASN A 273 8.22 -49.39 28.28
C ASN A 273 8.34 -49.76 29.76
N ASP A 274 9.51 -50.21 30.17
CA ASP A 274 9.71 -50.77 31.50
C ASP A 274 10.31 -49.80 32.50
N LYS A 275 11.15 -48.85 32.06
CA LYS A 275 11.79 -47.92 32.97
C LYS A 275 10.82 -46.79 33.26
N ILE A 276 10.10 -46.88 34.37
CA ILE A 276 9.03 -45.94 34.71
C ILE A 276 9.42 -45.19 35.97
N PHE A 277 9.29 -43.87 35.94
CA PHE A 277 9.47 -43.07 37.15
C PHE A 277 8.63 -41.81 37.06
N VAL A 278 8.16 -41.34 38.21
CA VAL A 278 7.30 -40.17 38.31
C VAL A 278 8.11 -39.04 38.93
N LEU A 279 8.02 -37.85 38.34
CA LEU A 279 8.77 -36.71 38.83
C LEU A 279 7.96 -35.43 38.68
N SER A 280 8.39 -34.40 39.40
CA SER A 280 7.68 -33.12 39.40
C SER A 280 7.72 -32.48 38.02
N ARG A 281 6.54 -32.10 37.53
CA ARG A 281 6.44 -31.47 36.21
C ARG A 281 7.15 -30.12 36.21
N ALA A 282 6.89 -29.29 37.22
CA ALA A 282 7.49 -27.96 37.25
C ALA A 282 9.00 -28.03 37.37
N GLU A 283 9.50 -28.91 38.23
CA GLU A 283 10.95 -29.04 38.41
C GLU A 283 11.63 -29.51 37.13
N LEU A 284 11.06 -30.51 36.46
CA LEU A 284 11.63 -31.00 35.22
C LEU A 284 11.58 -29.94 34.12
N LEU A 285 10.47 -29.19 34.05
CA LEU A 285 10.37 -28.14 33.05
C LEU A 285 11.39 -27.04 33.30
N GLY A 286 11.58 -26.65 34.56
CA GLY A 286 12.60 -25.67 34.87
C GLY A 286 14.00 -26.15 34.55
N ALA A 287 14.28 -27.42 34.84
CA ALA A 287 15.58 -27.99 34.50
C ALA A 287 15.81 -27.97 32.99
N LEU A 288 14.81 -28.36 32.21
CA LEU A 288 14.95 -28.35 30.76
C LEU A 288 15.13 -26.94 30.23
N GLU A 289 14.40 -25.97 30.80
CA GLU A 289 14.57 -24.58 30.38
C GLU A 289 15.97 -24.08 30.70
N ARG A 290 16.52 -24.47 31.85
CA ARG A 290 17.87 -24.05 32.22
C ARG A 290 18.91 -24.65 31.30
N VAL A 291 18.84 -25.97 31.05
CA VAL A 291 19.87 -26.63 30.27
C VAL A 291 19.78 -26.29 28.79
N SER A 292 18.61 -25.87 28.31
CA SER A 292 18.46 -25.51 26.90
C SER A 292 19.16 -24.20 26.56
N ILE A 293 19.56 -23.41 27.56
CA ILE A 293 20.20 -22.13 27.29
C ILE A 293 21.54 -22.34 26.59
N LEU A 294 22.34 -23.30 27.06
CA LEU A 294 23.65 -23.57 26.49
C LEU A 294 23.61 -24.69 25.44
N ALA A 295 22.43 -25.02 24.93
CA ALA A 295 22.31 -25.95 23.82
C ALA A 295 22.38 -25.21 22.49
N ASN A 296 22.58 -25.99 21.42
CA ASN A 296 22.55 -25.41 20.09
C ASN A 296 21.17 -24.81 19.82
N GLU A 297 21.15 -23.60 19.27
CA GLU A 297 19.91 -22.83 19.18
C GLU A 297 19.01 -23.26 18.03
N LYS A 298 19.47 -24.14 17.14
CA LYS A 298 18.69 -24.51 15.97
C LYS A 298 18.04 -25.89 16.08
N PHE A 299 18.75 -26.88 16.61
CA PHE A 299 18.24 -28.25 16.64
C PHE A 299 18.09 -28.82 18.05
N ARG A 300 18.81 -28.31 19.04
CA ARG A 300 18.52 -28.51 20.46
C ARG A 300 18.49 -30.00 20.84
N GLY A 301 19.68 -30.61 20.73
CA GLY A 301 19.85 -31.96 21.24
C GLY A 301 20.04 -31.94 22.75
N ALA A 302 19.22 -32.72 23.46
CA ALA A 302 19.32 -32.82 24.91
C ALA A 302 19.43 -34.29 25.29
N ARG A 303 20.46 -34.64 26.06
CA ARG A 303 20.71 -36.02 26.45
C ARG A 303 20.25 -36.24 27.88
N LEU A 304 19.49 -37.31 28.10
CA LEU A 304 18.99 -37.70 29.41
C LEU A 304 19.72 -38.98 29.82
N PHE A 305 20.37 -38.92 30.98
CA PHE A 305 21.03 -40.07 31.59
C PHE A 305 20.18 -40.51 32.77
N LEU A 306 19.70 -41.75 32.72
CA LEU A 306 18.79 -42.29 33.72
C LEU A 306 19.53 -43.38 34.49
N GLN A 307 19.76 -43.16 35.78
CA GLN A 307 20.39 -44.13 36.65
C GLN A 307 19.57 -44.21 37.93
N PRO A 308 19.69 -45.31 38.69
CA PRO A 308 18.89 -45.44 39.92
C PRO A 308 18.99 -44.24 40.83
N GLY A 309 17.89 -43.52 41.00
CA GLY A 309 17.82 -42.36 41.87
C GLY A 309 18.26 -41.06 41.26
N LEU A 310 18.60 -41.02 39.97
CA LEU A 310 19.08 -39.79 39.37
C LEU A 310 18.71 -39.71 37.89
N LEU A 311 18.25 -38.53 37.48
CA LEU A 311 18.01 -38.20 36.08
C LEU A 311 18.81 -36.94 35.74
N SER A 312 19.70 -37.05 34.76
CA SER A 312 20.56 -35.95 34.38
C SER A 312 20.21 -35.49 32.97
N VAL A 313 20.14 -34.17 32.79
CA VAL A 313 19.90 -33.56 31.49
C VAL A 313 21.13 -32.75 31.11
N VAL A 314 21.68 -33.04 29.93
CA VAL A 314 22.93 -32.43 29.46
C VAL A 314 22.69 -31.85 28.08
N CYS A 315 23.26 -30.67 27.83
CA CYS A 315 23.17 -30.00 26.54
C CYS A 315 24.50 -29.34 26.22
N SER A 316 24.75 -29.16 24.92
CA SER A 316 25.96 -28.51 24.44
C SER A 316 25.64 -27.77 23.14
N ASN A 317 26.55 -26.87 22.77
CA ASN A 317 26.32 -25.99 21.61
C ASN A 317 27.58 -25.94 20.76
N ASN A 318 27.60 -25.01 19.80
CA ASN A 318 28.72 -24.91 18.86
C ASN A 318 30.00 -24.47 19.55
N GLU A 319 29.89 -23.55 20.51
CA GLU A 319 31.04 -22.92 21.13
C GLU A 319 31.69 -23.76 22.22
N GLN A 320 31.48 -25.07 22.20
CA GLN A 320 32.09 -25.99 23.17
C GLN A 320 31.65 -25.68 24.60
N GLU A 321 30.46 -25.12 24.75
CA GLU A 321 29.87 -24.86 26.05
C GLU A 321 28.90 -25.99 26.42
N GLU A 322 28.77 -26.23 27.72
CA GLU A 322 27.96 -27.35 28.19
C GLU A 322 27.17 -26.96 29.42
N ALA A 323 25.93 -27.45 29.49
CA ALA A 323 25.06 -27.26 30.63
C ALA A 323 24.54 -28.62 31.09
N ARG A 324 24.39 -28.77 32.42
CA ARG A 324 24.02 -30.05 32.99
C ARG A 324 23.25 -29.84 34.28
N GLU A 325 22.08 -30.45 34.38
CA GLU A 325 21.29 -30.42 35.60
C GLU A 325 20.93 -31.85 36.00
N GLU A 326 20.67 -32.04 37.30
CA GLU A 326 20.34 -33.35 37.84
C GLU A 326 19.09 -33.23 38.72
N ILE A 327 18.30 -34.31 38.73
CA ILE A 327 17.07 -34.39 39.51
C ILE A 327 17.07 -35.74 40.24
N GLU A 328 16.75 -35.69 41.54
CA GLU A 328 16.59 -36.91 42.31
C GLU A 328 15.20 -37.49 42.08
N ILE A 329 15.15 -38.78 41.71
CA ILE A 329 13.90 -39.43 41.34
C ILE A 329 13.83 -40.79 42.03
N ALA A 330 12.60 -41.30 42.14
CA ALA A 330 12.36 -42.61 42.72
C ALA A 330 12.46 -43.67 41.62
N TYR A 331 13.69 -44.04 41.30
CA TYR A 331 13.97 -44.97 40.23
C TYR A 331 15.01 -45.99 40.69
N GLN A 332 14.83 -47.25 40.27
CA GLN A 332 15.72 -48.32 40.66
C GLN A 332 16.15 -49.22 39.50
N GLY A 333 15.60 -49.03 38.31
CA GLY A 333 15.89 -49.91 37.18
C GLY A 333 17.22 -49.62 36.54
N GLY A 334 17.39 -50.20 35.34
CA GLY A 334 18.64 -50.06 34.63
C GLY A 334 18.86 -48.66 34.07
N GLU A 335 20.12 -48.37 33.77
CA GLU A 335 20.50 -47.09 33.22
C GLU A 335 20.05 -46.97 31.77
N LEU A 336 19.90 -45.73 31.30
CA LEU A 336 19.54 -45.49 29.90
C LEU A 336 19.94 -44.08 29.51
N GLU A 337 20.66 -43.97 28.40
CA GLU A 337 21.03 -42.68 27.81
C GLU A 337 20.21 -42.47 26.55
N VAL A 338 19.40 -41.41 26.54
CA VAL A 338 18.46 -41.19 25.44
C VAL A 338 18.50 -39.71 25.04
N GLY A 339 18.51 -39.46 23.73
CA GLY A 339 18.51 -38.12 23.20
C GLY A 339 17.12 -37.65 22.85
N PHE A 340 16.94 -36.32 22.86
CA PHE A 340 15.63 -35.75 22.56
C PHE A 340 15.79 -34.36 21.95
N ASN A 341 14.76 -33.97 21.19
CA ASN A 341 14.58 -32.58 20.80
C ASN A 341 13.84 -31.89 21.93
N ILE A 342 14.53 -30.97 22.62
CA ILE A 342 14.04 -30.46 23.89
C ILE A 342 12.72 -29.72 23.77
N GLY A 343 12.37 -29.26 22.57
CA GLY A 343 11.08 -28.60 22.39
C GLY A 343 9.91 -29.53 22.66
N TYR A 344 10.01 -30.78 22.19
CA TYR A 344 8.95 -31.76 22.44
C TYR A 344 8.82 -32.04 23.93
N LEU A 345 9.93 -32.13 24.64
CA LEU A 345 9.89 -32.34 26.08
C LEU A 345 9.27 -31.15 26.80
N MET A 346 9.59 -29.93 26.37
CA MET A 346 9.12 -28.75 27.08
C MET A 346 7.65 -28.45 26.80
N ASP A 347 7.15 -28.79 25.60
CA ASP A 347 5.79 -28.43 25.24
C ASP A 347 4.78 -29.12 26.16
N VAL A 348 4.96 -30.41 26.42
CA VAL A 348 4.02 -31.14 27.25
C VAL A 348 4.05 -30.62 28.68
N LEU A 349 5.25 -30.33 29.20
CA LEU A 349 5.37 -29.80 30.55
C LEU A 349 4.76 -28.41 30.66
N ARG A 350 4.77 -27.63 29.57
CA ARG A 350 4.17 -26.31 29.60
C ARG A 350 2.65 -26.38 29.51
N ASN A 351 2.11 -27.29 28.70
CA ASN A 351 0.68 -27.34 28.45
C ASN A 351 -0.10 -28.24 29.41
N ILE A 352 0.59 -28.95 30.29
CA ILE A 352 -0.06 -29.77 31.31
C ILE A 352 0.04 -29.05 32.65
N HIS A 353 -1.05 -29.05 33.41
CA HIS A 353 -1.12 -28.30 34.67
C HIS A 353 -1.19 -29.22 35.89
N SER A 354 -0.65 -30.42 35.77
CA SER A 354 -0.63 -31.37 36.88
C SER A 354 0.69 -31.28 37.63
N ASP A 355 0.67 -31.72 38.89
CA ASP A 355 1.86 -31.63 39.74
C ASP A 355 2.96 -32.58 39.27
N ASP A 356 2.62 -33.84 39.03
CA ASP A 356 3.58 -34.87 38.71
C ASP A 356 3.34 -35.43 37.32
N MET A 357 4.40 -35.95 36.71
CA MET A 357 4.31 -36.61 35.42
C MET A 357 5.10 -37.91 35.46
N GLN A 358 4.54 -38.93 34.82
CA GLN A 358 5.12 -40.27 34.77
C GLN A 358 5.81 -40.46 33.42
N LEU A 359 7.11 -40.74 33.47
CA LEU A 359 7.92 -40.97 32.28
C LEU A 359 8.23 -42.46 32.19
N ALA A 360 7.94 -43.04 31.02
CA ALA A 360 8.19 -44.45 30.76
C ALA A 360 9.11 -44.55 29.55
N PHE A 361 10.24 -45.24 29.74
CA PHE A 361 11.23 -45.45 28.70
C PHE A 361 11.36 -46.94 28.41
N GLY A 362 11.60 -47.27 27.14
CA GLY A 362 11.99 -48.61 26.76
C GLY A 362 13.49 -48.65 26.54
N ASP A 363 13.91 -48.58 25.28
CA ASP A 363 15.30 -48.37 24.93
C ASP A 363 15.45 -47.03 24.21
N ALA A 364 16.69 -46.62 24.02
CA ALA A 364 17.00 -45.31 23.46
C ALA A 364 16.67 -45.19 21.98
N ASN A 365 16.08 -46.21 21.37
CA ASN A 365 15.75 -46.18 19.95
C ASN A 365 14.26 -46.06 19.67
N ARG A 366 13.40 -46.17 20.69
CA ARG A 366 11.97 -46.22 20.45
C ARG A 366 11.19 -45.24 21.32
N SER A 367 9.87 -45.34 21.28
CA SER A 367 9.01 -44.28 21.82
C SER A 367 9.15 -44.17 23.34
N THR A 368 8.97 -42.94 23.83
CA THR A 368 8.93 -42.63 25.25
C THR A 368 7.52 -42.13 25.59
N LEU A 369 6.96 -42.65 26.68
CA LEU A 369 5.57 -42.37 27.03
C LEU A 369 5.51 -41.40 28.21
N PHE A 370 4.79 -40.29 28.02
CA PHE A 370 4.52 -39.33 29.07
C PHE A 370 3.06 -39.44 29.48
N THR A 371 2.81 -39.62 30.78
CA THR A 371 1.45 -39.75 31.28
C THR A 371 1.29 -38.92 32.55
N VAL A 372 0.05 -38.76 32.96
CA VAL A 372 -0.30 -38.10 34.22
C VAL A 372 -0.81 -39.16 35.18
N PRO A 373 -0.21 -39.32 36.36
CA PRO A 373 -0.60 -40.41 37.26
C PRO A 373 -2.07 -40.35 37.62
N ASN A 374 -2.71 -41.53 37.62
CA ASN A 374 -4.14 -41.68 37.88
C ASN A 374 -4.98 -40.87 36.91
N ASN A 375 -4.45 -40.59 35.72
CA ASN A 375 -5.19 -39.92 34.65
C ASN A 375 -5.03 -40.74 33.38
N PRO A 376 -5.89 -41.74 33.18
CA PRO A 376 -5.76 -42.61 32.01
C PRO A 376 -6.20 -41.96 30.71
N ASN A 377 -6.69 -40.73 30.74
CA ASN A 377 -7.26 -40.08 29.57
C ASN A 377 -6.26 -39.24 28.79
N PHE A 378 -5.00 -39.19 29.21
CA PHE A 378 -3.99 -38.38 28.54
C PHE A 378 -2.75 -39.22 28.25
N LYS A 379 -2.27 -39.15 27.01
CA LYS A 379 -1.06 -39.84 26.60
C LYS A 379 -0.24 -38.92 25.70
N TYR A 380 1.08 -39.06 25.78
CA TYR A 380 1.98 -38.23 24.98
C TYR A 380 3.20 -39.06 24.61
N ILE A 381 3.49 -39.16 23.33
CA ILE A 381 4.53 -40.05 22.82
C ILE A 381 5.53 -39.23 22.01
N VAL A 382 6.81 -39.38 22.33
CA VAL A 382 7.91 -38.71 21.64
C VAL A 382 8.93 -39.76 21.21
N MET A 383 9.43 -39.65 19.98
CA MET A 383 10.51 -40.58 19.71
C MET A 383 11.86 -39.86 19.73
N PRO A 384 12.91 -40.55 20.17
CA PRO A 384 14.19 -39.88 20.42
C PRO A 384 14.99 -39.64 19.15
N MET A 385 15.93 -38.71 19.27
CA MET A 385 17.02 -38.55 18.31
C MET A 385 18.29 -39.16 18.90
N ARG A 386 19.12 -39.42 17.90
CA ARG A 386 20.45 -39.90 18.16
C ARG A 386 21.43 -38.67 17.98
N ILE A 387 21.78 -38.25 19.20
CA ILE A 387 22.62 -37.08 19.33
C ILE A 387 24.05 -37.35 19.53
N LEU B 22 37.81 -21.32 42.20
CA LEU B 22 36.66 -20.54 42.65
C LEU B 22 36.97 -19.05 42.65
N ILE B 23 36.14 -18.28 41.95
CA ILE B 23 36.29 -16.83 41.91
C ILE B 23 35.16 -16.09 42.61
N LEU B 24 33.93 -16.60 42.58
CA LEU B 24 32.83 -15.85 43.18
C LEU B 24 31.78 -16.80 43.73
N GLN B 25 31.00 -16.31 44.69
CA GLN B 25 29.85 -17.06 45.21
C GLN B 25 28.87 -16.05 45.81
N ALA B 26 27.64 -16.05 45.30
CA ALA B 26 26.67 -15.04 45.72
C ALA B 26 25.26 -15.50 45.41
N GLU B 27 24.29 -14.73 45.92
CA GLU B 27 22.89 -15.02 45.66
C GLU B 27 22.53 -14.64 44.22
N ARG B 28 21.48 -15.28 43.70
CA ARG B 28 21.11 -15.11 42.29
C ARG B 28 20.82 -13.66 41.94
N ASP B 29 19.94 -13.01 42.71
CA ASP B 29 19.50 -11.67 42.34
C ASP B 29 20.62 -10.65 42.49
N SER B 30 21.52 -10.83 43.46
CA SER B 30 22.64 -9.92 43.63
C SER B 30 23.54 -9.87 42.40
N LEU B 31 23.50 -10.90 41.56
CA LEU B 31 24.20 -10.92 40.28
C LEU B 31 23.29 -10.53 39.12
N LEU B 32 22.03 -10.95 39.17
CA LEU B 32 21.12 -10.71 38.05
C LEU B 32 20.76 -9.24 37.92
N LYS B 33 20.47 -8.57 39.03
CA LYS B 33 20.04 -7.17 38.96
C LYS B 33 21.11 -6.24 38.38
N PRO B 34 22.38 -6.30 38.81
CA PRO B 34 23.37 -5.42 38.16
C PRO B 34 23.53 -5.67 36.67
N LEU B 35 23.38 -6.93 36.24
CA LEU B 35 23.51 -7.23 34.81
C LEU B 35 22.44 -6.55 33.98
N GLN B 36 21.26 -6.31 34.57
CA GLN B 36 20.14 -5.75 33.81
C GLN B 36 20.34 -4.29 33.46
N ALA B 37 21.46 -3.68 33.84
CA ALA B 37 21.85 -2.37 33.36
C ALA B 37 22.77 -2.45 32.13
N PHE B 38 23.00 -3.65 31.60
CA PHE B 38 23.93 -3.89 30.51
C PHE B 38 23.28 -4.76 29.44
N THR B 39 22.07 -4.40 29.02
CA THR B 39 21.38 -5.10 27.95
C THR B 39 21.15 -4.23 26.73
N GLY B 40 20.69 -3.00 26.92
CA GLY B 40 20.48 -2.12 25.78
C GLY B 40 21.79 -1.72 25.11
N ILE B 41 22.82 -1.43 25.90
CA ILE B 41 24.10 -1.02 25.34
C ILE B 41 24.79 -2.19 24.66
N VAL B 42 24.72 -3.37 25.27
CA VAL B 42 25.37 -4.55 24.69
C VAL B 42 24.66 -4.93 23.40
N GLU B 43 25.39 -4.90 22.29
CA GLU B 43 24.85 -5.27 21.00
C GLU B 43 24.94 -6.78 20.85
N ARG B 44 23.79 -7.43 20.66
CA ARG B 44 23.78 -8.89 20.60
C ARG B 44 24.60 -9.42 19.43
N LEU B 45 24.75 -8.63 18.37
CA LEU B 45 25.62 -8.98 17.24
C LEU B 45 26.39 -7.73 16.83
N HIS B 46 27.55 -7.54 17.43
CA HIS B 46 28.49 -6.50 17.04
C HIS B 46 29.65 -7.11 16.25
N THR B 47 30.27 -6.28 15.42
CA THR B 47 31.37 -6.76 14.58
C THR B 47 32.53 -7.27 15.42
N LEU B 48 32.73 -6.70 16.61
CA LEU B 48 33.75 -7.18 17.53
C LEU B 48 33.15 -8.23 18.45
N PRO B 49 33.68 -9.46 18.46
CA PRO B 49 33.04 -10.52 19.28
C PRO B 49 32.99 -10.19 20.76
N ILE B 50 34.06 -9.64 21.33
CA ILE B 50 34.10 -9.39 22.77
C ILE B 50 33.08 -8.33 23.18
N LEU B 51 32.63 -7.50 22.24
CA LEU B 51 31.58 -6.53 22.54
C LEU B 51 30.25 -7.19 22.88
N SER B 52 30.10 -8.48 22.60
CA SER B 52 28.93 -9.22 23.04
C SER B 52 29.05 -9.72 24.47
N ASN B 53 30.17 -9.45 25.13
CA ASN B 53 30.46 -9.97 26.46
C ASN B 53 30.36 -8.86 27.51
N VAL B 54 29.93 -9.27 28.69
CA VAL B 54 29.99 -8.44 29.90
C VAL B 54 31.31 -8.72 30.59
N LEU B 55 31.94 -7.65 31.10
CA LEU B 55 33.20 -7.73 31.82
C LEU B 55 32.93 -7.82 33.32
N ILE B 56 33.51 -8.83 33.96
CA ILE B 56 33.40 -9.02 35.40
C ILE B 56 34.78 -8.85 36.01
N GLU B 57 34.89 -7.96 37.00
CA GLU B 57 36.17 -7.64 37.63
C GLU B 57 36.00 -7.70 39.14
N GLY B 58 36.67 -8.66 39.77
CA GLY B 58 36.69 -8.77 41.22
C GLY B 58 38.00 -8.23 41.77
N ARG B 59 37.88 -7.26 42.68
CA ARG B 59 39.04 -6.58 43.24
C ARG B 59 38.69 -6.10 44.64
N GLY B 60 39.59 -6.34 45.58
CA GLY B 60 39.41 -5.86 46.95
C GLY B 60 38.14 -6.34 47.62
N GLY B 61 37.73 -7.57 47.34
CA GLY B 61 36.49 -8.08 47.88
C GLY B 61 35.24 -7.46 47.32
N GLN B 62 35.33 -6.74 46.20
CA GLN B 62 34.18 -6.10 45.57
C GLN B 62 34.15 -6.44 44.09
N THR B 63 32.96 -6.64 43.56
CA THR B 63 32.77 -7.02 42.17
C THR B 63 32.20 -5.85 41.38
N LYS B 64 32.74 -5.65 40.18
CA LYS B 64 32.29 -4.63 39.25
C LYS B 64 31.88 -5.28 37.94
N LEU B 65 30.73 -4.87 37.42
CA LEU B 65 30.23 -5.33 36.13
C LEU B 65 30.26 -4.18 35.15
N LEU B 66 30.83 -4.43 33.96
CA LEU B 66 31.06 -3.39 32.97
C LEU B 66 30.56 -3.87 31.60
N ALA B 67 30.09 -2.92 30.81
CA ALA B 67 29.71 -3.22 29.43
C ALA B 67 29.84 -1.95 28.60
N THR B 68 30.00 -2.13 27.30
CA THR B 68 30.19 -0.99 26.40
C THR B 68 29.86 -1.41 24.98
N ASP B 69 29.66 -0.39 24.14
CA ASP B 69 29.49 -0.56 22.69
C ASP B 69 30.41 0.39 21.95
N LEU B 70 31.52 0.79 22.58
CA LEU B 70 32.49 1.77 22.11
C LEU B 70 31.91 3.19 22.09
N GLU B 71 30.63 3.36 22.40
CA GLU B 71 29.98 4.66 22.42
C GLU B 71 29.33 4.97 23.77
N ILE B 72 28.70 3.98 24.40
CA ILE B 72 28.15 4.12 25.75
C ILE B 72 28.77 3.03 26.61
N GLN B 73 29.42 3.44 27.70
CA GLN B 73 30.07 2.53 28.62
C GLN B 73 29.39 2.64 29.98
N ILE B 74 28.77 1.55 30.43
CA ILE B 74 28.02 1.53 31.68
C ILE B 74 28.67 0.53 32.63
N ASP B 75 28.89 0.95 33.87
CA ASP B 75 29.48 0.10 34.89
C ASP B 75 28.67 0.23 36.18
N THR B 76 28.73 -0.82 37.00
CA THR B 76 28.05 -0.81 38.28
C THR B 76 28.74 -1.78 39.23
N ALA B 77 28.40 -1.68 40.51
CA ALA B 77 28.92 -2.59 41.51
C ALA B 77 28.06 -3.85 41.57
N GLY B 78 28.71 -5.00 41.76
CA GLY B 78 28.04 -6.26 41.83
C GLY B 78 28.02 -6.82 43.25
N PRO B 79 27.98 -8.14 43.37
CA PRO B 79 28.01 -8.76 44.69
C PRO B 79 29.35 -8.59 45.39
N GLU B 80 29.46 -9.06 46.63
CA GLU B 80 30.68 -8.91 47.41
C GLU B 80 31.33 -10.22 47.81
N GLY B 81 30.64 -11.34 47.72
CA GLY B 81 31.20 -12.62 48.14
C GLY B 81 32.19 -13.20 47.15
N GLY B 82 33.27 -12.48 46.87
CA GLY B 82 34.29 -12.95 45.96
C GLY B 82 35.66 -13.01 46.59
N ALA B 83 36.33 -14.15 46.48
CA ALA B 83 37.65 -14.36 47.08
C ALA B 83 38.70 -14.31 45.98
N GLY B 84 39.48 -13.23 45.97
CA GLY B 84 40.56 -13.08 45.02
C GLY B 84 40.22 -12.08 43.92
N ASP B 85 41.26 -11.63 43.23
CA ASP B 85 41.13 -10.69 42.13
C ASP B 85 41.02 -11.44 40.80
N PHE B 86 40.13 -10.98 39.93
CA PHE B 86 39.93 -11.63 38.64
C PHE B 86 39.37 -10.62 37.65
N ARG B 87 39.64 -10.86 36.37
CA ARG B 87 39.11 -10.04 35.29
C ARG B 87 38.80 -10.96 34.12
N ILE B 88 37.50 -11.12 33.80
CA ILE B 88 37.08 -11.98 32.70
C ILE B 88 35.99 -11.28 31.90
N THR B 89 35.76 -11.78 30.69
CA THR B 89 34.57 -11.37 29.93
C THR B 89 33.81 -12.62 29.52
N THR B 90 32.49 -12.57 29.65
CA THR B 90 31.67 -13.72 29.26
C THR B 90 30.42 -13.23 28.54
N ASN B 91 29.86 -14.09 27.69
CA ASN B 91 28.72 -13.71 26.87
C ASN B 91 27.58 -13.17 27.73
N ALA B 92 27.11 -11.98 27.38
CA ALA B 92 26.12 -11.30 28.22
C ALA B 92 24.78 -12.02 28.19
N LYS B 93 24.29 -12.35 26.99
CA LYS B 93 22.95 -12.92 26.89
C LYS B 93 22.88 -14.30 27.53
N LYS B 94 23.86 -15.16 27.27
CA LYS B 94 23.86 -16.50 27.85
C LYS B 94 23.91 -16.42 29.38
N PHE B 95 24.81 -15.58 29.90
CA PHE B 95 24.97 -15.46 31.35
C PHE B 95 23.71 -14.92 32.00
N GLN B 96 23.11 -13.88 31.41
CA GLN B 96 21.90 -13.29 31.98
C GLN B 96 20.73 -14.26 31.90
N ASP B 97 20.59 -14.98 30.79
CA ASP B 97 19.51 -15.97 30.68
C ASP B 97 19.68 -17.09 31.69
N ILE B 98 20.92 -17.56 31.89
CA ILE B 98 21.18 -18.58 32.89
C ILE B 98 20.81 -18.08 34.27
N LEU B 99 21.22 -16.85 34.60
CA LEU B 99 20.90 -16.29 35.91
C LEU B 99 19.40 -16.16 36.12
N ARG B 100 18.69 -15.63 35.13
CA ARG B 100 17.25 -15.42 35.28
C ARG B 100 16.48 -16.73 35.26
N ALA B 101 17.03 -17.79 34.67
CA ALA B 101 16.36 -19.09 34.68
C ALA B 101 16.51 -19.81 36.01
N LEU B 102 17.44 -19.38 36.86
CA LEU B 102 17.64 -19.98 38.17
C LEU B 102 16.53 -19.57 39.13
N PRO B 103 16.26 -20.38 40.15
CA PRO B 103 15.29 -19.99 41.17
C PRO B 103 15.74 -18.72 41.88
N ALA B 104 14.76 -17.87 42.20
CA ALA B 104 15.04 -16.58 42.84
C ALA B 104 15.37 -16.82 44.31
N GLY B 105 16.66 -16.95 44.61
CA GLY B 105 17.10 -17.19 45.97
C GLY B 105 18.13 -18.30 46.07
N ALA B 106 18.56 -18.81 44.92
CA ALA B 106 19.54 -19.89 44.89
C ALA B 106 20.96 -19.33 44.95
N LEU B 107 21.88 -20.16 45.44
CA LEU B 107 23.28 -19.79 45.50
C LEU B 107 23.97 -20.09 44.17
N VAL B 108 24.85 -19.20 43.75
CA VAL B 108 25.57 -19.30 42.49
C VAL B 108 27.06 -19.24 42.78
N SER B 109 27.80 -20.22 42.27
CA SER B 109 29.25 -20.30 42.44
C SER B 109 29.91 -20.21 41.07
N LEU B 110 30.82 -19.25 40.93
CA LEU B 110 31.59 -19.07 39.70
C LEU B 110 33.02 -19.54 39.95
N ASP B 111 33.44 -20.54 39.18
CA ASP B 111 34.81 -21.05 39.16
C ASP B 111 35.45 -20.69 37.84
N TRP B 112 36.78 -20.56 37.83
CA TRP B 112 37.52 -20.24 36.61
C TRP B 112 38.48 -21.39 36.33
N ASP B 113 38.39 -21.95 35.12
CA ASP B 113 39.26 -23.05 34.69
C ASP B 113 39.73 -22.76 33.28
N ASP B 114 40.98 -22.30 33.15
CA ASP B 114 41.56 -21.93 31.87
C ASP B 114 40.74 -20.84 31.19
N ASN B 115 40.12 -21.18 30.06
CA ASN B 115 39.29 -20.24 29.31
C ASN B 115 37.80 -20.47 29.55
N ARG B 116 37.43 -21.09 30.68
CA ARG B 116 36.06 -21.48 30.94
C ARG B 116 35.61 -20.96 32.31
N LEU B 117 34.34 -20.56 32.37
CA LEU B 117 33.69 -20.15 33.61
C LEU B 117 32.65 -21.20 33.96
N THR B 118 32.77 -21.78 35.16
CA THR B 118 31.85 -22.80 35.63
C THR B 118 30.86 -22.16 36.60
N LEU B 119 29.61 -22.08 36.18
CA LEU B 119 28.51 -21.61 37.02
C LEU B 119 27.83 -22.81 37.64
N LYS B 120 27.71 -22.80 38.97
CA LYS B 120 27.09 -23.90 39.70
C LYS B 120 25.95 -23.34 40.55
N ALA B 121 24.78 -23.98 40.44
CA ALA B 121 23.61 -23.57 41.22
C ALA B 121 22.77 -24.80 41.48
N GLY B 122 22.73 -25.23 42.73
CA GLY B 122 22.06 -26.49 43.05
C GLY B 122 22.74 -27.63 42.34
N LYS B 123 21.96 -28.39 41.56
CA LYS B 123 22.48 -29.47 40.73
C LYS B 123 22.70 -29.02 39.28
N SER B 124 22.86 -27.73 39.05
CA SER B 124 22.97 -27.17 37.71
C SER B 124 24.38 -26.69 37.45
N ARG B 125 24.99 -27.19 36.38
CA ARG B 125 26.29 -26.74 35.90
C ARG B 125 26.15 -26.04 34.56
N PHE B 126 26.95 -24.99 34.37
CA PHE B 126 27.04 -24.29 33.09
C PHE B 126 28.50 -24.00 32.80
N ALA B 127 29.02 -24.53 31.70
CA ALA B 127 30.42 -24.34 31.33
C ALA B 127 30.50 -23.31 30.21
N LEU B 128 30.50 -22.03 30.59
CA LEU B 128 30.61 -20.95 29.64
C LEU B 128 32.05 -20.79 29.18
N GLN B 129 32.22 -20.30 27.95
CA GLN B 129 33.53 -19.92 27.46
C GLN B 129 33.74 -18.43 27.66
N THR B 130 34.95 -18.07 28.09
CA THR B 130 35.27 -16.70 28.44
C THR B 130 36.36 -16.15 27.54
N LEU B 131 36.41 -14.83 27.45
CA LEU B 131 37.44 -14.11 26.73
C LEU B 131 38.28 -13.27 27.70
N PRO B 132 39.56 -13.08 27.38
CA PRO B 132 40.44 -12.32 28.27
C PRO B 132 39.96 -10.88 28.43
N ALA B 133 40.13 -10.34 29.64
CA ALA B 133 39.80 -8.94 29.89
C ALA B 133 40.77 -7.99 29.23
N ALA B 134 41.91 -8.48 28.75
CA ALA B 134 42.86 -7.61 28.06
C ALA B 134 42.29 -7.08 26.76
N ASP B 135 41.43 -7.85 26.10
CA ASP B 135 40.82 -7.43 24.85
C ASP B 135 39.52 -6.64 25.03
N PHE B 136 39.03 -6.51 26.27
CA PHE B 136 37.81 -5.76 26.50
C PHE B 136 38.08 -4.28 26.34
N PRO B 137 37.40 -3.59 25.41
CA PRO B 137 37.71 -2.18 25.18
C PRO B 137 37.06 -1.27 26.20
N MET B 138 37.78 -0.21 26.57
CA MET B 138 37.32 0.78 27.53
C MET B 138 37.35 2.15 26.88
N MET B 139 36.38 2.99 27.23
CA MET B 139 36.38 4.36 26.74
C MET B 139 37.44 5.18 27.46
N ASN B 140 38.28 5.89 26.69
CA ASN B 140 39.28 6.78 27.25
C ASN B 140 38.56 8.02 27.77
N VAL B 141 37.99 7.90 28.96
CA VAL B 141 37.14 8.94 29.52
C VAL B 141 37.95 10.20 29.78
N GLY B 142 37.38 11.34 29.42
CA GLY B 142 38.07 12.60 29.62
C GLY B 142 38.21 12.96 31.08
N GLU B 143 39.16 13.85 31.35
CA GLU B 143 39.48 14.31 32.70
C GLU B 143 39.26 15.81 32.84
N ASP B 144 38.35 16.35 32.03
CA ASP B 144 38.24 17.79 31.84
C ASP B 144 36.85 18.30 32.22
N ILE B 145 36.37 17.91 33.41
CA ILE B 145 35.04 18.28 33.89
C ILE B 145 34.81 19.77 33.75
N SER B 146 33.84 20.16 32.94
CA SER B 146 33.50 21.56 32.73
C SER B 146 32.33 22.03 33.58
N ALA B 147 31.39 21.13 33.89
CA ALA B 147 30.26 21.46 34.73
C ALA B 147 29.78 20.19 35.43
N THR B 148 29.36 20.34 36.69
CA THR B 148 28.82 19.23 37.45
C THR B 148 27.61 19.73 38.24
N PHE B 149 26.52 18.98 38.17
CA PHE B 149 25.33 19.34 38.94
C PHE B 149 24.60 18.05 39.31
N SER B 150 23.49 18.20 40.02
CA SER B 150 22.68 17.06 40.40
C SER B 150 21.23 17.50 40.47
N LEU B 151 20.32 16.54 40.24
CA LEU B 151 18.90 16.86 40.33
C LEU B 151 18.12 15.58 40.62
N GLY B 152 16.90 15.77 41.09
CA GLY B 152 16.03 14.65 41.41
C GLY B 152 15.79 13.73 40.23
N GLN B 153 15.87 12.42 40.48
CA GLN B 153 15.72 11.46 39.40
C GLN B 153 14.32 11.53 38.79
N GLU B 154 13.30 11.72 39.64
CA GLU B 154 11.94 11.85 39.11
C GLU B 154 11.81 13.09 38.24
N ARG B 155 12.38 14.21 38.66
CA ARG B 155 12.31 15.45 37.89
C ARG B 155 12.99 15.29 36.53
N PHE B 156 14.19 14.71 36.54
CA PHE B 156 14.94 14.52 35.30
C PHE B 156 14.23 13.55 34.37
N LYS B 157 13.68 12.47 34.93
CA LYS B 157 12.93 11.51 34.12
C LYS B 157 11.69 12.15 33.53
N THR B 158 11.00 13.00 34.30
CA THR B 158 9.84 13.71 33.78
C THR B 158 10.23 14.62 32.62
N MET B 159 11.34 15.35 32.76
CA MET B 159 11.78 16.22 31.67
C MET B 159 12.14 15.41 30.43
N LEU B 160 12.87 14.31 30.61
CA LEU B 160 13.24 13.47 29.48
C LEU B 160 12.00 12.90 28.78
N SER B 161 11.00 12.48 29.57
CA SER B 161 9.76 12.01 28.96
C SER B 161 9.04 13.14 28.24
N GLN B 162 9.14 14.37 28.74
CA GLN B 162 8.47 15.49 28.12
C GLN B 162 9.13 15.88 26.80
N VAL B 163 10.42 15.61 26.62
CA VAL B 163 11.12 16.07 25.42
C VAL B 163 11.51 14.95 24.46
N GLN B 164 11.47 13.68 24.86
CA GLN B 164 12.10 12.64 24.06
C GLN B 164 11.39 12.41 22.72
N TYR B 165 10.07 12.62 22.66
CA TYR B 165 9.33 12.23 21.47
C TYR B 165 9.58 13.14 20.28
N SER B 166 10.22 14.29 20.47
CA SER B 166 10.47 15.22 19.37
C SER B 166 11.81 15.01 18.69
N MET B 167 12.61 14.05 19.15
CA MET B 167 13.90 13.79 18.53
C MET B 167 13.71 13.21 17.13
N ALA B 168 14.53 13.66 16.20
CA ALA B 168 14.54 13.10 14.86
C ALA B 168 15.22 11.74 14.87
N VAL B 169 14.59 10.75 14.25
CA VAL B 169 15.14 9.40 14.17
C VAL B 169 15.85 9.30 12.82
N GLN B 170 17.19 9.35 12.86
CA GLN B 170 18.03 9.21 11.67
C GLN B 170 17.70 10.27 10.61
N ASP B 171 17.94 11.52 10.99
CA ASP B 171 17.83 12.64 10.07
C ASP B 171 19.17 12.84 9.35
N ILE B 172 19.10 13.59 8.24
CA ILE B 172 20.32 13.91 7.50
C ILE B 172 21.24 14.82 8.30
N ARG B 173 20.72 15.47 9.33
CA ARG B 173 21.51 16.31 10.24
C ARG B 173 21.69 15.53 11.53
N TYR B 174 22.92 15.11 11.80
CA TYR B 174 23.18 14.22 12.93
C TYR B 174 22.91 14.89 14.28
N TYR B 175 22.96 16.23 14.35
CA TYR B 175 22.70 16.89 15.63
C TYR B 175 21.23 16.84 16.01
N LEU B 176 20.33 16.67 15.05
CA LEU B 176 18.91 16.51 15.36
C LEU B 176 18.58 15.10 15.84
N ASN B 177 19.46 14.14 15.62
CA ASN B 177 19.23 12.77 16.08
C ASN B 177 19.64 12.64 17.55
N GLY B 178 19.15 13.54 18.39
CA GLY B 178 19.58 13.55 19.78
C GLY B 178 18.83 14.60 20.56
N LEU B 179 19.26 14.78 21.80
CA LEU B 179 18.59 15.66 22.76
C LEU B 179 19.60 16.66 23.29
N LEU B 180 19.32 17.96 23.12
CA LEU B 180 20.20 18.99 23.62
C LEU B 180 19.96 19.19 25.11
N MET B 181 21.01 19.01 25.90
CA MET B 181 21.00 19.31 27.33
C MET B 181 21.87 20.54 27.55
N GLN B 182 21.27 21.62 28.03
CA GLN B 182 21.93 22.90 28.15
C GLN B 182 21.77 23.43 29.56
N VAL B 183 22.90 23.74 30.20
CA VAL B 183 22.90 24.32 31.54
C VAL B 183 23.39 25.76 31.44
N GLU B 184 22.67 26.67 32.08
CA GLU B 184 23.04 28.07 32.07
C GLU B 184 22.53 28.72 33.35
N GLY B 185 23.43 29.35 34.10
CA GLY B 185 23.05 29.93 35.38
C GLY B 185 22.56 28.83 36.31
N SER B 186 21.32 28.96 36.76
CA SER B 186 20.67 27.95 37.59
C SER B 186 19.57 27.21 36.84
N GLN B 187 19.61 27.21 35.51
CA GLN B 187 18.56 26.61 34.70
C GLN B 187 19.12 25.46 33.87
N LEU B 188 18.44 24.32 33.93
CA LEU B 188 18.71 23.17 33.08
C LEU B 188 17.59 23.04 32.05
N ARG B 189 17.96 22.93 30.78
CA ARG B 189 17.01 22.88 29.68
C ARG B 189 17.26 21.66 28.82
N LEU B 190 16.18 20.99 28.43
CA LEU B 190 16.22 19.89 27.49
C LEU B 190 15.42 20.28 26.25
N VAL B 191 16.05 20.19 25.08
CA VAL B 191 15.44 20.59 23.83
C VAL B 191 15.53 19.43 22.84
N ALA B 192 14.44 19.14 22.16
CA ALA B 192 14.44 18.13 21.11
C ALA B 192 13.65 18.63 19.91
N THR B 193 14.11 18.30 18.72
CA THR B 193 13.45 18.76 17.51
C THR B 193 13.79 17.83 16.36
N ASP B 194 12.88 17.77 15.38
CA ASP B 194 13.09 17.03 14.15
C ASP B 194 12.99 17.89 12.90
N GLY B 195 12.66 19.17 13.06
CA GLY B 195 12.45 20.07 11.95
C GLY B 195 11.01 20.45 11.73
N HIS B 196 10.06 19.61 12.15
CA HIS B 196 8.65 19.91 12.07
C HIS B 196 8.00 20.12 13.43
N ARG B 197 8.73 19.89 14.51
CA ARG B 197 8.22 20.11 15.85
C ARG B 197 9.40 20.32 16.80
N LEU B 198 9.11 20.90 17.96
CA LEU B 198 10.14 21.15 18.96
C LEU B 198 9.52 21.04 20.34
N ALA B 199 10.18 20.29 21.22
CA ALA B 199 9.78 20.15 22.61
C ALA B 199 10.88 20.74 23.49
N TYR B 200 10.48 21.62 24.41
CA TYR B 200 11.39 22.30 25.31
C TYR B 200 10.93 22.12 26.74
N ALA B 201 11.83 21.68 27.61
CA ALA B 201 11.56 21.54 29.03
C ALA B 201 12.67 22.22 29.81
N ALA B 202 12.34 22.71 31.00
CA ALA B 202 13.32 23.43 31.81
C ALA B 202 13.02 23.17 33.28
N CYS B 203 14.06 23.35 34.09
CA CYS B 203 13.92 23.23 35.54
C CYS B 203 15.03 24.02 36.21
N ALA B 204 14.82 24.27 37.50
CA ALA B 204 15.81 24.97 38.32
C ALA B 204 16.74 23.97 38.98
N ILE B 205 18.04 24.19 38.83
CA ILE B 205 19.07 23.34 39.42
C ILE B 205 19.81 24.16 40.47
N ASP B 206 20.07 23.54 41.63
CA ASP B 206 20.70 24.23 42.74
C ASP B 206 22.19 24.43 42.49
N ALA B 207 22.53 25.24 41.49
CA ALA B 207 23.92 25.50 41.14
C ALA B 207 23.98 26.71 40.23
N ASP B 208 25.19 27.27 40.12
CA ASP B 208 25.48 28.36 39.20
C ASP B 208 26.61 27.90 38.29
N LEU B 209 26.29 27.66 37.03
CA LEU B 209 27.23 27.04 36.10
C LEU B 209 27.41 27.90 34.86
N PRO B 210 28.60 27.87 34.25
CA PRO B 210 28.77 28.53 32.96
C PRO B 210 27.93 27.85 31.89
N ARG B 211 27.51 28.62 30.90
CA ARG B 211 26.64 28.09 29.86
C ARG B 211 27.34 26.98 29.08
N ALA B 212 26.87 25.75 29.26
CA ALA B 212 27.40 24.60 28.54
C ALA B 212 26.24 23.85 27.93
N GLU B 213 26.55 23.06 26.89
CA GLU B 213 25.52 22.30 26.21
C GLU B 213 26.13 21.07 25.55
N VAL B 214 25.38 19.97 25.58
CA VAL B 214 25.76 18.72 24.94
C VAL B 214 24.57 18.20 24.16
N ILE B 215 24.84 17.29 23.23
CA ILE B 215 23.81 16.65 22.42
C ILE B 215 23.87 15.16 22.73
N LEU B 216 23.05 14.72 23.67
CA LEU B 216 22.99 13.30 24.03
C LEU B 216 22.43 12.50 22.86
N PRO B 217 23.08 11.41 22.46
CA PRO B 217 22.53 10.56 21.41
C PRO B 217 21.27 9.84 21.90
N ARG B 218 20.49 9.36 20.93
CA ARG B 218 19.22 8.72 21.25
C ARG B 218 19.41 7.48 22.12
N LYS B 219 20.43 6.67 21.81
CA LYS B 219 20.70 5.49 22.63
C LYS B 219 21.02 5.88 24.06
N THR B 220 21.81 6.95 24.24
CA THR B 220 22.10 7.46 25.58
C THR B 220 20.82 7.90 26.27
N VAL B 221 19.92 8.56 25.53
CA VAL B 221 18.66 9.01 26.11
C VAL B 221 17.84 7.82 26.60
N LEU B 222 17.75 6.76 25.79
CA LEU B 222 16.96 5.59 26.18
C LEU B 222 17.58 4.87 27.37
N GLU B 223 18.91 4.69 27.37
CA GLU B 223 19.55 4.02 28.49
C GLU B 223 19.42 4.83 29.77
N LEU B 224 19.55 6.15 29.67
CA LEU B 224 19.35 7.03 30.82
C LEU B 224 17.92 6.97 31.31
N PHE B 225 16.97 6.86 30.38
CA PHE B 225 15.57 6.69 30.75
C PHE B 225 15.36 5.41 31.55
N LYS B 226 15.99 4.33 31.12
CA LYS B 226 15.92 3.07 31.88
C LYS B 226 16.58 3.21 33.24
N LEU B 227 17.69 3.95 33.31
CA LEU B 227 18.48 4.01 34.54
C LEU B 227 17.71 4.65 35.69
N LEU B 228 16.97 5.73 35.41
CA LEU B 228 16.34 6.50 36.47
C LEU B 228 15.19 5.76 37.12
N ASN B 229 15.49 4.91 38.11
CA ASN B 229 14.47 4.11 38.78
C ASN B 229 14.34 4.38 40.27
N ASN B 230 15.11 5.32 40.82
CA ASN B 230 15.01 5.74 42.22
C ASN B 230 14.45 7.15 42.25
N PRO B 231 13.13 7.33 42.23
CA PRO B 231 12.56 8.68 42.10
C PRO B 231 12.90 9.61 43.24
N ASP B 232 13.24 9.09 44.42
CA ASP B 232 13.55 9.94 45.56
C ASP B 232 15.01 10.36 45.62
N ASP B 233 15.92 9.52 45.10
CA ASP B 233 17.33 9.83 45.10
C ASP B 233 17.68 10.76 43.93
N PRO B 234 18.77 11.50 44.05
CA PRO B 234 19.21 12.37 42.95
C PRO B 234 20.20 11.66 42.03
N ILE B 235 20.44 12.29 40.87
CA ILE B 235 21.42 11.84 39.90
C ILE B 235 22.38 12.99 39.65
N GLN B 236 23.67 12.67 39.57
CA GLN B 236 24.72 13.64 39.28
C GLN B 236 25.07 13.57 37.80
N ILE B 237 25.18 14.74 37.17
CA ILE B 237 25.52 14.86 35.75
C ILE B 237 26.80 15.68 35.65
N GLU B 238 27.78 15.15 34.91
CA GLU B 238 29.05 15.81 34.68
C GLU B 238 29.30 15.94 33.19
N LEU B 239 29.62 17.15 32.74
CA LEU B 239 29.93 17.43 31.34
C LEU B 239 31.44 17.41 31.15
N LEU B 240 31.89 16.74 30.09
CA LEU B 240 33.32 16.52 29.89
C LEU B 240 33.76 17.02 28.51
N ASP B 241 35.01 16.69 28.14
CA ASP B 241 35.50 16.96 26.80
C ASP B 241 34.86 15.99 25.82
N LYS B 242 33.76 16.43 25.20
CA LYS B 242 32.98 15.59 24.27
C LYS B 242 32.48 14.31 24.94
N GLN B 243 32.11 14.42 26.22
CA GLN B 243 31.58 13.28 26.97
C GLN B 243 30.63 13.78 28.04
N VAL B 244 29.68 12.91 28.41
CA VAL B 244 28.79 13.15 29.54
C VAL B 244 28.79 11.91 30.43
N ARG B 245 28.87 12.13 31.74
CA ARG B 245 28.85 11.05 32.71
C ARG B 245 27.68 11.25 33.67
N PHE B 246 26.83 10.24 33.78
CA PHE B 246 25.72 10.23 34.71
C PHE B 246 26.01 9.21 35.81
N GLN B 247 25.85 9.63 37.06
CA GLN B 247 26.12 8.76 38.21
C GLN B 247 24.91 8.77 39.13
N CYS B 248 24.38 7.57 39.42
CA CYS B 248 23.31 7.42 40.40
C CYS B 248 23.04 5.94 40.63
N ASN B 249 22.54 5.62 41.82
CA ASN B 249 22.17 4.26 42.20
C ASN B 249 23.35 3.29 42.10
N GLY B 250 24.55 3.78 42.38
CA GLY B 250 25.73 2.95 42.24
C GLY B 250 26.06 2.57 40.81
N THR B 251 25.50 3.27 39.84
CA THR B 251 25.71 2.99 38.43
C THR B 251 26.25 4.23 37.74
N THR B 252 27.26 4.03 36.89
CA THR B 252 27.91 5.10 36.15
C THR B 252 27.79 4.84 34.65
N ILE B 253 27.34 5.86 33.92
CA ILE B 253 27.19 5.79 32.46
C ILE B 253 28.05 6.89 31.85
N VAL B 254 28.88 6.53 30.89
CA VAL B 254 29.70 7.49 30.15
C VAL B 254 29.31 7.39 28.68
N SER B 255 29.02 8.55 28.08
CA SER B 255 28.56 8.54 26.69
C SER B 255 29.20 9.69 25.91
N LYS B 256 29.60 9.39 24.69
CA LYS B 256 30.05 10.42 23.77
C LYS B 256 28.87 11.29 23.35
N VAL B 257 29.16 12.53 22.99
CA VAL B 257 28.13 13.48 22.58
C VAL B 257 28.11 13.55 21.06
N ILE B 258 26.95 13.91 20.52
CA ILE B 258 26.82 14.19 19.09
C ILE B 258 27.41 15.57 18.87
N ASP B 259 28.58 15.63 18.23
CA ASP B 259 29.24 16.90 17.99
C ASP B 259 28.42 17.74 17.02
N GLY B 260 28.55 19.05 17.18
CA GLY B 260 27.86 19.99 16.34
C GLY B 260 27.03 20.96 17.15
N LYS B 261 26.32 21.81 16.43
CA LYS B 261 25.55 22.89 17.02
C LYS B 261 24.05 22.60 16.96
N PHE B 262 23.40 22.67 18.11
CA PHE B 262 21.96 22.59 18.12
C PHE B 262 21.34 23.91 17.67
N PRO B 263 20.20 23.85 16.99
CA PRO B 263 19.51 25.09 16.61
C PRO B 263 19.15 25.93 17.82
N ASP B 264 19.24 27.25 17.66
CA ASP B 264 18.90 28.18 18.74
C ASP B 264 17.40 28.09 19.00
N PHE B 265 17.03 27.45 20.10
CA PHE B 265 15.62 27.18 20.39
C PHE B 265 14.81 28.45 20.65
N ASN B 266 15.46 29.59 20.89
CA ASN B 266 14.72 30.81 21.19
C ASN B 266 13.98 31.35 19.97
N ARG B 267 14.56 31.18 18.78
CA ARG B 267 13.87 31.62 17.57
C ARG B 267 12.62 30.79 17.31
N VAL B 268 12.65 29.51 17.68
CA VAL B 268 11.58 28.58 17.30
C VAL B 268 10.28 28.92 18.00
N ILE B 269 10.36 29.32 19.27
CA ILE B 269 9.16 29.51 20.09
C ILE B 269 8.39 30.74 19.63
N PRO B 270 7.13 30.60 19.23
CA PRO B 270 6.35 31.77 18.83
C PRO B 270 5.95 32.62 20.02
N LEU B 271 5.81 33.92 19.77
CA LEU B 271 5.47 34.88 20.82
C LEU B 271 4.27 35.74 20.46
N ASP B 272 3.55 35.43 19.39
CA ASP B 272 2.42 36.25 18.95
C ASP B 272 1.15 35.45 18.73
N ASN B 273 1.12 34.19 19.12
CA ASN B 273 -0.09 33.36 18.96
C ASN B 273 -1.13 33.83 19.95
N ASP B 274 -2.08 34.64 19.48
CA ASP B 274 -3.07 35.27 20.34
C ASP B 274 -4.33 34.43 20.52
N LYS B 275 -4.56 33.42 19.69
CA LYS B 275 -5.76 32.59 19.82
C LYS B 275 -5.47 31.51 20.85
N ILE B 276 -5.75 31.82 22.12
CA ILE B 276 -5.36 30.97 23.24
C ILE B 276 -6.60 30.39 23.89
N PHE B 277 -6.57 29.09 24.18
CA PHE B 277 -7.65 28.46 24.93
C PHE B 277 -7.12 27.22 25.63
N VAL B 278 -7.69 26.91 26.79
CA VAL B 278 -7.28 25.77 27.60
C VAL B 278 -8.38 24.72 27.54
N LEU B 279 -7.97 23.46 27.38
CA LEU B 279 -8.94 22.37 27.33
C LEU B 279 -8.33 21.12 27.96
N SER B 280 -9.22 20.19 28.33
CA SER B 280 -8.77 18.94 28.95
C SER B 280 -7.88 18.16 28.02
N ARG B 281 -6.74 17.71 28.53
CA ARG B 281 -5.81 16.94 27.71
C ARG B 281 -6.36 15.55 27.42
N ALA B 282 -6.99 14.91 28.40
CA ALA B 282 -7.57 13.59 28.18
C ALA B 282 -8.68 13.65 27.14
N GLU B 283 -9.52 14.69 27.19
CA GLU B 283 -10.60 14.83 26.23
C GLU B 283 -10.07 14.94 24.81
N LEU B 284 -9.07 15.79 24.60
CA LEU B 284 -8.52 15.97 23.26
C LEU B 284 -7.78 14.72 22.79
N LEU B 285 -7.05 14.05 23.70
CA LEU B 285 -6.37 12.82 23.32
C LEU B 285 -7.36 11.74 22.90
N GLY B 286 -8.46 11.59 23.65
CA GLY B 286 -9.48 10.64 23.25
C GLY B 286 -10.12 10.99 21.93
N ALA B 287 -10.38 12.29 21.72
CA ALA B 287 -10.96 12.73 20.45
C ALA B 287 -10.04 12.39 19.28
N LEU B 288 -8.75 12.68 19.43
CA LEU B 288 -7.80 12.40 18.36
C LEU B 288 -7.66 10.90 18.11
N GLU B 289 -7.62 10.10 19.19
CA GLU B 289 -7.53 8.66 19.02
C GLU B 289 -8.76 8.11 18.32
N ARG B 290 -9.94 8.65 18.62
CA ARG B 290 -11.16 8.19 17.96
C ARG B 290 -11.17 8.60 16.49
N VAL B 291 -10.77 9.84 16.18
CA VAL B 291 -10.89 10.30 14.79
C VAL B 291 -9.74 9.82 13.90
N SER B 292 -8.61 9.42 14.48
CA SER B 292 -7.50 8.92 13.66
C SER B 292 -7.85 7.63 12.94
N ILE B 293 -8.86 6.89 13.43
CA ILE B 293 -9.22 5.62 12.82
C ILE B 293 -9.70 5.83 11.38
N LEU B 294 -10.36 6.96 11.11
CA LEU B 294 -10.85 7.28 9.78
C LEU B 294 -10.03 8.36 9.11
N ALA B 295 -8.72 8.37 9.35
CA ALA B 295 -7.82 9.33 8.73
C ALA B 295 -7.11 8.69 7.55
N ASN B 296 -6.68 9.52 6.59
CA ASN B 296 -5.94 9.02 5.44
C ASN B 296 -4.63 8.41 5.90
N GLU B 297 -4.26 7.29 5.27
CA GLU B 297 -3.17 6.47 5.80
C GLU B 297 -1.79 7.00 5.41
N LYS B 298 -1.65 7.58 4.22
CA LYS B 298 -0.34 8.14 3.84
C LYS B 298 -0.04 9.44 4.56
N PHE B 299 -1.03 10.33 4.65
CA PHE B 299 -0.80 11.67 5.16
C PHE B 299 -1.09 11.82 6.65
N ARG B 300 -2.04 11.06 7.19
CA ARG B 300 -2.32 11.03 8.62
C ARG B 300 -2.63 12.43 9.16
N GLY B 301 -3.34 13.23 8.37
CA GLY B 301 -3.66 14.58 8.76
C GLY B 301 -4.98 14.68 9.51
N ALA B 302 -5.09 15.71 10.34
CA ALA B 302 -6.32 16.01 11.06
C ALA B 302 -6.53 17.51 11.02
N ARG B 303 -7.77 17.93 10.76
CA ARG B 303 -8.09 19.35 10.69
C ARG B 303 -8.80 19.79 11.96
N LEU B 304 -8.26 20.83 12.59
CA LEU B 304 -8.83 21.47 13.76
C LEU B 304 -9.58 22.73 13.30
N PHE B 305 -10.85 22.80 13.65
CA PHE B 305 -11.71 23.96 13.39
C PHE B 305 -11.93 24.66 14.72
N LEU B 306 -11.33 25.83 14.88
CA LEU B 306 -11.42 26.62 16.10
C LEU B 306 -12.40 27.76 15.87
N GLN B 307 -13.50 27.77 16.63
CA GLN B 307 -14.47 28.84 16.56
C GLN B 307 -14.91 29.16 17.98
N PRO B 308 -15.49 30.35 18.21
CA PRO B 308 -15.86 30.72 19.58
C PRO B 308 -16.71 29.67 20.27
N GLY B 309 -16.15 29.04 21.30
CA GLY B 309 -16.85 28.05 22.08
C GLY B 309 -16.74 26.61 21.60
N LEU B 310 -16.14 26.38 20.43
CA LEU B 310 -16.12 25.03 19.87
C LEU B 310 -14.78 24.74 19.20
N LEU B 311 -14.29 23.51 19.41
CA LEU B 311 -13.14 23.00 18.68
C LEU B 311 -13.51 21.67 18.06
N SER B 312 -13.37 21.56 16.74
CA SER B 312 -13.76 20.36 16.01
C SER B 312 -12.53 19.67 15.44
N VAL B 313 -12.43 18.37 15.69
CA VAL B 313 -11.36 17.53 15.13
C VAL B 313 -11.99 16.68 14.03
N VAL B 314 -11.50 16.83 12.80
CA VAL B 314 -12.05 16.16 11.64
C VAL B 314 -10.96 15.38 10.92
N CYS B 315 -11.29 14.15 10.52
CA CYS B 315 -10.41 13.32 9.71
C CYS B 315 -11.23 12.68 8.60
N SER B 316 -10.57 12.42 7.47
CA SER B 316 -11.22 11.78 6.34
C SER B 316 -10.17 11.00 5.55
N ASN B 317 -10.61 9.91 4.92
CA ASN B 317 -9.71 8.98 4.25
C ASN B 317 -10.09 8.86 2.77
N ASN B 318 -9.42 7.93 2.08
CA ASN B 318 -9.65 7.73 0.65
C ASN B 318 -11.03 7.16 0.37
N GLU B 319 -11.55 6.32 1.26
CA GLU B 319 -12.79 5.59 1.04
C GLU B 319 -14.03 6.44 1.25
N GLN B 320 -13.90 7.77 1.26
CA GLN B 320 -15.03 8.69 1.48
C GLN B 320 -15.67 8.44 2.84
N GLU B 321 -14.84 8.28 3.87
CA GLU B 321 -15.27 8.17 5.25
C GLU B 321 -14.76 9.37 6.05
N GLU B 322 -15.57 9.82 7.00
CA GLU B 322 -15.22 10.99 7.80
C GLU B 322 -15.54 10.74 9.26
N ALA B 323 -14.59 11.07 10.12
CA ALA B 323 -14.77 11.06 11.57
C ALA B 323 -14.66 12.48 12.09
N ARG B 324 -15.52 12.81 13.06
CA ARG B 324 -15.61 14.18 13.55
C ARG B 324 -15.99 14.16 15.01
N GLU B 325 -15.16 14.79 15.86
CA GLU B 325 -15.49 14.99 17.26
C GLU B 325 -15.45 16.47 17.60
N GLU B 326 -16.29 16.88 18.53
CA GLU B 326 -16.40 18.28 18.91
C GLU B 326 -16.22 18.44 20.41
N ILE B 327 -15.52 19.50 20.80
CA ILE B 327 -15.14 19.75 22.19
C ILE B 327 -15.57 21.17 22.55
N GLU B 328 -16.30 21.28 23.66
CA GLU B 328 -16.61 22.59 24.23
C GLU B 328 -15.34 23.23 24.79
N ILE B 329 -15.11 24.48 24.43
CA ILE B 329 -13.91 25.19 24.87
C ILE B 329 -14.31 26.58 25.37
N ALA B 330 -13.58 27.05 26.38
CA ALA B 330 -13.70 28.42 26.85
C ALA B 330 -12.83 29.30 25.97
N TYR B 331 -13.34 29.61 24.79
CA TYR B 331 -12.61 30.39 23.79
C TYR B 331 -13.49 31.52 23.28
N GLN B 332 -12.83 32.59 22.85
CA GLN B 332 -13.51 33.85 22.57
C GLN B 332 -13.20 34.40 21.18
N GLY B 333 -11.97 34.17 20.72
CA GLY B 333 -11.43 34.89 19.58
C GLY B 333 -11.92 34.40 18.23
N GLY B 334 -11.21 34.84 17.19
CA GLY B 334 -11.64 34.56 15.84
C GLY B 334 -11.42 33.12 15.42
N GLU B 335 -12.08 32.74 14.33
CA GLU B 335 -12.03 31.37 13.84
C GLU B 335 -10.68 31.06 13.20
N LEU B 336 -10.40 29.76 13.06
CA LEU B 336 -9.17 29.30 12.43
C LEU B 336 -9.28 27.83 12.03
N GLU B 337 -9.02 27.51 10.77
CA GLU B 337 -8.93 26.13 10.33
C GLU B 337 -7.46 25.78 10.11
N VAL B 338 -7.01 24.71 10.74
CA VAL B 338 -5.58 24.41 10.73
C VAL B 338 -5.38 22.90 10.69
N GLY B 339 -4.48 22.44 9.82
CA GLY B 339 -4.18 21.03 9.69
C GLY B 339 -2.96 20.65 10.50
N PHE B 340 -2.96 19.43 11.03
CA PHE B 340 -1.87 18.95 11.86
C PHE B 340 -1.59 17.48 11.56
N ASN B 341 -0.32 17.10 11.68
CA ASN B 341 0.07 15.69 11.63
C ASN B 341 -0.30 15.07 12.96
N ILE B 342 -1.24 14.12 12.94
CA ILE B 342 -1.92 13.69 14.17
C ILE B 342 -0.94 13.02 15.13
N GLY B 343 0.12 12.39 14.60
CA GLY B 343 1.12 11.81 15.47
C GLY B 343 1.79 12.84 16.36
N TYR B 344 2.08 14.01 15.79
CA TYR B 344 2.70 15.09 16.57
C TYR B 344 1.80 15.50 17.74
N LEU B 345 0.50 15.62 17.49
CA LEU B 345 -0.43 16.00 18.54
C LEU B 345 -0.53 14.92 19.62
N MET B 346 -0.67 13.66 19.19
CA MET B 346 -0.85 12.60 20.17
C MET B 346 0.42 12.37 20.98
N ASP B 347 1.60 12.66 20.43
CA ASP B 347 2.83 12.51 21.19
C ASP B 347 2.81 13.39 22.44
N VAL B 348 2.50 14.68 22.26
CA VAL B 348 2.47 15.58 23.42
C VAL B 348 1.27 15.27 24.30
N LEU B 349 0.13 14.89 23.72
CA LEU B 349 -1.02 14.57 24.56
C LEU B 349 -0.80 13.32 25.39
N ARG B 350 0.08 12.42 24.97
CA ARG B 350 0.36 11.20 25.75
C ARG B 350 1.51 11.40 26.73
N ASN B 351 2.58 12.07 26.33
CA ASN B 351 3.77 12.15 27.18
C ASN B 351 3.69 13.26 28.22
N ILE B 352 2.64 14.06 28.22
CA ILE B 352 2.37 15.03 29.29
C ILE B 352 1.26 14.49 30.16
N HIS B 353 1.49 14.46 31.47
CA HIS B 353 0.52 13.91 32.41
C HIS B 353 -0.20 15.00 33.20
N SER B 354 -0.42 16.16 32.58
CA SER B 354 -1.25 17.20 33.18
C SER B 354 -2.72 16.97 32.85
N ASP B 355 -3.59 17.59 33.65
CA ASP B 355 -5.02 17.46 33.41
C ASP B 355 -5.48 18.32 32.24
N ASP B 356 -4.87 19.50 32.06
CA ASP B 356 -5.30 20.46 31.06
C ASP B 356 -4.11 20.89 30.22
N MET B 357 -4.39 21.35 29.00
CA MET B 357 -3.37 21.86 28.10
C MET B 357 -3.85 23.16 27.48
N GLN B 358 -2.91 24.08 27.28
CA GLN B 358 -3.17 25.40 26.74
C GLN B 358 -2.67 25.43 25.29
N LEU B 359 -3.58 25.77 24.37
CA LEU B 359 -3.29 25.84 22.96
C LEU B 359 -3.22 27.30 22.55
N ALA B 360 -2.13 27.69 21.88
CA ALA B 360 -1.95 29.04 21.38
C ALA B 360 -1.76 28.99 19.88
N PHE B 361 -2.68 29.60 19.14
CA PHE B 361 -2.69 29.60 17.69
C PHE B 361 -2.42 31.00 17.15
N GLY B 362 -1.66 31.05 16.06
CA GLY B 362 -1.48 32.28 15.31
C GLY B 362 -2.43 32.31 14.12
N ASP B 363 -1.91 32.06 12.92
CA ASP B 363 -2.73 31.89 11.73
C ASP B 363 -2.44 30.53 11.10
N ALA B 364 -3.11 30.27 9.98
CA ALA B 364 -3.19 28.92 9.44
C ALA B 364 -1.83 28.37 9.00
N ASN B 365 -0.90 29.22 8.62
CA ASN B 365 0.38 28.79 8.09
C ASN B 365 1.55 29.15 9.01
N ARG B 366 1.30 29.20 10.32
CA ARG B 366 2.36 29.50 11.28
C ARG B 366 2.23 28.58 12.48
N SER B 367 3.26 28.60 13.32
CA SER B 367 3.42 27.62 14.38
C SER B 367 2.31 27.71 15.41
N THR B 368 2.12 26.62 16.15
CA THR B 368 1.17 26.53 17.24
C THR B 368 1.91 26.10 18.50
N LEU B 369 1.58 26.75 19.62
CA LEU B 369 2.27 26.51 20.88
C LEU B 369 1.39 25.68 21.80
N PHE B 370 1.97 24.62 22.37
CA PHE B 370 1.31 23.75 23.32
C PHE B 370 1.99 23.89 24.67
N THR B 371 1.24 24.28 25.69
CA THR B 371 1.82 24.53 27.01
C THR B 371 0.95 23.91 28.08
N VAL B 372 1.48 23.88 29.30
CA VAL B 372 0.73 23.49 30.49
C VAL B 372 0.32 24.77 31.21
N PRO B 373 -0.96 24.97 31.49
CA PRO B 373 -1.39 26.23 32.11
C PRO B 373 -0.67 26.49 33.43
N ASN B 374 -0.24 27.74 33.60
CA ASN B 374 0.51 28.17 34.77
C ASN B 374 1.81 27.37 34.95
N ASN B 375 2.38 26.90 33.84
CA ASN B 375 3.66 26.18 33.87
C ASN B 375 4.54 26.72 32.75
N PRO B 376 5.43 27.68 33.05
CA PRO B 376 6.31 28.22 32.01
C PRO B 376 7.43 27.27 31.61
N ASN B 377 7.64 26.18 32.33
CA ASN B 377 8.81 25.33 32.15
C ASN B 377 8.63 24.26 31.08
N PHE B 378 7.49 24.21 30.40
CA PHE B 378 7.30 23.29 29.28
C PHE B 378 6.68 24.02 28.10
N LYS B 379 7.27 23.84 26.92
CA LYS B 379 6.74 24.41 25.69
C LYS B 379 6.83 23.37 24.59
N TYR B 380 5.89 23.45 23.64
CA TYR B 380 5.83 22.50 22.54
C TYR B 380 5.29 23.21 21.31
N ILE B 381 6.04 23.16 20.21
CA ILE B 381 5.73 23.90 19.00
C ILE B 381 5.61 22.90 17.85
N VAL B 382 4.53 23.02 17.08
CA VAL B 382 4.28 22.20 15.91
C VAL B 382 3.94 23.09 14.73
N MET B 383 4.60 22.84 13.55
CA MET B 383 3.98 23.59 12.47
C MET B 383 2.83 22.82 11.86
N PRO B 384 1.85 23.54 11.34
CA PRO B 384 0.73 22.90 10.66
C PRO B 384 1.14 22.37 9.29
N MET B 385 0.26 21.55 8.73
CA MET B 385 0.37 21.07 7.36
C MET B 385 -0.86 21.49 6.58
N ARG B 386 -0.66 21.94 5.34
CA ARG B 386 -1.76 22.41 4.50
C ARG B 386 -2.51 21.20 3.97
N ILE B 387 -3.59 20.83 4.66
CA ILE B 387 -4.40 19.67 4.28
C ILE B 387 -5.57 20.09 3.41
N HIS C 20 -26.52 45.12 -19.28
CA HIS C 20 -27.28 44.12 -20.01
C HIS C 20 -27.22 44.36 -21.51
N MET C 21 -26.53 43.48 -22.23
CA MET C 21 -26.32 43.61 -23.66
C MET C 21 -26.62 42.29 -24.36
N LEU C 22 -27.37 42.36 -25.47
CA LEU C 22 -27.50 41.21 -26.36
C LEU C 22 -26.21 41.07 -27.17
N ILE C 23 -25.59 39.89 -27.12
CA ILE C 23 -24.37 39.66 -27.85
C ILE C 23 -24.54 38.65 -28.99
N LEU C 24 -25.40 37.64 -28.84
CA LEU C 24 -25.49 36.65 -29.91
C LEU C 24 -26.92 36.12 -30.00
N GLN C 25 -27.27 35.60 -31.17
CA GLN C 25 -28.56 34.96 -31.39
C GLN C 25 -28.44 34.06 -32.61
N ALA C 26 -28.74 32.77 -32.44
CA ALA C 26 -28.56 31.84 -33.55
C ALA C 26 -29.40 30.59 -33.31
N GLU C 27 -29.57 29.81 -34.38
CA GLU C 27 -30.23 28.52 -34.28
C GLU C 27 -29.34 27.55 -33.50
N ARG C 28 -29.98 26.58 -32.85
CA ARG C 28 -29.27 25.74 -31.88
C ARG C 28 -28.09 25.00 -32.50
N ASP C 29 -28.31 24.35 -33.64
CA ASP C 29 -27.26 23.52 -34.23
C ASP C 29 -26.08 24.35 -34.69
N SER C 30 -26.34 25.54 -35.25
CA SER C 30 -25.26 26.42 -35.69
C SER C 30 -24.34 26.83 -34.54
N LEU C 31 -24.81 26.71 -33.31
CA LEU C 31 -23.97 26.94 -32.13
C LEU C 31 -23.35 25.64 -31.63
N LEU C 32 -24.15 24.59 -31.53
CA LEU C 32 -23.69 23.35 -30.91
C LEU C 32 -22.62 22.65 -31.75
N LYS C 33 -22.81 22.60 -33.07
CA LYS C 33 -21.86 21.90 -33.92
C LYS C 33 -20.45 22.47 -33.86
N PRO C 34 -20.24 23.79 -33.96
CA PRO C 34 -18.87 24.30 -33.77
C PRO C 34 -18.28 24.01 -32.41
N LEU C 35 -19.10 24.01 -31.36
CA LEU C 35 -18.58 23.74 -30.02
C LEU C 35 -17.97 22.35 -29.92
N GLN C 36 -18.62 21.35 -30.51
CA GLN C 36 -18.18 19.97 -30.39
C GLN C 36 -16.85 19.69 -31.06
N ALA C 37 -16.19 20.72 -31.62
CA ALA C 37 -14.83 20.62 -32.09
C ALA C 37 -13.82 21.13 -31.08
N PHE C 38 -14.24 21.32 -29.82
CA PHE C 38 -13.39 21.91 -28.81
C PHE C 38 -13.31 21.11 -27.51
N THR C 39 -14.41 20.47 -27.10
CA THR C 39 -14.41 19.76 -25.82
C THR C 39 -13.42 18.61 -25.79
N GLY C 40 -12.93 18.18 -26.96
CA GLY C 40 -11.90 17.15 -26.99
C GLY C 40 -10.63 17.56 -26.28
N ILE C 41 -10.28 18.85 -26.33
CA ILE C 41 -9.09 19.33 -25.63
C ILE C 41 -9.42 20.06 -24.34
N VAL C 42 -10.67 20.47 -24.13
CA VAL C 42 -11.06 21.11 -22.88
C VAL C 42 -10.96 20.10 -21.75
N GLU C 43 -10.26 20.47 -20.68
CA GLU C 43 -10.02 19.56 -19.57
C GLU C 43 -11.16 19.68 -18.56
N ARG C 44 -11.89 18.58 -18.37
CA ARG C 44 -13.03 18.58 -17.45
C ARG C 44 -12.59 18.91 -16.02
N LEU C 45 -11.36 18.56 -15.66
CA LEU C 45 -10.81 18.86 -14.33
C LEU C 45 -9.37 19.32 -14.53
N HIS C 46 -9.18 20.64 -14.62
CA HIS C 46 -7.86 21.23 -14.75
C HIS C 46 -7.55 22.10 -13.54
N THR C 47 -6.26 22.25 -13.26
CA THR C 47 -5.84 23.10 -12.14
C THR C 47 -6.16 24.57 -12.40
N LEU C 48 -5.91 25.05 -13.61
CA LEU C 48 -6.29 26.42 -13.96
C LEU C 48 -7.79 26.50 -14.20
N PRO C 49 -8.51 27.39 -13.50
CA PRO C 49 -9.97 27.46 -13.68
C PRO C 49 -10.42 27.84 -15.08
N ILE C 50 -9.78 28.85 -15.69
CA ILE C 50 -10.25 29.36 -16.96
C ILE C 50 -9.99 28.36 -18.09
N LEU C 51 -9.05 27.42 -17.91
CA LEU C 51 -8.79 26.44 -18.94
C LEU C 51 -9.96 25.48 -19.14
N SER C 52 -10.89 25.41 -18.18
CA SER C 52 -12.11 24.65 -18.33
C SER C 52 -13.20 25.46 -19.03
N ASN C 53 -12.83 26.53 -19.72
CA ASN C 53 -13.79 27.41 -20.39
C ASN C 53 -13.48 27.48 -21.88
N VAL C 54 -14.53 27.70 -22.66
CA VAL C 54 -14.44 27.97 -24.09
C VAL C 54 -14.54 29.48 -24.29
N LEU C 55 -13.75 30.00 -25.22
CA LEU C 55 -13.68 31.42 -25.51
C LEU C 55 -14.51 31.73 -26.75
N ILE C 56 -15.50 32.61 -26.59
CA ILE C 56 -16.34 33.06 -27.70
C ILE C 56 -15.95 34.51 -28.00
N GLU C 57 -15.60 34.77 -29.26
CA GLU C 57 -15.17 36.10 -29.70
C GLU C 57 -15.98 36.48 -30.93
N GLY C 58 -16.81 37.51 -30.79
CA GLY C 58 -17.55 38.03 -31.92
C GLY C 58 -17.01 39.38 -32.35
N ARG C 59 -16.54 39.47 -33.59
CA ARG C 59 -16.03 40.71 -34.15
C ARG C 59 -16.53 40.85 -35.58
N GLY C 60 -16.93 42.08 -35.94
CA GLY C 60 -17.42 42.35 -37.28
C GLY C 60 -18.63 41.52 -37.67
N GLY C 61 -19.46 41.13 -36.69
CA GLY C 61 -20.58 40.28 -36.96
C GLY C 61 -20.25 38.83 -37.20
N GLN C 62 -19.00 38.42 -36.95
CA GLN C 62 -18.56 37.05 -37.18
C GLN C 62 -18.07 36.44 -35.87
N THR C 63 -18.43 35.19 -35.65
CA THR C 63 -18.18 34.49 -34.39
C THR C 63 -17.05 33.49 -34.57
N LYS C 64 -16.13 33.47 -33.61
CA LYS C 64 -15.06 32.48 -33.53
C LYS C 64 -15.05 31.87 -32.15
N LEU C 65 -15.04 30.55 -32.09
CA LEU C 65 -14.95 29.81 -30.85
C LEU C 65 -13.56 29.20 -30.73
N LEU C 66 -13.02 29.17 -29.52
CA LEU C 66 -11.65 28.73 -29.31
C LEU C 66 -11.55 27.99 -27.98
N ALA C 67 -10.60 27.05 -27.93
CA ALA C 67 -10.31 26.32 -26.71
C ALA C 67 -8.85 25.89 -26.74
N THR C 68 -8.31 25.61 -25.55
CA THR C 68 -6.92 25.19 -25.44
C THR C 68 -6.72 24.43 -24.14
N ASP C 69 -5.65 23.64 -24.11
CA ASP C 69 -5.19 22.94 -22.91
C ASP C 69 -3.71 23.22 -22.65
N LEU C 70 -3.23 24.38 -23.12
CA LEU C 70 -1.85 24.86 -23.05
C LEU C 70 -0.91 24.14 -23.99
N GLU C 71 -1.35 23.11 -24.71
CA GLU C 71 -0.48 22.42 -25.65
C GLU C 71 -1.14 22.28 -27.01
N ILE C 72 -2.47 22.24 -27.03
CA ILE C 72 -3.24 22.17 -28.28
C ILE C 72 -4.30 23.27 -28.22
N GLN C 73 -4.31 24.13 -29.24
CA GLN C 73 -5.32 25.16 -29.39
C GLN C 73 -6.15 24.87 -30.63
N ILE C 74 -7.47 24.96 -30.49
CA ILE C 74 -8.39 24.76 -31.60
C ILE C 74 -9.32 25.95 -31.68
N ASP C 75 -9.55 26.44 -32.90
CA ASP C 75 -10.51 27.51 -33.14
C ASP C 75 -11.29 27.22 -34.40
N THR C 76 -12.53 27.70 -34.43
CA THR C 76 -13.36 27.56 -35.63
C THR C 76 -14.33 28.73 -35.71
N ALA C 77 -14.90 28.91 -36.90
CA ALA C 77 -15.86 29.97 -37.15
C ALA C 77 -17.26 29.51 -36.76
N GLY C 78 -17.99 30.37 -36.05
CA GLY C 78 -19.32 30.06 -35.61
C GLY C 78 -20.39 30.75 -36.44
N PRO C 79 -21.54 31.02 -35.84
CA PRO C 79 -22.63 31.68 -36.57
C PRO C 79 -22.39 33.16 -36.80
N GLU C 80 -23.37 33.86 -37.35
CA GLU C 80 -23.27 35.27 -37.68
C GLU C 80 -24.35 36.05 -36.95
N GLY C 81 -24.49 37.33 -37.30
CA GLY C 81 -25.59 38.15 -36.83
C GLY C 81 -25.45 38.71 -35.45
N GLY C 82 -24.27 38.67 -34.85
CA GLY C 82 -24.09 39.21 -33.52
C GLY C 82 -24.10 40.74 -33.52
N ALA C 83 -24.04 41.30 -32.31
CA ALA C 83 -23.99 42.75 -32.17
C ALA C 83 -22.75 43.32 -32.84
N GLY C 84 -21.62 42.64 -32.69
CA GLY C 84 -20.43 43.00 -33.44
C GLY C 84 -19.14 43.08 -32.67
N ASP C 85 -19.20 43.10 -31.34
CA ASP C 85 -18.01 43.31 -30.52
C ASP C 85 -18.23 42.67 -29.16
N PHE C 86 -17.65 41.50 -28.95
CA PHE C 86 -17.67 40.88 -27.62
C PHE C 86 -16.60 39.80 -27.53
N ARG C 87 -16.12 39.57 -26.30
CA ARG C 87 -15.16 38.51 -26.01
C ARG C 87 -15.43 37.99 -24.60
N ILE C 88 -15.79 36.71 -24.47
CA ILE C 88 -16.09 36.12 -23.17
C ILE C 88 -15.52 34.71 -23.12
N THR C 89 -15.38 34.17 -21.90
CA THR C 89 -15.13 32.75 -21.73
C THR C 89 -16.17 32.18 -20.78
N THR C 90 -16.72 31.03 -21.15
CA THR C 90 -17.74 30.39 -20.32
C THR C 90 -17.45 28.90 -20.21
N ASN C 91 -17.92 28.30 -19.12
CA ASN C 91 -17.65 26.89 -18.86
C ASN C 91 -18.10 26.04 -20.05
N ALA C 92 -17.14 25.34 -20.66
CA ALA C 92 -17.41 24.64 -21.92
C ALA C 92 -18.42 23.52 -21.72
N LYS C 93 -18.24 22.69 -20.69
CA LYS C 93 -19.12 21.54 -20.50
C LYS C 93 -20.54 21.98 -20.19
N LYS C 94 -20.71 22.96 -19.30
CA LYS C 94 -22.05 23.42 -18.95
C LYS C 94 -22.77 24.01 -20.16
N PHE C 95 -22.06 24.84 -20.92
CA PHE C 95 -22.67 25.46 -22.10
C PHE C 95 -23.03 24.41 -23.15
N GLN C 96 -22.14 23.45 -23.38
CA GLN C 96 -22.41 22.40 -24.36
C GLN C 96 -23.58 21.53 -23.93
N ASP C 97 -23.66 21.19 -22.64
CA ASP C 97 -24.76 20.37 -22.16
C ASP C 97 -26.08 21.12 -22.23
N ILE C 98 -26.07 22.42 -21.91
CA ILE C 98 -27.28 23.23 -22.02
C ILE C 98 -27.76 23.28 -23.46
N LEU C 99 -26.83 23.50 -24.40
CA LEU C 99 -27.22 23.54 -25.81
C LEU C 99 -27.75 22.19 -26.28
N ARG C 100 -27.08 21.09 -25.91
CA ARG C 100 -27.53 19.79 -26.36
C ARG C 100 -28.84 19.36 -25.71
N ALA C 101 -29.19 19.94 -24.57
CA ALA C 101 -30.48 19.65 -23.94
C ALA C 101 -31.63 20.41 -24.55
N LEU C 102 -31.36 21.33 -25.47
CA LEU C 102 -32.39 22.14 -26.10
C LEU C 102 -33.04 21.38 -27.25
N PRO C 103 -34.28 21.73 -27.61
CA PRO C 103 -34.90 21.12 -28.79
C PRO C 103 -34.16 21.51 -30.06
N ALA C 104 -34.21 20.62 -31.05
CA ALA C 104 -33.49 20.84 -32.29
C ALA C 104 -34.04 22.06 -33.03
N GLY C 105 -33.13 22.90 -33.52
CA GLY C 105 -33.50 24.07 -34.28
C GLY C 105 -34.01 25.25 -33.47
N ALA C 106 -33.96 25.17 -32.15
CA ALA C 106 -34.46 26.24 -31.31
C ALA C 106 -33.57 27.48 -31.41
N LEU C 107 -34.19 28.64 -31.21
CA LEU C 107 -33.49 29.92 -31.28
C LEU C 107 -32.88 30.23 -29.93
N VAL C 108 -31.56 30.32 -29.87
CA VAL C 108 -30.82 30.56 -28.63
C VAL C 108 -30.26 31.97 -28.68
N SER C 109 -30.47 32.73 -27.60
CA SER C 109 -30.00 34.10 -27.49
C SER C 109 -29.05 34.22 -26.32
N LEU C 110 -27.87 34.79 -26.57
CA LEU C 110 -26.86 35.05 -25.56
C LEU C 110 -26.87 36.54 -25.22
N ASP C 111 -27.19 36.85 -23.97
CA ASP C 111 -27.10 38.18 -23.41
C ASP C 111 -25.91 38.26 -22.45
N TRP C 112 -25.30 39.44 -22.36
CA TRP C 112 -24.12 39.62 -21.52
C TRP C 112 -24.39 40.73 -20.51
N ASP C 113 -24.13 40.44 -19.23
CA ASP C 113 -24.27 41.43 -18.15
C ASP C 113 -23.07 41.26 -17.23
N ASP C 114 -22.02 42.04 -17.51
CA ASP C 114 -20.79 42.01 -16.73
C ASP C 114 -20.22 40.60 -16.61
N ASN C 115 -20.50 39.93 -15.49
CA ASN C 115 -19.95 38.62 -15.20
C ASN C 115 -20.99 37.50 -15.34
N ARG C 116 -22.07 37.73 -16.08
CA ARG C 116 -23.07 36.69 -16.27
C ARG C 116 -23.56 36.66 -17.72
N LEU C 117 -23.51 35.47 -18.30
CA LEU C 117 -24.05 35.22 -19.63
C LEU C 117 -25.41 34.56 -19.48
N THR C 118 -26.42 35.15 -20.09
CA THR C 118 -27.78 34.64 -20.02
C THR C 118 -28.13 33.96 -21.34
N LEU C 119 -28.30 32.64 -21.28
CA LEU C 119 -28.89 31.88 -22.36
C LEU C 119 -30.40 31.94 -22.27
N LYS C 120 -31.06 32.31 -23.35
CA LYS C 120 -32.51 32.30 -23.43
C LYS C 120 -32.91 31.48 -24.64
N ALA C 121 -33.72 30.44 -24.41
CA ALA C 121 -34.14 29.56 -25.51
C ALA C 121 -35.51 28.99 -25.19
N GLY C 122 -36.47 29.28 -26.05
CA GLY C 122 -37.85 28.85 -25.82
C GLY C 122 -38.39 29.41 -24.52
N LYS C 123 -38.57 28.54 -23.52
CA LYS C 123 -39.07 28.95 -22.22
C LYS C 123 -38.01 28.68 -21.14
N SER C 124 -36.73 28.73 -21.50
CA SER C 124 -35.65 28.37 -20.61
C SER C 124 -34.64 29.50 -20.51
N ARG C 125 -34.29 29.86 -19.27
CA ARG C 125 -33.21 30.78 -18.97
C ARG C 125 -32.06 30.05 -18.27
N PHE C 126 -30.84 30.48 -18.57
CA PHE C 126 -29.65 29.94 -17.92
C PHE C 126 -28.71 31.10 -17.62
N ALA C 127 -28.47 31.38 -16.34
CA ALA C 127 -27.53 32.40 -15.92
C ALA C 127 -26.21 31.71 -15.59
N LEU C 128 -25.21 31.87 -16.46
CA LEU C 128 -23.93 31.21 -16.33
C LEU C 128 -22.86 32.23 -15.94
N GLN C 129 -21.95 31.81 -15.06
CA GLN C 129 -20.81 32.64 -14.73
C GLN C 129 -19.84 32.70 -15.91
N THR C 130 -19.14 33.82 -16.03
CA THR C 130 -18.21 34.04 -17.12
C THR C 130 -16.84 34.40 -16.56
N LEU C 131 -15.84 34.38 -17.44
CA LEU C 131 -14.51 34.82 -17.13
C LEU C 131 -13.99 35.71 -18.25
N PRO C 132 -13.16 36.70 -17.91
CA PRO C 132 -12.68 37.65 -18.91
C PRO C 132 -11.85 36.98 -20.00
N ALA C 133 -11.98 37.50 -21.22
CA ALA C 133 -11.17 37.02 -22.33
C ALA C 133 -9.72 37.45 -22.22
N ALA C 134 -9.43 38.47 -21.40
CA ALA C 134 -8.05 38.88 -21.22
C ALA C 134 -7.22 37.81 -20.54
N ASP C 135 -7.82 37.06 -19.61
CA ASP C 135 -7.09 36.00 -18.91
C ASP C 135 -6.91 34.76 -19.78
N PHE C 136 -7.86 34.46 -20.65
CA PHE C 136 -7.82 33.22 -21.42
C PHE C 136 -6.58 33.20 -22.32
N PRO C 137 -5.67 32.26 -22.14
CA PRO C 137 -4.37 32.32 -22.83
C PRO C 137 -4.46 31.77 -24.25
N MET C 138 -4.21 32.64 -25.22
CA MET C 138 -3.97 32.18 -26.59
C MET C 138 -2.59 31.54 -26.68
N MET C 139 -2.43 30.61 -27.62
CA MET C 139 -1.15 29.94 -27.78
C MET C 139 -0.17 30.80 -28.57
N ASN C 140 1.10 30.69 -28.19
CA ASN C 140 2.18 31.38 -28.89
C ASN C 140 2.44 30.66 -30.20
N VAL C 141 1.67 31.01 -31.23
CA VAL C 141 1.77 30.34 -32.52
C VAL C 141 3.12 30.64 -33.16
N GLY C 142 3.73 29.62 -33.75
CA GLY C 142 5.00 29.80 -34.42
C GLY C 142 4.89 30.71 -35.62
N GLU C 143 6.00 31.39 -35.93
CA GLU C 143 6.03 32.36 -37.01
C GLU C 143 6.92 31.94 -38.18
N ASP C 144 7.78 30.93 -38.00
CA ASP C 144 8.63 30.43 -39.06
C ASP C 144 8.00 29.17 -39.64
N ILE C 145 7.56 29.26 -40.90
CA ILE C 145 6.88 28.16 -41.57
C ILE C 145 7.94 27.39 -42.36
N SER C 146 8.44 26.32 -41.77
CA SER C 146 9.48 25.53 -42.43
C SER C 146 8.94 24.80 -43.66
N ALA C 147 7.74 24.25 -43.56
CA ALA C 147 7.15 23.51 -44.66
C ALA C 147 5.65 23.73 -44.68
N THR C 148 5.08 23.78 -45.88
CA THR C 148 3.64 23.88 -46.08
C THR C 148 3.23 22.92 -47.18
N PHE C 149 2.21 22.11 -46.90
CA PHE C 149 1.66 21.24 -47.93
C PHE C 149 0.17 21.05 -47.65
N SER C 150 -0.51 20.36 -48.56
CA SER C 150 -1.93 20.10 -48.40
C SER C 150 -2.26 18.80 -49.11
N LEU C 151 -3.28 18.10 -48.60
CA LEU C 151 -3.66 16.83 -49.18
C LEU C 151 -5.12 16.54 -48.87
N GLY C 152 -5.69 15.60 -49.63
CA GLY C 152 -7.07 15.19 -49.44
C GLY C 152 -7.31 14.68 -48.03
N GLN C 153 -8.40 15.15 -47.41
CA GLN C 153 -8.66 14.79 -46.02
C GLN C 153 -8.89 13.30 -45.85
N GLU C 154 -9.57 12.67 -46.83
CA GLU C 154 -9.85 11.24 -46.72
C GLU C 154 -8.56 10.43 -46.71
N ARG C 155 -7.60 10.79 -47.56
CA ARG C 155 -6.33 10.05 -47.61
C ARG C 155 -5.57 10.19 -46.29
N PHE C 156 -5.53 11.42 -45.74
CA PHE C 156 -4.86 11.62 -44.46
C PHE C 156 -5.54 10.86 -43.34
N LYS C 157 -6.88 10.84 -43.34
CA LYS C 157 -7.60 10.07 -42.33
C LYS C 157 -7.31 8.58 -42.47
N THR C 158 -7.25 8.07 -43.71
CA THR C 158 -6.95 6.66 -43.90
C THR C 158 -5.55 6.32 -43.40
N MET C 159 -4.56 7.18 -43.69
CA MET C 159 -3.21 6.95 -43.17
C MET C 159 -3.18 6.97 -41.65
N LEU C 160 -3.87 7.95 -41.05
CA LEU C 160 -3.88 8.06 -39.59
C LEU C 160 -4.55 6.83 -38.97
N SER C 161 -5.63 6.34 -39.56
CA SER C 161 -6.27 5.13 -39.06
C SER C 161 -5.40 3.91 -39.29
N GLN C 162 -4.54 3.94 -40.31
CA GLN C 162 -3.64 2.82 -40.56
C GLN C 162 -2.47 2.79 -39.59
N VAL C 163 -2.10 3.92 -38.99
CA VAL C 163 -0.93 3.95 -38.13
C VAL C 163 -1.23 4.25 -36.66
N GLN C 164 -2.46 4.66 -36.31
CA GLN C 164 -2.69 5.17 -34.96
C GLN C 164 -2.65 4.08 -33.90
N TYR C 165 -3.01 2.84 -34.25
CA TYR C 165 -3.12 1.80 -33.23
C TYR C 165 -1.78 1.33 -32.72
N SER C 166 -0.69 1.62 -33.43
CA SER C 166 0.64 1.20 -33.02
C SER C 166 1.31 2.17 -32.07
N MET C 167 0.66 3.30 -31.77
CA MET C 167 1.21 4.25 -30.82
C MET C 167 1.25 3.64 -29.42
N ALA C 168 2.30 3.96 -28.67
CA ALA C 168 2.36 3.59 -27.27
C ALA C 168 1.38 4.45 -26.47
N VAL C 169 0.86 3.89 -25.39
CA VAL C 169 -0.08 4.57 -24.52
C VAL C 169 0.57 4.72 -23.15
N GLN C 170 1.00 5.95 -22.83
CA GLN C 170 1.66 6.27 -21.57
C GLN C 170 2.86 5.37 -21.32
N ASP C 171 3.68 5.20 -22.35
CA ASP C 171 4.99 4.59 -22.15
C ASP C 171 5.95 5.62 -21.59
N ILE C 172 7.00 5.12 -20.92
CA ILE C 172 7.98 6.02 -20.32
C ILE C 172 8.80 6.71 -21.39
N ARG C 173 9.05 6.04 -22.50
CA ARG C 173 9.64 6.73 -23.64
C ARG C 173 8.61 7.70 -24.19
N TYR C 174 8.75 8.97 -23.79
CA TYR C 174 7.80 10.00 -24.16
C TYR C 174 7.69 10.13 -25.68
N TYR C 175 8.79 9.95 -26.39
CA TYR C 175 8.81 10.12 -27.83
C TYR C 175 8.05 9.02 -28.58
N LEU C 176 7.65 7.95 -27.89
CA LEU C 176 6.86 6.90 -28.52
C LEU C 176 5.36 7.04 -28.27
N ASN C 177 4.94 7.90 -27.34
CA ASN C 177 3.53 8.16 -27.14
C ASN C 177 3.04 9.19 -28.16
N GLY C 178 3.31 8.95 -29.43
CA GLY C 178 2.97 9.91 -30.46
C GLY C 178 3.13 9.30 -31.83
N LEU C 179 3.11 10.17 -32.83
CA LEU C 179 3.12 9.76 -34.24
C LEU C 179 4.15 10.60 -34.99
N LEU C 180 5.14 9.94 -35.59
CA LEU C 180 6.15 10.64 -36.38
C LEU C 180 5.58 10.94 -37.76
N MET C 181 5.46 12.23 -38.08
CA MET C 181 5.08 12.69 -39.41
C MET C 181 6.32 13.22 -40.10
N GLN C 182 6.65 12.66 -41.26
CA GLN C 182 7.89 12.94 -41.96
C GLN C 182 7.59 13.28 -43.41
N VAL C 183 8.13 14.40 -43.88
CA VAL C 183 7.95 14.84 -45.27
C VAL C 183 9.32 14.86 -45.93
N GLU C 184 9.42 14.25 -47.11
CA GLU C 184 10.66 14.28 -47.87
C GLU C 184 10.33 14.20 -49.35
N GLY C 185 10.79 15.20 -50.11
CA GLY C 185 10.45 15.25 -51.52
C GLY C 185 8.96 15.41 -51.69
N SER C 186 8.34 14.45 -52.39
CA SER C 186 6.89 14.41 -52.55
C SER C 186 6.26 13.30 -51.72
N GLN C 187 6.94 12.86 -50.66
CA GLN C 187 6.50 11.73 -49.86
C GLN C 187 6.12 12.18 -48.45
N LEU C 188 4.91 11.85 -48.04
CA LEU C 188 4.43 12.03 -46.67
C LEU C 188 4.36 10.67 -46.00
N ARG C 189 4.93 10.56 -44.80
CA ARG C 189 5.08 9.29 -44.11
C ARG C 189 4.63 9.43 -42.67
N LEU C 190 3.90 8.44 -42.18
CA LEU C 190 3.48 8.37 -40.78
C LEU C 190 4.02 7.08 -40.17
N VAL C 191 4.74 7.22 -39.06
CA VAL C 191 5.36 6.10 -38.36
C VAL C 191 4.87 6.10 -36.92
N ALA C 192 4.50 4.93 -36.42
CA ALA C 192 4.10 4.78 -35.03
C ALA C 192 4.68 3.50 -34.48
N THR C 193 4.98 3.50 -33.18
CA THR C 193 5.57 2.33 -32.54
C THR C 193 5.41 2.43 -31.03
N ASP C 194 5.43 1.27 -30.39
CA ASP C 194 5.46 1.17 -28.94
C ASP C 194 6.66 0.40 -28.42
N GLY C 195 7.55 -0.05 -29.30
CA GLY C 195 8.69 -0.85 -28.89
C GLY C 195 8.59 -2.28 -29.37
N HIS C 196 7.38 -2.84 -29.34
CA HIS C 196 7.14 -4.21 -29.77
C HIS C 196 6.50 -4.31 -31.14
N ARG C 197 6.02 -3.21 -31.70
CA ARG C 197 5.38 -3.22 -33.00
C ARG C 197 5.55 -1.86 -33.65
N LEU C 198 5.38 -1.83 -34.98
CA LEU C 198 5.57 -0.60 -35.73
C LEU C 198 4.60 -0.57 -36.90
N ALA C 199 4.10 0.63 -37.20
CA ALA C 199 3.22 0.86 -38.33
C ALA C 199 3.80 1.98 -39.18
N TYR C 200 3.85 1.75 -40.50
CA TYR C 200 4.38 2.71 -41.46
C TYR C 200 3.35 2.90 -42.56
N ALA C 201 2.96 4.15 -42.80
CA ALA C 201 2.09 4.50 -43.92
C ALA C 201 2.75 5.62 -44.72
N ALA C 202 2.45 5.66 -46.02
CA ALA C 202 3.07 6.65 -46.89
C ALA C 202 2.11 7.04 -48.00
N CYS C 203 2.35 8.22 -48.56
CA CYS C 203 1.57 8.71 -49.69
C CYS C 203 2.40 9.72 -50.46
N ALA C 204 1.99 9.96 -51.70
CA ALA C 204 2.60 10.97 -52.55
C ALA C 204 1.80 12.26 -52.46
N ILE C 205 2.47 13.36 -52.13
CA ILE C 205 1.82 14.64 -51.95
C ILE C 205 2.26 15.59 -53.06
N ASP C 206 1.47 16.64 -53.26
CA ASP C 206 1.72 17.62 -54.31
C ASP C 206 2.65 18.73 -53.81
N ALA C 207 3.87 18.33 -53.49
CA ALA C 207 4.88 19.26 -52.99
C ALA C 207 6.27 18.69 -53.24
N ASP C 208 7.27 19.55 -53.14
CA ASP C 208 8.68 19.18 -53.26
C ASP C 208 9.44 19.69 -52.05
N LEU C 209 8.88 19.45 -50.87
CA LEU C 209 9.43 20.00 -49.63
C LEU C 209 10.72 19.30 -49.24
N PRO C 210 11.60 19.96 -48.49
CA PRO C 210 12.77 19.29 -47.94
C PRO C 210 12.37 18.35 -46.80
N ARG C 211 13.33 17.51 -46.41
CA ARG C 211 13.07 16.53 -45.37
C ARG C 211 12.86 17.21 -44.03
N ALA C 212 11.77 16.86 -43.35
CA ALA C 212 11.49 17.34 -42.01
C ALA C 212 10.62 16.30 -41.31
N GLU C 213 10.61 16.35 -39.98
CA GLU C 213 9.84 15.39 -39.20
C GLU C 213 9.42 16.01 -37.88
N VAL C 214 8.21 15.66 -37.45
CA VAL C 214 7.67 16.11 -36.16
C VAL C 214 7.04 14.91 -35.47
N ILE C 215 6.87 15.04 -34.16
CA ILE C 215 6.22 13.99 -33.37
C ILE C 215 4.90 14.53 -32.82
N LEU C 216 3.82 14.28 -33.54
CA LEU C 216 2.51 14.74 -33.10
C LEU C 216 2.10 13.98 -31.84
N PRO C 217 1.58 14.67 -30.82
CA PRO C 217 1.11 13.97 -29.62
C PRO C 217 -0.12 13.13 -29.90
N ARG C 218 -0.36 12.17 -29.00
CA ARG C 218 -1.52 11.28 -29.15
C ARG C 218 -2.82 12.06 -29.13
N LYS C 219 -2.96 13.01 -28.20
CA LYS C 219 -4.18 13.81 -28.13
C LYS C 219 -4.38 14.62 -29.40
N THR C 220 -3.30 15.18 -29.94
CA THR C 220 -3.39 15.87 -31.23
C THR C 220 -3.86 14.92 -32.32
N VAL C 221 -3.34 13.69 -32.32
CA VAL C 221 -3.73 12.71 -33.33
C VAL C 221 -5.22 12.42 -33.25
N LEU C 222 -5.73 12.22 -32.03
CA LEU C 222 -7.15 11.91 -31.88
C LEU C 222 -8.04 13.10 -32.27
N GLU C 223 -7.66 14.32 -31.86
CA GLU C 223 -8.46 15.48 -32.22
C GLU C 223 -8.43 15.73 -33.72
N LEU C 224 -7.28 15.51 -34.36
CA LEU C 224 -7.20 15.64 -35.81
C LEU C 224 -8.01 14.56 -36.51
N PHE C 225 -8.04 13.36 -35.93
CA PHE C 225 -8.89 12.29 -36.46
C PHE C 225 -10.36 12.69 -36.41
N LYS C 226 -10.76 13.35 -35.32
CA LYS C 226 -12.10 13.93 -35.25
C LYS C 226 -12.28 15.00 -36.32
N LEU C 227 -11.25 15.82 -36.55
CA LEU C 227 -11.41 17.00 -37.41
C LEU C 227 -11.70 16.62 -38.85
N LEU C 228 -11.06 15.56 -39.36
CA LEU C 228 -11.16 15.22 -40.77
C LEU C 228 -12.53 14.63 -41.09
N ASN C 229 -13.51 15.50 -41.37
CA ASN C 229 -14.87 15.07 -41.63
C ASN C 229 -15.34 15.39 -43.04
N ASN C 230 -14.50 15.96 -43.90
CA ASN C 230 -14.85 16.24 -45.29
C ASN C 230 -13.93 15.44 -46.20
N PRO C 231 -14.36 14.28 -46.69
CA PRO C 231 -13.46 13.43 -47.51
C PRO C 231 -13.02 14.09 -48.81
N ASP C 232 -13.75 15.07 -49.31
CA ASP C 232 -13.43 15.70 -50.58
C ASP C 232 -12.58 16.95 -50.43
N ASP C 233 -12.79 17.74 -49.38
CA ASP C 233 -12.03 18.95 -49.18
C ASP C 233 -10.59 18.62 -48.77
N PRO C 234 -9.64 19.50 -49.06
CA PRO C 234 -8.26 19.27 -48.63
C PRO C 234 -7.96 19.92 -47.28
N ILE C 235 -6.99 19.33 -46.59
CA ILE C 235 -6.45 19.85 -45.34
C ILE C 235 -5.04 20.35 -45.60
N GLN C 236 -4.73 21.53 -45.05
CA GLN C 236 -3.41 22.13 -45.19
C GLN C 236 -2.64 21.95 -43.88
N ILE C 237 -1.40 21.46 -44.00
CA ILE C 237 -0.52 21.23 -42.87
C ILE C 237 0.69 22.14 -43.01
N GLU C 238 0.97 22.91 -41.95
CA GLU C 238 2.13 23.78 -41.89
C GLU C 238 2.98 23.38 -40.70
N LEU C 239 4.27 23.18 -40.93
CA LEU C 239 5.22 22.82 -39.88
C LEU C 239 5.93 24.09 -39.42
N LEU C 240 5.50 24.63 -38.28
CA LEU C 240 6.16 25.78 -37.69
C LEU C 240 7.40 25.33 -36.93
N ASP C 241 8.01 26.24 -36.19
CA ASP C 241 9.18 25.90 -35.38
C ASP C 241 8.69 25.19 -34.12
N LYS C 242 8.83 23.87 -34.09
CA LYS C 242 8.39 23.02 -32.99
C LYS C 242 6.88 23.10 -32.77
N GLN C 243 6.12 23.49 -33.79
CA GLN C 243 4.67 23.51 -33.74
C GLN C 243 4.12 23.09 -35.10
N VAL C 244 2.90 22.58 -35.10
CA VAL C 244 2.22 22.17 -36.32
C VAL C 244 0.83 22.79 -36.35
N ARG C 245 0.45 23.35 -37.50
CA ARG C 245 -0.86 23.96 -37.70
C ARG C 245 -1.60 23.20 -38.79
N PHE C 246 -2.78 22.70 -38.46
CA PHE C 246 -3.67 22.05 -39.42
C PHE C 246 -4.86 22.97 -39.67
N GLN C 247 -5.22 23.14 -40.94
CA GLN C 247 -6.31 24.03 -41.32
C GLN C 247 -7.21 23.30 -42.32
N CYS C 248 -8.50 23.23 -42.01
CA CYS C 248 -9.48 22.66 -42.94
C CYS C 248 -10.88 22.91 -42.40
N ASN C 249 -11.83 23.06 -43.34
CA ASN C 249 -13.24 23.25 -43.02
C ASN C 249 -13.46 24.43 -42.09
N GLY C 250 -12.69 25.51 -42.30
CA GLY C 250 -12.81 26.67 -41.45
C GLY C 250 -12.36 26.46 -40.02
N THR C 251 -11.58 25.41 -39.76
CA THR C 251 -11.10 25.09 -38.42
C THR C 251 -9.58 25.02 -38.43
N THR C 252 -8.98 25.61 -37.40
CA THR C 252 -7.53 25.66 -37.25
C THR C 252 -7.13 25.01 -35.93
N ILE C 253 -6.11 24.17 -35.98
CA ILE C 253 -5.55 23.52 -34.79
C ILE C 253 -4.05 23.73 -34.78
N VAL C 254 -3.54 24.27 -33.68
CA VAL C 254 -2.11 24.50 -33.49
C VAL C 254 -1.65 23.68 -32.30
N SER C 255 -0.66 22.82 -32.52
CA SER C 255 -0.21 21.89 -31.50
C SER C 255 1.30 21.90 -31.37
N LYS C 256 1.78 21.69 -30.15
CA LYS C 256 3.21 21.57 -29.87
C LYS C 256 3.70 20.17 -30.21
N VAL C 257 4.87 20.09 -30.82
CA VAL C 257 5.48 18.81 -31.16
C VAL C 257 6.16 18.23 -29.93
N ILE C 258 6.51 16.95 -29.99
CA ILE C 258 7.20 16.26 -28.90
C ILE C 258 8.69 16.28 -29.20
N ASP C 259 9.48 16.80 -28.27
CA ASP C 259 10.92 16.86 -28.44
C ASP C 259 11.55 15.49 -28.30
N GLY C 260 12.70 15.31 -28.92
CA GLY C 260 13.41 14.05 -28.85
C GLY C 260 13.48 13.37 -30.21
N LYS C 261 14.51 12.56 -30.40
CA LYS C 261 14.71 11.84 -31.65
C LYS C 261 13.80 10.62 -31.72
N PHE C 262 13.05 10.52 -32.81
CA PHE C 262 12.25 9.32 -33.05
C PHE C 262 13.17 8.19 -33.50
N PRO C 263 12.86 6.94 -33.11
CA PRO C 263 13.68 5.81 -33.58
C PRO C 263 13.63 5.69 -35.10
N ASP C 264 14.76 5.28 -35.68
CA ASP C 264 14.87 5.12 -37.12
C ASP C 264 14.09 3.88 -37.55
N PHE C 265 12.93 4.08 -38.18
CA PHE C 265 12.09 2.96 -38.59
C PHE C 265 12.74 2.11 -39.66
N ASN C 266 13.69 2.66 -40.43
CA ASN C 266 14.35 1.88 -41.47
C ASN C 266 15.15 0.72 -40.90
N ARG C 267 15.61 0.84 -39.65
CA ARG C 267 16.43 -0.20 -39.04
C ARG C 267 15.61 -1.32 -38.43
N VAL C 268 14.29 -1.18 -38.35
CA VAL C 268 13.45 -2.18 -37.69
C VAL C 268 12.68 -2.96 -38.76
N ILE C 269 12.46 -2.33 -39.90
CA ILE C 269 11.71 -2.98 -40.98
C ILE C 269 12.53 -4.12 -41.56
N PRO C 270 12.01 -5.34 -41.56
CA PRO C 270 12.71 -6.44 -42.23
C PRO C 270 12.70 -6.26 -43.74
N LEU C 271 13.77 -6.72 -44.38
CA LEU C 271 13.93 -6.57 -45.82
C LEU C 271 13.92 -7.88 -46.59
N ASP C 272 14.13 -9.02 -45.92
CA ASP C 272 14.32 -10.29 -46.61
C ASP C 272 13.49 -11.41 -46.00
N ASN C 273 12.36 -11.06 -45.37
CA ASN C 273 11.46 -12.09 -44.86
C ASN C 273 10.90 -12.91 -46.02
N ASP C 274 11.26 -14.19 -46.09
CA ASP C 274 10.99 -15.01 -47.26
C ASP C 274 9.75 -15.89 -47.13
N LYS C 275 9.37 -16.29 -45.92
CA LYS C 275 8.20 -17.15 -45.76
C LYS C 275 6.96 -16.28 -45.93
N ILE C 276 6.50 -16.15 -47.17
CA ILE C 276 5.46 -15.19 -47.53
C ILE C 276 4.23 -15.94 -48.02
N PHE C 277 3.06 -15.49 -47.56
CA PHE C 277 1.79 -16.02 -48.06
C PHE C 277 0.70 -14.98 -47.87
N VAL C 278 -0.28 -15.00 -48.77
CA VAL C 278 -1.39 -14.06 -48.76
C VAL C 278 -2.66 -14.82 -48.37
N LEU C 279 -3.41 -14.28 -47.42
CA LEU C 279 -4.62 -14.92 -46.95
C LEU C 279 -5.70 -13.88 -46.65
N SER C 280 -6.93 -14.36 -46.52
CA SER C 280 -8.05 -13.49 -46.22
C SER C 280 -7.88 -12.84 -44.85
N ARG C 281 -8.16 -11.54 -44.79
CA ARG C 281 -8.05 -10.81 -43.53
C ARG C 281 -9.16 -11.20 -42.57
N ALA C 282 -10.39 -11.26 -43.06
CA ALA C 282 -11.52 -11.58 -42.20
C ALA C 282 -11.40 -12.97 -41.60
N GLU C 283 -10.97 -13.94 -42.40
CA GLU C 283 -10.83 -15.31 -41.91
C GLU C 283 -9.79 -15.39 -40.79
N LEU C 284 -8.63 -14.77 -40.99
CA LEU C 284 -7.59 -14.79 -39.96
C LEU C 284 -8.04 -14.04 -38.71
N LEU C 285 -8.71 -12.90 -38.89
CA LEU C 285 -9.19 -12.15 -37.73
C LEU C 285 -10.21 -12.96 -36.93
N GLY C 286 -11.13 -13.63 -37.62
CA GLY C 286 -12.09 -14.48 -36.92
C GLY C 286 -11.44 -15.65 -36.22
N ALA C 287 -10.43 -16.25 -36.86
CA ALA C 287 -9.69 -17.35 -36.23
C ALA C 287 -9.01 -16.86 -34.95
N LEU C 288 -8.36 -15.71 -35.02
CA LEU C 288 -7.67 -15.18 -33.84
C LEU C 288 -8.67 -14.85 -32.73
N GLU C 289 -9.81 -14.25 -33.09
CA GLU C 289 -10.82 -13.93 -32.09
C GLU C 289 -11.36 -15.19 -31.43
N ARG C 290 -11.59 -16.24 -32.22
CA ARG C 290 -12.08 -17.50 -31.66
C ARG C 290 -11.05 -18.13 -30.72
N VAL C 291 -9.78 -18.15 -31.13
CA VAL C 291 -8.79 -18.85 -30.32
C VAL C 291 -8.33 -18.04 -29.12
N SER C 292 -8.50 -16.71 -29.14
CA SER C 292 -8.06 -15.90 -28.01
C SER C 292 -8.95 -16.06 -26.79
N ILE C 293 -10.10 -16.71 -26.91
CA ILE C 293 -10.99 -16.90 -25.76
C ILE C 293 -10.30 -17.75 -24.70
N LEU C 294 -9.53 -18.75 -25.12
CA LEU C 294 -8.83 -19.65 -24.21
C LEU C 294 -7.35 -19.30 -24.08
N ALA C 295 -6.93 -18.12 -24.55
CA ALA C 295 -5.54 -17.73 -24.43
C ALA C 295 -5.19 -17.38 -22.98
N ASN C 296 -3.89 -17.40 -22.68
CA ASN C 296 -3.43 -17.05 -21.35
C ASN C 296 -3.77 -15.61 -21.03
N GLU C 297 -4.19 -15.36 -19.79
CA GLU C 297 -4.75 -14.06 -19.46
C GLU C 297 -3.69 -13.01 -19.14
N LYS C 298 -2.50 -13.43 -18.70
CA LYS C 298 -1.45 -12.47 -18.37
C LYS C 298 -0.64 -12.06 -19.59
N PHE C 299 -0.48 -12.95 -20.58
CA PHE C 299 0.35 -12.66 -21.73
C PHE C 299 -0.39 -12.64 -23.07
N ARG C 300 -1.59 -13.21 -23.13
CA ARG C 300 -2.37 -13.26 -24.38
C ARG C 300 -1.57 -13.92 -25.50
N GLY C 301 -0.77 -14.92 -25.14
CA GLY C 301 0.11 -15.55 -26.11
C GLY C 301 -0.66 -16.43 -27.07
N ALA C 302 -0.24 -16.39 -28.34
CA ALA C 302 -0.79 -17.26 -29.37
C ALA C 302 0.38 -17.80 -30.19
N ARG C 303 0.42 -19.12 -30.37
CA ARG C 303 1.47 -19.76 -31.14
C ARG C 303 0.98 -20.06 -32.54
N LEU C 304 1.80 -19.72 -33.53
CA LEU C 304 1.51 -19.93 -34.94
C LEU C 304 2.45 -20.99 -35.49
N PHE C 305 1.87 -22.01 -36.11
CA PHE C 305 2.59 -23.10 -36.75
C PHE C 305 2.37 -22.95 -38.26
N LEU C 306 3.44 -22.60 -38.96
CA LEU C 306 3.40 -22.37 -40.40
C LEU C 306 4.02 -23.59 -41.09
N GLN C 307 3.21 -24.34 -41.82
CA GLN C 307 3.65 -25.51 -42.55
C GLN C 307 3.09 -25.43 -43.96
N PRO C 308 3.68 -26.16 -44.91
CA PRO C 308 3.18 -26.10 -46.30
C PRO C 308 1.68 -26.31 -46.41
N GLY C 309 0.97 -25.26 -46.83
CA GLY C 309 -0.46 -25.33 -47.03
C GLY C 309 -1.30 -25.11 -45.79
N LEU C 310 -0.70 -24.90 -44.63
CA LEU C 310 -1.47 -24.80 -43.40
C LEU C 310 -0.85 -23.79 -42.45
N LEU C 311 -1.70 -23.02 -41.77
CA LEU C 311 -1.29 -22.15 -40.68
C LEU C 311 -2.19 -22.43 -39.48
N SER C 312 -1.60 -22.84 -38.37
CA SER C 312 -2.35 -23.20 -37.19
C SER C 312 -2.11 -22.18 -36.08
N VAL C 313 -3.19 -21.82 -35.38
CA VAL C 313 -3.12 -20.90 -34.25
C VAL C 313 -3.58 -21.65 -33.01
N VAL C 314 -2.74 -21.65 -31.98
CA VAL C 314 -2.98 -22.39 -30.75
C VAL C 314 -2.85 -21.43 -29.56
N CYS C 315 -3.80 -21.54 -28.63
CA CYS C 315 -3.80 -20.74 -27.41
C CYS C 315 -4.08 -21.64 -26.22
N SER C 316 -3.38 -21.39 -25.11
CA SER C 316 -3.58 -22.13 -23.88
C SER C 316 -3.68 -21.15 -22.72
N ASN C 317 -4.36 -21.58 -21.65
CA ASN C 317 -4.60 -20.70 -20.51
C ASN C 317 -4.12 -21.30 -19.20
N ASN C 318 -4.48 -20.64 -18.09
CA ASN C 318 -4.01 -21.07 -16.78
C ASN C 318 -4.57 -22.43 -16.40
N GLU C 319 -5.84 -22.68 -16.69
CA GLU C 319 -6.52 -23.90 -16.28
C GLU C 319 -6.30 -25.06 -17.27
N GLN C 320 -5.24 -24.98 -18.09
CA GLN C 320 -4.92 -26.03 -19.05
C GLN C 320 -6.07 -26.29 -20.01
N GLU C 321 -6.57 -25.21 -20.62
CA GLU C 321 -7.58 -25.28 -21.67
C GLU C 321 -6.98 -24.79 -22.97
N GLU C 322 -7.16 -25.56 -24.04
CA GLU C 322 -6.55 -25.27 -25.33
C GLU C 322 -7.60 -24.96 -26.38
N ALA C 323 -7.33 -23.90 -27.15
CA ALA C 323 -8.11 -23.56 -28.33
C ALA C 323 -7.19 -23.60 -29.54
N ARG C 324 -7.64 -24.26 -30.61
CA ARG C 324 -6.79 -24.46 -31.77
C ARG C 324 -7.63 -24.32 -33.04
N GLU C 325 -7.14 -23.52 -33.98
CA GLU C 325 -7.79 -23.38 -35.27
C GLU C 325 -6.73 -23.50 -36.37
N GLU C 326 -7.19 -23.91 -37.56
CA GLU C 326 -6.29 -24.12 -38.69
C GLU C 326 -6.86 -23.41 -39.92
N ILE C 327 -5.96 -22.89 -40.76
CA ILE C 327 -6.34 -22.16 -41.97
C ILE C 327 -5.56 -22.74 -43.14
N GLU C 328 -6.27 -23.12 -44.20
CA GLU C 328 -5.61 -23.49 -45.45
C GLU C 328 -5.06 -22.25 -46.13
N ILE C 329 -3.77 -22.28 -46.46
CA ILE C 329 -3.10 -21.15 -47.10
C ILE C 329 -2.28 -21.65 -48.28
N ALA C 330 -2.03 -20.75 -49.22
CA ALA C 330 -1.20 -21.04 -50.38
C ALA C 330 0.25 -20.78 -49.98
N TYR C 331 0.86 -21.80 -49.37
CA TYR C 331 2.22 -21.70 -48.86
C TYR C 331 3.02 -22.91 -49.34
N GLN C 332 4.32 -22.69 -49.54
CA GLN C 332 5.18 -23.70 -50.13
C GLN C 332 6.50 -23.90 -49.41
N GLY C 333 6.88 -22.99 -48.50
CA GLY C 333 8.21 -22.98 -47.92
C GLY C 333 8.34 -23.81 -46.66
N GLY C 334 9.38 -23.48 -45.89
CA GLY C 334 9.68 -24.24 -44.70
C GLY C 334 8.74 -23.95 -43.54
N GLU C 335 8.79 -24.83 -42.55
CA GLU C 335 7.94 -24.72 -41.37
C GLU C 335 8.54 -23.74 -40.37
N LEU C 336 7.67 -23.20 -39.51
CA LEU C 336 8.11 -22.22 -38.51
C LEU C 336 7.12 -22.20 -37.36
N GLU C 337 7.62 -22.15 -36.14
CA GLU C 337 6.81 -21.96 -34.94
C GLU C 337 7.16 -20.62 -34.33
N VAL C 338 6.16 -19.76 -34.15
CA VAL C 338 6.44 -18.41 -33.68
C VAL C 338 5.28 -17.92 -32.81
N GLY C 339 5.60 -17.28 -31.69
CA GLY C 339 4.61 -16.80 -30.75
C GLY C 339 4.40 -15.29 -30.87
N PHE C 340 3.17 -14.87 -30.58
CA PHE C 340 2.82 -13.46 -30.67
C PHE C 340 1.83 -13.08 -29.58
N ASN C 341 1.80 -11.79 -29.27
CA ASN C 341 0.72 -11.22 -28.48
C ASN C 341 -0.48 -11.02 -29.40
N ILE C 342 -1.57 -11.74 -29.12
CA ILE C 342 -2.67 -11.83 -30.07
C ILE C 342 -3.33 -10.49 -30.31
N GLY C 343 -3.23 -9.57 -29.34
CA GLY C 343 -3.75 -8.22 -29.55
C GLY C 343 -3.03 -7.49 -30.67
N TYR C 344 -1.71 -7.63 -30.72
CA TYR C 344 -0.94 -7.04 -31.81
C TYR C 344 -1.39 -7.58 -33.16
N LEU C 345 -1.61 -8.89 -33.24
CA LEU C 345 -2.06 -9.50 -34.49
C LEU C 345 -3.44 -9.01 -34.88
N MET C 346 -4.34 -8.88 -33.91
CA MET C 346 -5.71 -8.50 -34.23
C MET C 346 -5.85 -7.02 -34.55
N ASP C 347 -4.95 -6.17 -34.04
CA ASP C 347 -5.07 -4.74 -34.28
C ASP C 347 -4.99 -4.40 -35.77
N VAL C 348 -3.99 -4.94 -36.46
CA VAL C 348 -3.81 -4.62 -37.87
C VAL C 348 -4.96 -5.19 -38.70
N LEU C 349 -5.45 -6.38 -38.35
CA LEU C 349 -6.57 -6.94 -39.08
C LEU C 349 -7.85 -6.15 -38.86
N ARG C 350 -8.00 -5.54 -37.68
CA ARG C 350 -9.17 -4.71 -37.43
C ARG C 350 -9.10 -3.37 -38.15
N ASN C 351 -7.93 -2.72 -38.14
CA ASN C 351 -7.83 -1.35 -38.61
C ASN C 351 -7.51 -1.22 -40.10
N ILE C 352 -7.28 -2.32 -40.81
CA ILE C 352 -7.04 -2.29 -42.25
C ILE C 352 -8.28 -2.84 -42.94
N HIS C 353 -8.91 -2.03 -43.77
CA HIS C 353 -10.13 -2.43 -44.46
C HIS C 353 -9.78 -2.88 -45.89
N SER C 354 -9.19 -4.07 -45.95
CA SER C 354 -8.84 -4.72 -47.21
C SER C 354 -9.24 -6.19 -47.14
N ASP C 355 -9.39 -6.81 -48.32
CA ASP C 355 -9.88 -8.17 -48.38
C ASP C 355 -8.78 -9.20 -48.11
N ASP C 356 -7.55 -8.92 -48.54
CA ASP C 356 -6.45 -9.86 -48.40
C ASP C 356 -5.27 -9.18 -47.72
N MET C 357 -4.46 -9.98 -47.03
CA MET C 357 -3.26 -9.48 -46.39
C MET C 357 -2.10 -10.43 -46.64
N GLN C 358 -0.90 -9.86 -46.77
CA GLN C 358 0.32 -10.58 -47.08
C GLN C 358 1.17 -10.66 -45.81
N LEU C 359 1.48 -11.88 -45.39
CA LEU C 359 2.30 -12.14 -44.21
C LEU C 359 3.67 -12.63 -44.64
N ALA C 360 4.72 -12.01 -44.11
CA ALA C 360 6.10 -12.37 -44.38
C ALA C 360 6.79 -12.69 -43.06
N PHE C 361 7.34 -13.90 -42.97
CA PHE C 361 8.04 -14.38 -41.77
C PHE C 361 9.48 -14.70 -42.11
N GLY C 362 10.37 -14.42 -41.17
CA GLY C 362 11.75 -14.87 -41.23
C GLY C 362 11.93 -16.12 -40.39
N ASP C 363 12.88 -16.08 -39.45
CA ASP C 363 13.07 -17.17 -38.51
C ASP C 363 12.25 -16.91 -37.24
N ALA C 364 12.50 -17.70 -36.20
CA ALA C 364 11.69 -17.60 -34.98
C ALA C 364 11.84 -16.24 -34.31
N ASN C 365 13.07 -15.82 -34.06
CA ASN C 365 13.33 -14.54 -33.41
C ASN C 365 13.55 -13.42 -34.42
N ARG C 366 12.60 -13.27 -35.35
CA ARG C 366 12.61 -12.18 -36.31
C ARG C 366 11.23 -11.57 -36.41
N SER C 367 11.19 -10.30 -36.78
CA SER C 367 9.93 -9.59 -36.89
C SER C 367 9.11 -10.10 -38.07
N THR C 368 7.80 -10.04 -37.91
CA THR C 368 6.85 -10.45 -38.95
C THR C 368 6.28 -9.22 -39.62
N LEU C 369 6.18 -9.27 -40.95
CA LEU C 369 5.73 -8.15 -41.76
C LEU C 369 4.33 -8.42 -42.29
N PHE C 370 3.44 -7.45 -42.12
CA PHE C 370 2.09 -7.46 -42.66
C PHE C 370 1.99 -6.36 -43.70
N THR C 371 1.48 -6.70 -44.89
CA THR C 371 1.31 -5.73 -45.95
C THR C 371 -0.01 -5.99 -46.68
N VAL C 372 -0.38 -5.05 -47.53
CA VAL C 372 -1.50 -5.21 -48.45
C VAL C 372 -0.93 -5.59 -49.82
N PRO C 373 -1.47 -6.60 -50.49
CA PRO C 373 -0.87 -7.06 -51.74
C PRO C 373 -0.76 -5.94 -52.78
N ASN C 374 0.45 -5.80 -53.33
CA ASN C 374 0.75 -4.80 -54.35
C ASN C 374 0.47 -3.38 -53.87
N ASN C 375 0.64 -3.14 -52.57
CA ASN C 375 0.50 -1.80 -52.00
C ASN C 375 1.79 -1.46 -51.27
N PRO C 376 2.71 -0.72 -51.91
CA PRO C 376 4.00 -0.41 -51.27
C PRO C 376 3.95 0.72 -50.25
N ASN C 377 2.77 1.24 -49.93
CA ASN C 377 2.64 2.39 -49.06
C ASN C 377 2.36 2.03 -47.60
N PHE C 378 2.24 0.74 -47.28
CA PHE C 378 1.89 0.31 -45.93
C PHE C 378 2.79 -0.82 -45.48
N LYS C 379 3.18 -0.78 -44.21
CA LYS C 379 3.96 -1.84 -43.59
C LYS C 379 3.59 -1.96 -42.13
N TYR C 380 3.52 -3.20 -41.63
CA TYR C 380 3.28 -3.45 -40.21
C TYR C 380 4.30 -4.47 -39.72
N ILE C 381 4.92 -4.20 -38.59
CA ILE C 381 6.03 -5.01 -38.09
C ILE C 381 5.71 -5.45 -36.66
N VAL C 382 5.82 -6.74 -36.39
CA VAL C 382 5.57 -7.29 -35.06
C VAL C 382 6.76 -8.13 -34.63
N MET C 383 7.38 -7.75 -33.52
CA MET C 383 8.40 -8.61 -32.92
C MET C 383 7.72 -9.81 -32.25
N PRO C 384 8.34 -10.99 -32.28
CA PRO C 384 7.74 -12.17 -31.65
C PRO C 384 8.04 -12.21 -30.16
N MET C 385 7.37 -13.15 -29.48
CA MET C 385 7.56 -13.40 -28.07
C MET C 385 7.95 -14.87 -27.86
N ARG C 386 8.01 -15.28 -26.61
CA ARG C 386 8.28 -16.68 -26.28
C ARG C 386 7.29 -17.20 -25.25
N HIS D 20 -13.55 -41.48 -25.93
CA HIS D 20 -14.07 -40.25 -26.54
C HIS D 20 -15.49 -40.44 -27.05
N MET D 21 -16.47 -40.14 -26.21
CA MET D 21 -17.88 -40.30 -26.53
C MET D 21 -18.45 -38.95 -26.99
N LEU D 22 -19.01 -38.93 -28.19
CA LEU D 22 -19.69 -37.75 -28.69
C LEU D 22 -21.03 -37.60 -27.99
N ILE D 23 -21.24 -36.47 -27.32
CA ILE D 23 -22.43 -36.33 -26.49
C ILE D 23 -23.44 -35.38 -27.12
N LEU D 24 -22.97 -34.41 -27.90
CA LEU D 24 -23.93 -33.47 -28.46
C LEU D 24 -23.51 -33.01 -29.84
N GLN D 25 -24.49 -32.65 -30.67
CA GLN D 25 -24.24 -32.03 -31.96
C GLN D 25 -25.47 -31.23 -32.35
N ALA D 26 -25.27 -29.95 -32.69
CA ALA D 26 -26.39 -29.09 -33.06
C ALA D 26 -25.88 -27.87 -33.81
N GLU D 27 -26.80 -27.20 -34.49
CA GLU D 27 -26.48 -25.95 -35.16
C GLU D 27 -26.16 -24.87 -34.12
N ARG D 28 -25.33 -23.90 -34.51
CA ARG D 28 -24.79 -22.95 -33.55
C ARG D 28 -25.88 -22.19 -32.82
N ASP D 29 -26.84 -21.63 -33.56
CA ASP D 29 -27.90 -20.85 -32.92
C ASP D 29 -28.76 -21.73 -32.02
N SER D 30 -29.00 -22.97 -32.42
CA SER D 30 -29.83 -23.88 -31.63
C SER D 30 -29.22 -24.17 -30.27
N LEU D 31 -27.93 -23.89 -30.08
CA LEU D 31 -27.28 -23.97 -28.78
C LEU D 31 -27.13 -22.61 -28.11
N LEU D 32 -26.75 -21.58 -28.87
CA LEU D 32 -26.49 -20.27 -28.30
C LEU D 32 -27.76 -19.62 -27.77
N LYS D 33 -28.86 -19.73 -28.52
CA LYS D 33 -30.12 -19.12 -28.10
C LYS D 33 -30.63 -19.66 -26.77
N PRO D 34 -30.68 -20.98 -26.54
CA PRO D 34 -31.02 -21.44 -25.18
C PRO D 34 -30.03 -20.99 -24.11
N LEU D 35 -28.74 -20.87 -24.45
CA LEU D 35 -27.75 -20.43 -23.46
C LEU D 35 -28.02 -19.02 -22.97
N GLN D 36 -28.43 -18.12 -23.87
CA GLN D 36 -28.57 -16.71 -23.52
C GLN D 36 -29.65 -16.47 -22.50
N ALA D 37 -30.51 -17.45 -22.23
CA ALA D 37 -31.48 -17.38 -21.13
C ALA D 37 -30.84 -17.68 -19.78
N PHE D 38 -29.51 -17.72 -19.69
CA PHE D 38 -28.85 -18.08 -18.44
C PHE D 38 -27.68 -17.18 -18.05
N THR D 39 -27.15 -16.36 -18.96
CA THR D 39 -26.02 -15.50 -18.60
C THR D 39 -26.39 -14.50 -17.51
N GLY D 40 -27.67 -14.17 -17.37
CA GLY D 40 -28.07 -13.18 -16.37
C GLY D 40 -27.86 -13.64 -14.94
N ILE D 41 -28.23 -14.89 -14.64
CA ILE D 41 -28.19 -15.36 -13.26
C ILE D 41 -26.87 -16.01 -12.87
N VAL D 42 -25.96 -16.19 -13.82
CA VAL D 42 -24.63 -16.72 -13.49
C VAL D 42 -23.76 -15.58 -13.01
N GLU D 43 -23.23 -15.69 -11.80
CA GLU D 43 -22.33 -14.69 -11.25
C GLU D 43 -20.90 -15.03 -11.68
N ARG D 44 -20.25 -14.06 -12.33
CA ARG D 44 -19.03 -14.36 -13.08
C ARG D 44 -17.92 -14.84 -12.15
N LEU D 45 -17.82 -14.28 -10.95
CA LEU D 45 -16.87 -14.74 -9.95
C LEU D 45 -17.66 -15.01 -8.67
N HIS D 46 -17.73 -16.28 -8.27
CA HIS D 46 -18.54 -16.70 -7.13
C HIS D 46 -17.70 -17.61 -6.23
N THR D 47 -18.14 -17.73 -4.98
CA THR D 47 -17.42 -18.55 -4.02
C THR D 47 -17.41 -20.02 -4.43
N LEU D 48 -18.55 -20.54 -4.90
CA LEU D 48 -18.61 -21.92 -5.37
C LEU D 48 -18.16 -21.99 -6.82
N PRO D 49 -17.14 -22.78 -7.16
CA PRO D 49 -16.70 -22.87 -8.56
C PRO D 49 -17.79 -23.34 -9.52
N ILE D 50 -18.57 -24.35 -9.13
CA ILE D 50 -19.54 -24.92 -10.07
C ILE D 50 -20.72 -23.99 -10.30
N LEU D 51 -20.93 -23.01 -9.42
CA LEU D 51 -21.97 -22.02 -9.67
C LEU D 51 -21.64 -21.09 -10.82
N SER D 52 -20.39 -21.09 -11.30
CA SER D 52 -20.02 -20.39 -12.51
C SER D 52 -20.25 -21.21 -13.76
N ASN D 53 -20.69 -22.46 -13.62
CA ASN D 53 -20.88 -23.38 -14.73
C ASN D 53 -22.35 -23.56 -15.05
N VAL D 54 -22.63 -23.74 -16.34
CA VAL D 54 -23.94 -24.14 -16.83
C VAL D 54 -24.01 -25.66 -16.84
N LEU D 55 -25.18 -26.19 -16.50
CA LEU D 55 -25.45 -27.62 -16.48
C LEU D 55 -26.15 -28.00 -17.78
N ILE D 56 -25.55 -28.93 -18.52
CA ILE D 56 -26.14 -29.48 -19.74
C ILE D 56 -26.53 -30.92 -19.45
N GLU D 57 -27.81 -31.24 -19.68
CA GLU D 57 -28.38 -32.54 -19.32
C GLU D 57 -29.15 -33.08 -20.51
N GLY D 58 -28.68 -34.19 -21.07
CA GLY D 58 -29.33 -34.83 -22.21
C GLY D 58 -29.95 -36.15 -21.79
N ARG D 59 -31.22 -36.32 -22.12
CA ARG D 59 -31.98 -37.50 -21.77
C ARG D 59 -33.02 -37.77 -22.85
N GLY D 60 -33.11 -39.02 -23.30
CA GLY D 60 -34.11 -39.40 -24.28
C GLY D 60 -34.04 -38.63 -25.58
N GLY D 61 -32.85 -38.16 -25.96
CA GLY D 61 -32.70 -37.38 -27.16
C GLY D 61 -33.02 -35.91 -27.01
N GLN D 62 -33.45 -35.46 -25.83
CA GLN D 62 -33.77 -34.07 -25.57
C GLN D 62 -32.73 -33.46 -24.65
N THR D 63 -32.41 -32.20 -24.89
CA THR D 63 -31.38 -31.49 -24.14
C THR D 63 -32.00 -30.41 -23.27
N LYS D 64 -31.46 -30.25 -22.07
CA LYS D 64 -31.87 -29.23 -21.12
C LYS D 64 -30.66 -28.44 -20.69
N LEU D 65 -30.81 -27.12 -20.63
CA LEU D 65 -29.77 -26.24 -20.12
C LEU D 65 -30.28 -25.60 -18.83
N LEU D 66 -29.40 -25.54 -17.81
CA LEU D 66 -29.81 -25.06 -16.51
C LEU D 66 -28.70 -24.23 -15.88
N ALA D 67 -29.09 -23.27 -15.06
CA ALA D 67 -28.16 -22.46 -14.29
C ALA D 67 -28.84 -21.98 -13.03
N THR D 68 -28.04 -21.61 -12.03
CA THR D 68 -28.58 -21.13 -10.77
C THR D 68 -27.53 -20.33 -10.01
N ASP D 69 -28.02 -19.48 -9.10
CA ASP D 69 -27.19 -18.79 -8.13
C ASP D 69 -27.64 -19.09 -6.70
N LEU D 70 -28.44 -20.14 -6.54
CA LEU D 70 -29.05 -20.59 -5.27
C LEU D 70 -30.19 -19.68 -4.84
N GLU D 71 -30.39 -18.57 -5.54
CA GLU D 71 -31.58 -17.74 -5.35
C GLU D 71 -32.54 -17.83 -6.51
N ILE D 72 -32.04 -17.82 -7.73
CA ILE D 72 -32.83 -18.00 -8.94
C ILE D 72 -32.23 -19.16 -9.72
N GLN D 73 -33.08 -20.12 -10.09
CA GLN D 73 -32.68 -21.20 -10.99
C GLN D 73 -33.49 -21.08 -12.26
N ILE D 74 -32.81 -21.02 -13.40
CA ILE D 74 -33.46 -20.96 -14.70
C ILE D 74 -33.09 -22.21 -15.47
N ASP D 75 -34.09 -22.83 -16.08
CA ASP D 75 -33.89 -23.97 -16.97
C ASP D 75 -34.69 -23.78 -18.24
N THR D 76 -34.17 -24.32 -19.34
CA THR D 76 -34.88 -24.25 -20.61
C THR D 76 -34.51 -25.46 -21.45
N ALA D 77 -35.37 -25.74 -22.44
CA ALA D 77 -35.09 -26.79 -23.40
C ALA D 77 -34.02 -26.32 -24.37
N GLY D 78 -32.97 -27.13 -24.53
CA GLY D 78 -31.92 -26.83 -25.46
C GLY D 78 -32.22 -27.38 -26.83
N PRO D 79 -31.18 -27.65 -27.61
CA PRO D 79 -31.40 -28.27 -28.93
C PRO D 79 -31.77 -29.73 -28.81
N GLU D 80 -31.88 -30.42 -29.93
CA GLU D 80 -32.20 -31.85 -29.95
C GLU D 80 -31.04 -32.62 -30.57
N GLY D 81 -31.26 -33.91 -30.78
CA GLY D 81 -30.27 -34.77 -31.39
C GLY D 81 -30.12 -36.05 -30.61
N GLY D 82 -28.95 -36.67 -30.76
CA GLY D 82 -28.64 -37.89 -30.03
C GLY D 82 -28.81 -37.70 -28.55
N ALA D 83 -27.96 -36.85 -27.95
CA ALA D 83 -28.11 -36.36 -26.59
C ALA D 83 -28.53 -37.45 -25.61
N GLY D 84 -27.89 -38.61 -25.69
CA GLY D 84 -28.32 -39.76 -24.94
C GLY D 84 -27.69 -39.92 -23.57
N ASP D 85 -28.41 -39.48 -22.52
CA ASP D 85 -28.08 -39.79 -21.14
C ASP D 85 -26.69 -39.29 -20.75
N PHE D 86 -26.56 -37.97 -20.72
CA PHE D 86 -25.36 -37.33 -20.21
C PHE D 86 -25.72 -36.17 -19.30
N ARG D 87 -24.81 -35.87 -18.36
CA ARG D 87 -24.93 -34.69 -17.51
C ARG D 87 -23.53 -34.14 -17.28
N ILE D 88 -23.31 -32.88 -17.67
CA ILE D 88 -22.02 -32.22 -17.51
C ILE D 88 -22.25 -30.80 -17.03
N THR D 89 -21.22 -30.20 -16.43
CA THR D 89 -21.24 -28.76 -16.20
C THR D 89 -19.98 -28.15 -16.80
N THR D 90 -20.13 -27.02 -17.47
CA THR D 90 -18.98 -26.34 -18.05
C THR D 90 -19.14 -24.83 -17.87
N ASN D 91 -18.00 -24.14 -17.86
CA ASN D 91 -18.00 -22.70 -17.58
C ASN D 91 -18.95 -21.97 -18.53
N ALA D 92 -19.88 -21.21 -17.95
CA ALA D 92 -20.94 -20.60 -18.75
C ALA D 92 -20.39 -19.50 -19.66
N LYS D 93 -19.57 -18.60 -19.11
CA LYS D 93 -19.10 -17.47 -19.88
C LYS D 93 -18.25 -17.91 -21.07
N LYS D 94 -17.28 -18.80 -20.83
CA LYS D 94 -16.40 -19.24 -21.91
C LYS D 94 -17.19 -20.01 -22.98
N PHE D 95 -18.12 -20.88 -22.56
CA PHE D 95 -18.90 -21.63 -23.52
C PHE D 95 -19.76 -20.71 -24.38
N GLN D 96 -20.41 -19.71 -23.75
CA GLN D 96 -21.21 -18.76 -24.52
C GLN D 96 -20.34 -17.92 -25.45
N ASP D 97 -19.15 -17.52 -24.99
CA ASP D 97 -18.26 -16.72 -25.82
C ASP D 97 -17.77 -17.53 -27.02
N ILE D 98 -17.44 -18.80 -26.81
CA ILE D 98 -17.03 -19.66 -27.92
C ILE D 98 -18.17 -19.83 -28.90
N LEU D 99 -19.39 -20.04 -28.40
CA LEU D 99 -20.54 -20.21 -29.29
C LEU D 99 -20.78 -18.94 -30.11
N ARG D 100 -20.75 -17.78 -29.48
CA ARG D 100 -21.00 -16.54 -30.21
C ARG D 100 -19.89 -16.20 -31.19
N ALA D 101 -18.69 -16.77 -31.02
CA ALA D 101 -17.58 -16.49 -31.92
C ALA D 101 -17.60 -17.36 -33.17
N LEU D 102 -18.57 -18.25 -33.31
CA LEU D 102 -18.66 -19.17 -34.43
C LEU D 102 -19.51 -18.59 -35.56
N PRO D 103 -19.38 -19.11 -36.78
CA PRO D 103 -20.18 -18.59 -37.90
C PRO D 103 -21.67 -18.77 -37.71
N ALA D 104 -22.45 -18.19 -38.64
CA ALA D 104 -23.89 -18.08 -38.46
C ALA D 104 -24.57 -19.43 -38.35
N GLY D 105 -24.20 -20.38 -39.21
CA GLY D 105 -24.88 -21.67 -39.23
C GLY D 105 -23.96 -22.85 -38.98
N ALA D 106 -22.95 -22.65 -38.14
CA ALA D 106 -21.96 -23.68 -37.90
C ALA D 106 -22.57 -24.87 -37.17
N LEU D 107 -22.03 -26.05 -37.43
CA LEU D 107 -22.43 -27.28 -36.75
C LEU D 107 -21.44 -27.53 -35.62
N VAL D 108 -21.91 -27.41 -34.38
CA VAL D 108 -21.09 -27.55 -33.19
C VAL D 108 -21.25 -28.96 -32.65
N SER D 109 -20.13 -29.60 -32.30
CA SER D 109 -20.11 -30.94 -31.75
C SER D 109 -19.39 -30.93 -30.42
N LEU D 110 -19.99 -31.54 -29.41
CA LEU D 110 -19.43 -31.65 -28.07
C LEU D 110 -19.09 -33.11 -27.80
N ASP D 111 -17.80 -33.37 -27.63
CA ASP D 111 -17.24 -34.67 -27.24
C ASP D 111 -16.88 -34.65 -25.76
N TRP D 112 -17.01 -35.80 -25.11
CA TRP D 112 -16.73 -35.93 -23.69
C TRP D 112 -15.60 -36.94 -23.51
N ASP D 113 -14.49 -36.49 -22.92
CA ASP D 113 -13.33 -37.34 -22.66
C ASP D 113 -12.93 -37.13 -21.20
N ASP D 114 -13.54 -37.92 -20.32
CA ASP D 114 -13.24 -37.88 -18.88
C ASP D 114 -13.50 -36.49 -18.30
N ASN D 115 -12.42 -35.75 -18.02
CA ASN D 115 -12.51 -34.43 -17.42
C ASN D 115 -12.45 -33.30 -18.45
N ARG D 116 -12.53 -33.62 -19.74
CA ARG D 116 -12.40 -32.63 -20.80
C ARG D 116 -13.60 -32.67 -21.72
N LEU D 117 -14.06 -31.48 -22.12
CA LEU D 117 -15.12 -31.32 -23.10
C LEU D 117 -14.49 -30.71 -24.35
N THR D 118 -14.62 -31.41 -25.48
CA THR D 118 -14.06 -30.93 -26.73
C THR D 118 -15.19 -30.33 -27.57
N LEU D 119 -15.07 -29.03 -27.88
CA LEU D 119 -15.98 -28.35 -28.77
C LEU D 119 -15.33 -28.28 -30.15
N LYS D 120 -15.99 -28.85 -31.14
CA LYS D 120 -15.50 -28.85 -32.52
C LYS D 120 -16.49 -28.13 -33.40
N ALA D 121 -16.01 -27.15 -34.15
CA ALA D 121 -16.86 -26.39 -35.06
C ALA D 121 -16.00 -25.91 -36.22
N GLY D 122 -16.34 -26.34 -37.43
CA GLY D 122 -15.55 -25.98 -38.59
C GLY D 122 -14.14 -26.51 -38.45
N LYS D 123 -13.18 -25.59 -38.48
CA LYS D 123 -11.77 -25.92 -38.30
C LYS D 123 -11.26 -25.52 -36.92
N SER D 124 -12.15 -25.45 -35.93
CA SER D 124 -11.82 -24.96 -34.60
C SER D 124 -12.09 -26.05 -33.57
N ARG D 125 -11.09 -26.31 -32.72
CA ARG D 125 -11.23 -27.21 -31.57
C ARG D 125 -10.93 -26.44 -30.29
N PHE D 126 -11.78 -26.65 -29.28
CA PHE D 126 -11.62 -26.05 -27.97
C PHE D 126 -11.62 -27.16 -26.93
N ALA D 127 -10.63 -27.17 -26.05
CA ALA D 127 -10.55 -28.11 -24.95
C ALA D 127 -10.93 -27.38 -23.68
N LEU D 128 -12.13 -27.68 -23.15
CA LEU D 128 -12.68 -26.99 -22.00
C LEU D 128 -12.69 -27.92 -20.80
N GLN D 129 -12.55 -27.33 -19.61
CA GLN D 129 -12.61 -28.10 -18.38
C GLN D 129 -14.05 -28.17 -17.89
N THR D 130 -14.42 -29.32 -17.33
CA THR D 130 -15.78 -29.57 -16.88
C THR D 130 -15.80 -29.93 -15.41
N LEU D 131 -17.00 -29.86 -14.83
CA LEU D 131 -17.23 -30.24 -13.45
C LEU D 131 -18.43 -31.19 -13.37
N PRO D 132 -18.42 -32.08 -12.38
CA PRO D 132 -19.45 -33.13 -12.32
C PRO D 132 -20.82 -32.57 -12.00
N ALA D 133 -21.83 -33.11 -12.69
CA ALA D 133 -23.21 -32.73 -12.42
C ALA D 133 -23.67 -33.16 -11.04
N ALA D 134 -23.04 -34.17 -10.45
CA ALA D 134 -23.38 -34.57 -9.09
C ALA D 134 -23.06 -33.50 -8.07
N ASP D 135 -22.22 -32.54 -8.44
CA ASP D 135 -21.87 -31.42 -7.56
C ASP D 135 -22.67 -30.16 -7.84
N PHE D 136 -23.60 -30.20 -8.78
CA PHE D 136 -24.35 -29.02 -9.16
C PHE D 136 -25.53 -28.82 -8.22
N PRO D 137 -25.66 -27.68 -7.54
CA PRO D 137 -26.73 -27.47 -6.56
C PRO D 137 -28.09 -27.17 -7.19
N MET D 138 -28.78 -28.25 -7.57
CA MET D 138 -30.16 -28.12 -8.04
C MET D 138 -31.04 -27.56 -6.92
N MET D 139 -31.87 -26.57 -7.27
CA MET D 139 -32.74 -25.97 -6.27
C MET D 139 -33.75 -26.99 -5.75
N ASN D 140 -33.99 -26.96 -4.44
CA ASN D 140 -35.01 -27.81 -3.82
C ASN D 140 -36.37 -27.21 -4.14
N VAL D 141 -36.87 -27.53 -5.32
CA VAL D 141 -38.13 -26.96 -5.80
C VAL D 141 -39.27 -27.46 -4.93
N GLY D 142 -40.12 -26.55 -4.48
CA GLY D 142 -41.27 -26.93 -3.70
C GLY D 142 -42.31 -27.65 -4.52
N GLU D 143 -43.24 -28.29 -3.81
CA GLU D 143 -44.32 -29.05 -4.44
C GLU D 143 -45.68 -28.70 -3.88
N ASP D 144 -45.78 -27.67 -3.05
CA ASP D 144 -47.04 -27.21 -2.49
C ASP D 144 -47.41 -25.89 -3.17
N ILE D 145 -48.26 -25.97 -4.19
CA ILE D 145 -48.67 -24.80 -4.95
C ILE D 145 -49.93 -24.23 -4.32
N SER D 146 -49.89 -22.94 -3.98
CA SER D 146 -51.03 -22.27 -3.38
C SER D 146 -51.94 -21.66 -4.44
N ALA D 147 -51.41 -20.76 -5.25
CA ALA D 147 -52.18 -20.07 -6.29
C ALA D 147 -51.43 -20.13 -7.61
N THR D 148 -52.13 -20.54 -8.67
CA THR D 148 -51.59 -20.56 -10.01
C THR D 148 -52.48 -19.71 -10.91
N PHE D 149 -51.86 -18.85 -11.71
CA PHE D 149 -52.59 -18.03 -12.66
C PHE D 149 -51.70 -17.80 -13.87
N SER D 150 -52.22 -17.04 -14.84
CA SER D 150 -51.46 -16.73 -16.04
C SER D 150 -51.97 -15.43 -16.63
N LEU D 151 -51.10 -14.78 -17.40
CA LEU D 151 -51.49 -13.53 -18.04
C LEU D 151 -50.58 -13.27 -19.24
N GLY D 152 -51.06 -12.39 -20.12
CA GLY D 152 -50.28 -12.05 -21.30
C GLY D 152 -48.94 -11.46 -20.93
N GLN D 153 -47.90 -11.88 -21.67
CA GLN D 153 -46.54 -11.43 -21.35
C GLN D 153 -46.39 -9.92 -21.53
N GLU D 154 -47.10 -9.34 -22.50
CA GLU D 154 -46.95 -7.91 -22.74
C GLU D 154 -47.51 -7.08 -21.59
N ARG D 155 -48.70 -7.44 -21.08
CA ARG D 155 -49.26 -6.72 -19.95
C ARG D 155 -48.38 -6.86 -18.71
N PHE D 156 -47.87 -8.07 -18.46
CA PHE D 156 -46.99 -8.30 -17.32
C PHE D 156 -45.72 -7.45 -17.44
N LYS D 157 -45.13 -7.41 -18.63
CA LYS D 157 -43.95 -6.58 -18.85
C LYS D 157 -44.26 -5.10 -18.67
N THR D 158 -45.44 -4.66 -19.13
CA THR D 158 -45.82 -3.26 -18.97
C THR D 158 -45.94 -2.89 -17.51
N MET D 159 -46.60 -3.75 -16.71
CA MET D 159 -46.71 -3.48 -15.28
C MET D 159 -45.35 -3.47 -14.60
N LEU D 160 -44.50 -4.43 -14.95
CA LEU D 160 -43.16 -4.49 -14.37
C LEU D 160 -42.37 -3.24 -14.70
N SER D 161 -42.47 -2.75 -15.93
CA SER D 161 -41.81 -1.51 -16.31
C SER D 161 -42.42 -0.32 -15.58
N GLN D 162 -43.72 -0.36 -15.28
CA GLN D 162 -44.37 0.74 -14.58
C GLN D 162 -43.92 0.81 -13.12
N VAL D 163 -43.55 -0.32 -12.52
CA VAL D 163 -43.24 -0.32 -11.09
C VAL D 163 -41.75 -0.49 -10.77
N GLN D 164 -40.91 -0.90 -11.73
CA GLN D 164 -39.56 -1.33 -11.38
C GLN D 164 -38.72 -0.20 -10.79
N TYR D 165 -38.87 1.03 -11.29
CA TYR D 165 -37.91 2.08 -10.97
C TYR D 165 -38.01 2.54 -9.53
N SER D 166 -39.11 2.27 -8.84
CA SER D 166 -39.23 2.64 -7.43
C SER D 166 -38.59 1.63 -6.48
N MET D 167 -38.07 0.52 -7.00
CA MET D 167 -37.43 -0.48 -6.16
C MET D 167 -36.17 0.09 -5.51
N ALA D 168 -35.86 -0.42 -4.33
CA ALA D 168 -34.59 -0.11 -3.68
C ALA D 168 -33.50 -1.05 -4.19
N VAL D 169 -32.28 -0.54 -4.25
CA VAL D 169 -31.13 -1.32 -4.69
C VAL D 169 -30.12 -1.37 -3.54
N GLN D 170 -29.81 -2.59 -3.08
CA GLN D 170 -28.80 -2.81 -2.06
C GLN D 170 -29.09 -1.98 -0.80
N ASP D 171 -30.37 -1.81 -0.50
CA ASP D 171 -30.80 -1.11 0.70
C ASP D 171 -30.59 -1.97 1.94
N ILE D 172 -30.48 -1.30 3.08
CA ILE D 172 -30.37 -2.01 4.35
C ILE D 172 -31.63 -2.83 4.63
N ARG D 173 -32.80 -2.25 4.37
CA ARG D 173 -34.07 -2.95 4.55
C ARG D 173 -34.27 -3.85 3.33
N TYR D 174 -33.85 -5.10 3.48
CA TYR D 174 -33.75 -6.01 2.35
C TYR D 174 -35.10 -6.27 1.70
N TYR D 175 -36.19 -6.19 2.47
CA TYR D 175 -37.50 -6.42 1.89
C TYR D 175 -37.87 -5.37 0.85
N LEU D 176 -37.21 -4.21 0.87
CA LEU D 176 -37.44 -3.20 -0.15
C LEU D 176 -36.60 -3.43 -1.41
N ASN D 177 -35.61 -4.32 -1.35
CA ASN D 177 -34.79 -4.67 -2.51
C ASN D 177 -35.52 -5.66 -3.39
N GLY D 178 -36.73 -5.28 -3.79
CA GLY D 178 -37.58 -6.17 -4.54
C GLY D 178 -38.91 -5.53 -4.86
N LEU D 179 -39.87 -6.40 -5.17
CA LEU D 179 -41.16 -5.98 -5.71
C LEU D 179 -42.23 -6.86 -5.09
N LEU D 180 -43.21 -6.25 -4.44
CA LEU D 180 -44.33 -7.00 -3.88
C LEU D 180 -45.32 -7.34 -4.98
N MET D 181 -45.55 -8.64 -5.17
CA MET D 181 -46.56 -9.14 -6.10
C MET D 181 -47.69 -9.72 -5.28
N GLN D 182 -48.91 -9.18 -5.47
CA GLN D 182 -50.04 -9.50 -4.61
C GLN D 182 -51.25 -9.83 -5.47
N VAL D 183 -51.88 -10.97 -5.19
CA VAL D 183 -53.07 -11.42 -5.90
C VAL D 183 -54.23 -11.46 -4.92
N GLU D 184 -55.35 -10.85 -5.31
CA GLU D 184 -56.56 -10.89 -4.51
C GLU D 184 -57.76 -10.91 -5.43
N GLY D 185 -58.62 -11.90 -5.26
CA GLY D 185 -59.77 -12.04 -6.13
C GLY D 185 -59.33 -12.23 -7.57
N SER D 186 -59.77 -11.31 -8.44
CA SER D 186 -59.38 -11.31 -9.84
C SER D 186 -58.40 -10.18 -10.17
N GLN D 187 -57.68 -9.68 -9.16
CA GLN D 187 -56.81 -8.52 -9.33
C GLN D 187 -55.38 -8.86 -8.94
N LEU D 188 -54.43 -8.38 -9.75
CA LEU D 188 -53.01 -8.55 -9.52
C LEU D 188 -52.35 -7.18 -9.41
N ARG D 189 -51.55 -7.00 -8.36
CA ARG D 189 -50.94 -5.72 -8.05
C ARG D 189 -49.44 -5.88 -7.84
N LEU D 190 -48.69 -4.91 -8.36
CA LEU D 190 -47.25 -4.82 -8.17
C LEU D 190 -46.93 -3.53 -7.45
N VAL D 191 -46.20 -3.63 -6.34
CA VAL D 191 -45.85 -2.48 -5.51
C VAL D 191 -44.33 -2.46 -5.36
N ALA D 192 -43.73 -1.28 -5.51
CA ALA D 192 -42.30 -1.13 -5.33
C ALA D 192 -42.00 0.16 -4.59
N THR D 193 -41.07 0.09 -3.65
CA THR D 193 -40.72 1.27 -2.86
C THR D 193 -39.29 1.15 -2.35
N ASP D 194 -38.71 2.31 -2.01
CA ASP D 194 -37.37 2.39 -1.46
C ASP D 194 -37.31 3.23 -0.19
N GLY D 195 -38.46 3.47 0.43
CA GLY D 195 -38.53 4.34 1.59
C GLY D 195 -38.62 5.81 1.27
N HIS D 196 -38.55 6.19 0.01
CA HIS D 196 -38.65 7.58 -0.41
C HIS D 196 -39.64 7.79 -1.55
N ARG D 197 -40.09 6.73 -2.20
CA ARG D 197 -41.08 6.81 -3.27
C ARG D 197 -41.76 5.45 -3.37
N LEU D 198 -42.88 5.43 -4.07
CA LEU D 198 -43.65 4.19 -4.21
C LEU D 198 -44.38 4.18 -5.54
N ALA D 199 -44.29 3.04 -6.24
CA ALA D 199 -45.00 2.81 -7.48
C ALA D 199 -45.99 1.68 -7.27
N TYR D 200 -47.24 1.90 -7.68
CA TYR D 200 -48.33 0.95 -7.53
C TYR D 200 -48.97 0.74 -8.89
N ALA D 201 -49.03 -0.51 -9.35
CA ALA D 201 -49.72 -0.86 -10.57
C ALA D 201 -50.66 -2.01 -10.31
N ALA D 202 -51.82 -1.99 -10.97
CA ALA D 202 -52.83 -3.02 -10.79
C ALA D 202 -53.41 -3.40 -12.14
N CYS D 203 -53.90 -4.63 -12.22
CA CYS D 203 -54.60 -5.10 -13.42
C CYS D 203 -55.54 -6.22 -13.03
N ALA D 204 -56.43 -6.56 -13.97
CA ALA D 204 -57.36 -7.65 -13.79
C ALA D 204 -56.83 -8.90 -14.50
N ILE D 205 -56.74 -9.99 -13.76
CA ILE D 205 -56.27 -11.27 -14.29
C ILE D 205 -57.42 -12.27 -14.25
N ASP D 206 -57.51 -13.11 -15.28
CA ASP D 206 -58.60 -14.07 -15.41
C ASP D 206 -58.39 -15.20 -14.40
N ALA D 207 -58.71 -14.89 -13.14
CA ALA D 207 -58.56 -15.86 -12.06
C ALA D 207 -59.42 -15.42 -10.89
N ASP D 208 -59.51 -16.29 -9.89
CA ASP D 208 -60.19 -15.98 -8.62
C ASP D 208 -59.35 -16.64 -7.53
N LEU D 209 -58.42 -15.88 -6.95
CA LEU D 209 -57.44 -16.43 -6.03
C LEU D 209 -57.60 -15.84 -4.64
N PRO D 210 -57.31 -16.61 -3.60
CA PRO D 210 -57.28 -16.04 -2.25
C PRO D 210 -56.14 -15.04 -2.12
N ARG D 211 -56.32 -14.06 -1.23
CA ARG D 211 -55.34 -13.00 -1.08
C ARG D 211 -53.99 -13.56 -0.66
N ALA D 212 -53.01 -13.48 -1.55
CA ALA D 212 -51.65 -13.92 -1.28
C ALA D 212 -50.68 -12.87 -1.79
N GLU D 213 -49.48 -12.87 -1.23
CA GLU D 213 -48.48 -11.90 -1.64
C GLU D 213 -47.09 -12.49 -1.44
N VAL D 214 -46.17 -12.10 -2.33
CA VAL D 214 -44.78 -12.51 -2.25
C VAL D 214 -43.91 -11.28 -2.54
N ILE D 215 -42.64 -11.38 -2.14
CA ILE D 215 -41.67 -10.32 -2.42
C ILE D 215 -40.65 -10.85 -3.42
N LEU D 216 -40.88 -10.60 -4.70
CA LEU D 216 -39.94 -11.02 -5.73
C LEU D 216 -38.63 -10.26 -5.57
N PRO D 217 -37.50 -10.93 -5.53
CA PRO D 217 -36.22 -10.22 -5.47
C PRO D 217 -35.97 -9.39 -6.72
N ARG D 218 -35.09 -8.40 -6.56
CA ARG D 218 -34.78 -7.50 -7.67
C ARG D 218 -34.18 -8.25 -8.86
N LYS D 219 -33.26 -9.18 -8.59
CA LYS D 219 -32.64 -9.94 -9.67
C LYS D 219 -33.66 -10.77 -10.43
N THR D 220 -34.61 -11.37 -9.70
CA THR D 220 -35.70 -12.09 -10.36
C THR D 220 -36.55 -11.14 -11.21
N VAL D 221 -36.75 -9.91 -10.72
CA VAL D 221 -37.51 -8.93 -11.50
C VAL D 221 -36.82 -8.64 -12.83
N LEU D 222 -35.50 -8.42 -12.79
CA LEU D 222 -34.78 -8.11 -14.03
C LEU D 222 -34.72 -9.31 -14.97
N GLU D 223 -34.49 -10.51 -14.42
CA GLU D 223 -34.47 -11.69 -15.28
C GLU D 223 -35.83 -11.94 -15.91
N LEU D 224 -36.91 -11.75 -15.15
CA LEU D 224 -38.25 -11.87 -15.69
C LEU D 224 -38.52 -10.81 -16.74
N PHE D 225 -37.95 -9.61 -16.55
CA PHE D 225 -38.03 -8.57 -17.57
C PHE D 225 -37.40 -9.03 -18.87
N LYS D 226 -36.23 -9.67 -18.77
CA LYS D 226 -35.59 -10.22 -19.97
C LYS D 226 -36.45 -11.33 -20.59
N LEU D 227 -37.08 -12.15 -19.75
CA LEU D 227 -37.78 -13.33 -20.23
C LEU D 227 -38.97 -12.98 -21.13
N LEU D 228 -39.72 -11.93 -20.77
CA LEU D 228 -40.96 -11.60 -21.45
C LEU D 228 -40.66 -11.00 -22.82
N ASN D 229 -40.34 -11.87 -23.77
CA ASN D 229 -39.99 -11.44 -25.12
C ASN D 229 -41.06 -11.75 -26.16
N ASN D 230 -41.99 -12.67 -25.86
CA ASN D 230 -43.07 -12.97 -26.79
C ASN D 230 -44.28 -12.15 -26.41
N PRO D 231 -44.67 -11.14 -27.19
CA PRO D 231 -45.79 -10.27 -26.77
C PRO D 231 -47.14 -10.96 -26.75
N ASP D 232 -47.29 -12.09 -27.45
CA ASP D 232 -48.58 -12.75 -27.59
C ASP D 232 -48.77 -13.91 -26.63
N ASP D 233 -47.76 -14.74 -26.44
CA ASP D 233 -47.88 -15.91 -25.58
C ASP D 233 -48.07 -15.49 -24.13
N PRO D 234 -48.74 -16.30 -23.32
CA PRO D 234 -48.92 -15.98 -21.91
C PRO D 234 -47.77 -16.52 -21.06
N ILE D 235 -47.76 -16.06 -19.82
CA ILE D 235 -46.81 -16.52 -18.79
C ILE D 235 -47.62 -17.03 -17.62
N GLN D 236 -47.22 -18.19 -17.09
CA GLN D 236 -47.88 -18.81 -15.95
C GLN D 236 -47.07 -18.55 -14.69
N ILE D 237 -47.74 -18.09 -13.64
CA ILE D 237 -47.13 -17.80 -12.35
C ILE D 237 -47.73 -18.73 -11.31
N GLU D 238 -46.86 -19.42 -10.59
CA GLU D 238 -47.24 -20.36 -9.53
C GLU D 238 -46.60 -19.92 -8.22
N LEU D 239 -47.39 -19.90 -7.15
CA LEU D 239 -46.91 -19.52 -5.83
C LEU D 239 -46.67 -20.78 -5.01
N LEU D 240 -45.42 -21.04 -4.68
CA LEU D 240 -45.06 -22.15 -3.80
C LEU D 240 -44.98 -21.63 -2.36
N ASP D 241 -44.52 -22.47 -1.44
CA ASP D 241 -44.31 -22.03 -0.06
C ASP D 241 -42.97 -21.32 0.01
N LYS D 242 -43.02 -19.98 -0.01
CA LYS D 242 -41.82 -19.13 0.00
C LYS D 242 -40.94 -19.35 -1.23
N GLN D 243 -41.57 -19.74 -2.35
CA GLN D 243 -40.91 -19.77 -3.65
C GLN D 243 -41.94 -19.38 -4.71
N VAL D 244 -41.44 -18.94 -5.86
CA VAL D 244 -42.31 -18.53 -6.97
C VAL D 244 -41.75 -19.10 -8.26
N ARG D 245 -42.62 -19.61 -9.11
CA ARG D 245 -42.23 -20.23 -10.37
C ARG D 245 -42.91 -19.51 -11.52
N PHE D 246 -42.12 -19.06 -12.49
CA PHE D 246 -42.61 -18.48 -13.73
C PHE D 246 -42.30 -19.42 -14.88
N GLN D 247 -43.29 -19.66 -15.74
CA GLN D 247 -43.12 -20.57 -16.87
C GLN D 247 -43.66 -19.90 -18.12
N CYS D 248 -42.80 -19.79 -19.15
CA CYS D 248 -43.24 -19.31 -20.45
C CYS D 248 -42.09 -19.44 -21.44
N ASN D 249 -42.45 -19.56 -22.72
CA ASN D 249 -41.48 -19.67 -23.82
C ASN D 249 -40.57 -20.89 -23.63
N GLY D 250 -41.09 -21.96 -23.06
CA GLY D 250 -40.28 -23.12 -22.79
C GLY D 250 -39.20 -22.90 -21.75
N THR D 251 -39.33 -21.85 -20.94
CA THR D 251 -38.35 -21.52 -19.92
C THR D 251 -39.04 -21.47 -18.56
N THR D 252 -38.38 -22.07 -17.56
CA THR D 252 -38.88 -22.13 -16.20
C THR D 252 -37.90 -21.43 -15.27
N ILE D 253 -38.40 -20.50 -14.47
CA ILE D 253 -37.62 -19.75 -13.50
C ILE D 253 -38.21 -20.04 -12.12
N VAL D 254 -37.39 -20.55 -11.21
CA VAL D 254 -37.79 -20.81 -9.83
C VAL D 254 -36.96 -19.90 -8.93
N SER D 255 -37.64 -19.06 -8.16
CA SER D 255 -36.96 -18.04 -7.38
C SER D 255 -37.42 -18.09 -5.94
N LYS D 256 -36.46 -17.90 -5.01
CA LYS D 256 -36.80 -17.66 -3.62
C LYS D 256 -37.47 -16.29 -3.50
N VAL D 257 -38.30 -16.15 -2.46
CA VAL D 257 -38.94 -14.87 -2.17
C VAL D 257 -38.28 -14.29 -0.92
N ILE D 258 -38.32 -12.96 -0.82
CA ILE D 258 -37.67 -12.27 0.29
C ILE D 258 -38.46 -12.51 1.56
N ASP D 259 -37.76 -12.90 2.62
CA ASP D 259 -38.40 -13.23 3.89
C ASP D 259 -38.68 -11.94 4.66
N GLY D 260 -39.96 -11.58 4.75
CA GLY D 260 -40.34 -10.38 5.46
C GLY D 260 -41.75 -9.98 5.07
N LYS D 261 -42.22 -8.92 5.73
CA LYS D 261 -43.55 -8.37 5.46
C LYS D 261 -43.39 -7.03 4.76
N PHE D 262 -44.01 -6.91 3.59
CA PHE D 262 -43.87 -5.70 2.79
C PHE D 262 -44.63 -4.54 3.44
N PRO D 263 -44.15 -3.31 3.26
CA PRO D 263 -44.87 -2.15 3.82
C PRO D 263 -46.28 -2.05 3.28
N ASP D 264 -47.19 -1.59 4.14
CA ASP D 264 -48.58 -1.39 3.75
C ASP D 264 -48.66 -0.17 2.82
N PHE D 265 -48.87 -0.42 1.53
CA PHE D 265 -48.91 0.66 0.55
C PHE D 265 -50.12 1.56 0.71
N ASN D 266 -51.17 1.09 1.40
CA ASN D 266 -52.35 1.93 1.60
C ASN D 266 -52.06 3.11 2.52
N ARG D 267 -51.20 2.91 3.52
CA ARG D 267 -50.80 4.02 4.39
C ARG D 267 -49.95 5.04 3.68
N VAL D 268 -49.39 4.70 2.51
CA VAL D 268 -48.48 5.60 1.81
C VAL D 268 -49.23 6.45 0.79
N ILE D 269 -50.21 5.88 0.10
CA ILE D 269 -50.92 6.56 -0.98
C ILE D 269 -51.78 7.68 -0.39
N PRO D 270 -51.56 8.94 -0.76
CA PRO D 270 -52.44 10.00 -0.31
C PRO D 270 -53.78 9.95 -1.04
N LEU D 271 -54.81 10.44 -0.37
CA LEU D 271 -56.17 10.44 -0.92
C LEU D 271 -56.82 11.81 -0.89
N ASP D 272 -56.07 12.86 -0.52
CA ASP D 272 -56.67 14.17 -0.34
C ASP D 272 -55.83 15.31 -0.90
N ASN D 273 -54.78 15.03 -1.67
CA ASN D 273 -53.98 16.08 -2.26
C ASN D 273 -54.82 16.87 -3.27
N ASP D 274 -55.06 18.15 -2.96
CA ASP D 274 -56.05 18.94 -3.70
C ASP D 274 -55.46 19.78 -4.81
N LYS D 275 -54.17 20.10 -4.78
CA LYS D 275 -53.58 20.91 -5.85
C LYS D 275 -53.35 20.00 -7.05
N ILE D 276 -54.37 19.86 -7.89
CA ILE D 276 -54.37 18.88 -8.98
C ILE D 276 -54.31 19.62 -10.30
N PHE D 277 -53.39 19.20 -11.18
CA PHE D 277 -53.33 19.75 -12.53
C PHE D 277 -52.70 18.73 -13.46
N VAL D 278 -52.99 18.87 -14.74
CA VAL D 278 -52.50 17.96 -15.77
C VAL D 278 -51.54 18.72 -16.68
N LEU D 279 -50.41 18.08 -17.02
CA LEU D 279 -49.43 18.72 -17.89
C LEU D 279 -48.78 17.68 -18.80
N SER D 280 -48.15 18.18 -19.86
CA SER D 280 -47.50 17.31 -20.84
C SER D 280 -46.29 16.63 -20.22
N ARG D 281 -46.24 15.30 -20.35
CA ARG D 281 -45.13 14.53 -19.78
C ARG D 281 -43.82 14.87 -20.47
N ALA D 282 -43.82 14.93 -21.80
CA ALA D 282 -42.60 15.20 -22.54
C ALA D 282 -42.06 16.60 -22.24
N GLU D 283 -42.96 17.59 -22.16
CA GLU D 283 -42.53 18.96 -21.89
C GLU D 283 -41.90 19.08 -20.51
N LEU D 284 -42.52 18.47 -19.50
CA LEU D 284 -41.95 18.49 -18.15
C LEU D 284 -40.62 17.75 -18.10
N LEU D 285 -40.53 16.61 -18.78
CA LEU D 285 -39.27 15.86 -18.80
C LEU D 285 -38.16 16.68 -19.45
N GLY D 286 -38.46 17.34 -20.56
CA GLY D 286 -37.47 18.20 -21.19
C GLY D 286 -37.07 19.37 -20.31
N ALA D 287 -38.04 19.97 -19.62
CA ALA D 287 -37.73 21.06 -18.70
C ALA D 287 -36.80 20.61 -17.60
N LEU D 288 -37.07 19.44 -17.01
CA LEU D 288 -36.20 18.92 -15.96
C LEU D 288 -34.80 18.60 -16.50
N GLU D 289 -34.73 18.00 -17.70
CA GLU D 289 -33.43 17.68 -18.27
C GLU D 289 -32.64 18.95 -18.57
N ARG D 290 -33.32 20.03 -18.96
CA ARG D 290 -32.62 21.28 -19.23
C ARG D 290 -32.15 21.94 -17.94
N VAL D 291 -32.99 21.95 -16.90
CA VAL D 291 -32.64 22.68 -15.69
C VAL D 291 -31.69 21.90 -14.79
N SER D 292 -31.61 20.58 -14.92
CA SER D 292 -30.76 19.78 -14.05
C SER D 292 -29.28 20.04 -14.25
N ILE D 293 -28.90 20.73 -15.33
CA ILE D 293 -27.49 20.93 -15.66
C ILE D 293 -26.77 21.76 -14.61
N LEU D 294 -27.49 22.60 -13.87
CA LEU D 294 -26.90 23.50 -12.88
C LEU D 294 -27.49 23.19 -11.51
N ALA D 295 -26.78 22.38 -10.73
CA ALA D 295 -27.21 22.05 -9.38
C ALA D 295 -26.05 21.47 -8.59
N ASN D 296 -26.11 21.60 -7.27
CA ASN D 296 -25.15 20.91 -6.41
C ASN D 296 -25.28 19.41 -6.61
N GLU D 297 -24.16 18.75 -6.86
CA GLU D 297 -24.24 17.39 -7.43
C GLU D 297 -24.71 16.37 -6.41
N LYS D 298 -24.19 16.41 -5.19
CA LYS D 298 -24.55 15.39 -4.21
C LYS D 298 -26.02 15.53 -3.79
N PHE D 299 -26.43 16.73 -3.42
CA PHE D 299 -27.83 17.02 -3.09
C PHE D 299 -28.35 18.04 -4.10
N ARG D 300 -29.07 17.53 -5.10
CA ARG D 300 -29.42 18.31 -6.28
C ARG D 300 -30.57 19.30 -6.06
N GLY D 301 -31.51 18.97 -5.18
CA GLY D 301 -32.92 19.18 -5.44
C GLY D 301 -33.38 20.34 -6.29
N ALA D 302 -34.23 20.03 -7.27
CA ALA D 302 -34.88 21.02 -8.12
C ALA D 302 -36.17 21.48 -7.48
N ARG D 303 -36.45 22.78 -7.58
CA ARG D 303 -37.60 23.38 -6.93
C ARG D 303 -38.72 23.64 -7.93
N LEU D 304 -39.93 23.25 -7.56
CA LEU D 304 -41.12 23.47 -8.36
C LEU D 304 -41.97 24.53 -7.68
N PHE D 305 -42.36 25.54 -8.45
CA PHE D 305 -43.20 26.64 -7.98
C PHE D 305 -44.53 26.54 -8.73
N LEU D 306 -45.59 26.23 -8.01
CA LEU D 306 -46.92 26.03 -8.57
C LEU D 306 -47.79 27.24 -8.22
N GLN D 307 -48.18 27.99 -9.22
CA GLN D 307 -49.06 29.14 -9.06
C GLN D 307 -50.13 29.07 -10.13
N PRO D 308 -51.27 29.78 -9.94
CA PRO D 308 -52.35 29.69 -10.94
C PRO D 308 -51.89 29.95 -12.36
N GLY D 309 -51.94 28.91 -13.20
CA GLY D 309 -51.58 29.01 -14.59
C GLY D 309 -50.13 28.74 -14.91
N LEU D 310 -49.26 28.57 -13.91
CA LEU D 310 -47.83 28.43 -14.17
C LEU D 310 -47.20 27.42 -13.24
N LEU D 311 -46.28 26.62 -13.80
CA LEU D 311 -45.40 25.75 -13.03
C LEU D 311 -43.98 26.05 -13.44
N SER D 312 -43.15 26.47 -12.48
CA SER D 312 -41.79 26.87 -12.75
C SER D 312 -40.84 25.86 -12.13
N VAL D 313 -39.89 25.37 -12.92
CA VAL D 313 -38.85 24.46 -12.46
C VAL D 313 -37.55 25.24 -12.40
N VAL D 314 -36.94 25.29 -11.22
CA VAL D 314 -35.76 26.11 -10.97
C VAL D 314 -34.67 25.25 -10.35
N CYS D 315 -33.43 25.50 -10.77
CA CYS D 315 -32.25 24.85 -10.22
C CYS D 315 -31.15 25.89 -10.00
N SER D 316 -30.32 25.64 -8.99
CA SER D 316 -29.16 26.48 -8.73
C SER D 316 -28.06 25.62 -8.13
N ASN D 317 -26.83 26.09 -8.28
CA ASN D 317 -25.65 25.34 -7.84
C ASN D 317 -24.78 26.21 -6.94
N ASN D 318 -23.66 25.65 -6.52
CA ASN D 318 -22.77 26.34 -5.59
C ASN D 318 -22.18 27.61 -6.21
N GLU D 319 -21.83 27.55 -7.49
CA GLU D 319 -21.26 28.69 -8.22
C GLU D 319 -22.28 29.78 -8.50
N GLN D 320 -23.48 29.67 -7.92
CA GLN D 320 -24.53 30.67 -8.01
C GLN D 320 -25.05 30.84 -9.43
N GLU D 321 -24.95 29.79 -10.24
CA GLU D 321 -25.60 29.75 -11.55
C GLU D 321 -27.02 29.24 -11.39
N GLU D 322 -27.94 29.81 -12.16
CA GLU D 322 -29.36 29.52 -12.01
C GLU D 322 -29.96 29.14 -13.35
N ALA D 323 -30.74 28.06 -13.36
CA ALA D 323 -31.47 27.60 -14.53
C ALA D 323 -32.95 27.57 -14.21
N ARG D 324 -33.77 27.95 -15.18
CA ARG D 324 -35.20 28.12 -14.94
C ARG D 324 -35.98 27.84 -16.20
N GLU D 325 -37.06 27.06 -16.07
CA GLU D 325 -38.02 26.86 -17.15
C GLU D 325 -39.42 27.02 -16.60
N GLU D 326 -40.34 27.43 -17.45
CA GLU D 326 -41.73 27.67 -17.06
C GLU D 326 -42.67 26.94 -18.02
N ILE D 327 -43.70 26.31 -17.45
CA ILE D 327 -44.68 25.56 -18.22
C ILE D 327 -46.06 26.10 -17.89
N GLU D 328 -46.84 26.41 -18.93
CA GLU D 328 -48.20 26.90 -18.74
C GLU D 328 -49.15 25.73 -18.50
N ILE D 329 -49.93 25.82 -17.43
CA ILE D 329 -50.84 24.75 -17.02
C ILE D 329 -52.19 25.35 -16.66
N ALA D 330 -53.21 24.50 -16.67
CA ALA D 330 -54.55 24.89 -16.24
C ALA D 330 -54.66 24.61 -14.74
N TYR D 331 -54.64 25.67 -13.93
CA TYR D 331 -54.60 25.53 -12.49
C TYR D 331 -54.95 26.85 -11.84
N GLN D 332 -55.62 26.78 -10.69
CA GLN D 332 -56.05 28.00 -10.00
C GLN D 332 -55.86 27.98 -8.48
N GLY D 333 -55.62 26.84 -7.85
CA GLY D 333 -55.71 26.78 -6.39
C GLY D 333 -54.46 27.10 -5.62
N GLY D 334 -54.33 28.35 -5.19
CA GLY D 334 -53.24 28.75 -4.32
C GLY D 334 -51.87 28.63 -4.97
N GLU D 335 -50.86 28.53 -4.12
CA GLU D 335 -49.47 28.44 -4.53
C GLU D 335 -48.76 27.40 -3.67
N LEU D 336 -47.67 26.86 -4.21
CA LEU D 336 -46.90 25.88 -3.45
C LEU D 336 -45.48 25.78 -4.01
N GLU D 337 -44.49 25.89 -3.14
CA GLU D 337 -43.10 25.63 -3.48
C GLU D 337 -42.68 24.30 -2.89
N VAL D 338 -42.08 23.44 -3.71
CA VAL D 338 -41.79 22.08 -3.28
C VAL D 338 -40.52 21.60 -3.95
N GLY D 339 -39.65 20.94 -3.20
CA GLY D 339 -38.38 20.45 -3.70
C GLY D 339 -38.44 18.95 -4.01
N PHE D 340 -37.81 18.57 -5.12
CA PHE D 340 -37.78 17.17 -5.55
C PHE D 340 -36.37 16.77 -5.95
N ASN D 341 -36.07 15.49 -5.77
CA ASN D 341 -34.91 14.87 -6.40
C ASN D 341 -35.30 14.52 -7.83
N ILE D 342 -34.56 15.04 -8.81
CA ILE D 342 -35.00 14.93 -10.20
C ILE D 342 -35.02 13.49 -10.68
N GLY D 343 -34.28 12.59 -10.03
CA GLY D 343 -34.34 11.19 -10.42
C GLY D 343 -35.72 10.61 -10.24
N TYR D 344 -36.35 10.91 -9.09
CA TYR D 344 -37.68 10.39 -8.81
C TYR D 344 -38.72 10.92 -9.80
N LEU D 345 -38.47 12.09 -10.38
CA LEU D 345 -39.38 12.65 -11.36
C LEU D 345 -39.11 12.06 -12.75
N MET D 346 -37.85 12.05 -13.16
CA MET D 346 -37.50 11.59 -14.50
C MET D 346 -37.76 10.10 -14.66
N ASP D 347 -37.70 9.33 -13.58
CA ASP D 347 -37.99 7.90 -13.68
C ASP D 347 -39.42 7.66 -14.15
N VAL D 348 -40.39 8.30 -13.47
CA VAL D 348 -41.79 8.13 -13.88
C VAL D 348 -42.04 8.80 -15.22
N LEU D 349 -41.38 9.93 -15.50
CA LEU D 349 -41.60 10.58 -16.79
C LEU D 349 -41.06 9.75 -17.95
N ARG D 350 -40.03 8.93 -17.71
CA ARG D 350 -39.44 8.13 -18.77
C ARG D 350 -40.09 6.76 -18.91
N ASN D 351 -40.53 6.15 -17.82
CA ASN D 351 -41.05 4.79 -17.90
C ASN D 351 -42.55 4.72 -18.15
N ILE D 352 -43.28 5.83 -18.00
CA ILE D 352 -44.72 5.88 -18.25
C ILE D 352 -44.94 6.46 -19.63
N HIS D 353 -45.77 5.79 -20.43
CA HIS D 353 -45.92 6.10 -21.85
C HIS D 353 -47.29 6.73 -22.16
N SER D 354 -47.75 7.62 -21.30
CA SER D 354 -48.91 8.45 -21.59
C SER D 354 -48.45 9.88 -21.88
N ASP D 355 -49.22 10.57 -22.73
CA ASP D 355 -48.84 11.92 -23.12
C ASP D 355 -49.07 12.94 -22.01
N ASP D 356 -50.11 12.75 -21.20
CA ASP D 356 -50.42 13.66 -20.11
C ASP D 356 -50.16 13.00 -18.77
N MET D 357 -49.74 13.80 -17.79
CA MET D 357 -49.55 13.35 -16.42
C MET D 357 -50.29 14.26 -15.47
N GLN D 358 -50.96 13.65 -14.48
CA GLN D 358 -51.76 14.37 -13.51
C GLN D 358 -51.01 14.42 -12.19
N LEU D 359 -50.77 15.62 -11.70
CA LEU D 359 -50.02 15.87 -10.48
C LEU D 359 -50.97 16.37 -9.41
N ALA D 360 -50.94 15.72 -8.24
CA ALA D 360 -51.74 16.10 -7.09
C ALA D 360 -50.79 16.45 -5.95
N PHE D 361 -50.92 17.66 -5.43
CA PHE D 361 -50.03 18.20 -4.40
C PHE D 361 -50.81 18.49 -3.13
N GLY D 362 -50.16 18.23 -2.00
CA GLY D 362 -50.62 18.66 -0.70
C GLY D 362 -49.85 19.89 -0.26
N ASP D 363 -48.83 19.68 0.58
CA ASP D 363 -47.92 20.76 0.96
C ASP D 363 -46.49 20.21 0.98
N ALA D 364 -45.55 21.06 1.39
CA ALA D 364 -44.14 20.69 1.35
C ALA D 364 -43.79 19.52 2.27
N ASN D 365 -44.64 19.24 3.26
CA ASN D 365 -44.44 18.06 4.10
C ASN D 365 -45.04 16.81 3.45
N ARG D 366 -46.23 16.95 2.88
CA ARG D 366 -46.96 15.80 2.35
C ARG D 366 -46.28 15.26 1.10
N SER D 367 -46.69 14.05 0.73
CA SER D 367 -46.23 13.42 -0.50
C SER D 367 -46.91 14.05 -1.71
N THR D 368 -46.43 13.68 -2.89
CA THR D 368 -46.99 14.14 -4.16
C THR D 368 -47.46 12.91 -4.93
N LEU D 369 -48.67 12.99 -5.50
CA LEU D 369 -49.26 11.87 -6.20
C LEU D 369 -49.19 12.11 -7.71
N PHE D 370 -48.49 11.23 -8.41
CA PHE D 370 -48.40 11.28 -9.87
C PHE D 370 -49.25 10.15 -10.44
N THR D 371 -50.18 10.51 -11.34
CA THR D 371 -51.09 9.53 -11.91
C THR D 371 -51.22 9.75 -13.41
N VAL D 372 -51.75 8.74 -14.08
CA VAL D 372 -52.15 8.86 -15.48
C VAL D 372 -53.62 9.28 -15.49
N PRO D 373 -53.97 10.40 -16.13
CA PRO D 373 -55.35 10.88 -16.08
C PRO D 373 -56.33 9.83 -16.60
N ASN D 374 -57.44 9.68 -15.88
CA ASN D 374 -58.49 8.70 -16.16
C ASN D 374 -57.96 7.27 -16.13
N ASN D 375 -56.87 7.02 -15.43
CA ASN D 375 -56.31 5.68 -15.28
C ASN D 375 -56.10 5.40 -13.78
N PRO D 376 -57.04 4.69 -13.13
CA PRO D 376 -56.89 4.43 -11.70
C PRO D 376 -55.88 3.34 -11.36
N ASN D 377 -55.42 2.57 -12.34
CA ASN D 377 -54.60 1.40 -12.05
C ASN D 377 -53.12 1.72 -11.84
N PHE D 378 -52.71 2.97 -11.99
CA PHE D 378 -51.33 3.36 -11.76
C PHE D 378 -51.27 4.54 -10.79
N LYS D 379 -50.42 4.42 -9.77
CA LYS D 379 -50.16 5.51 -8.85
C LYS D 379 -48.67 5.60 -8.57
N TYR D 380 -48.19 6.82 -8.37
CA TYR D 380 -46.77 7.06 -8.10
C TYR D 380 -46.67 8.17 -7.06
N ILE D 381 -46.01 7.86 -5.94
CA ILE D 381 -45.93 8.74 -4.79
C ILE D 381 -44.46 9.07 -4.55
N VAL D 382 -44.16 10.35 -4.36
CA VAL D 382 -42.79 10.81 -4.11
C VAL D 382 -42.79 11.69 -2.87
N MET D 383 -41.89 11.38 -1.94
CA MET D 383 -41.68 12.24 -0.78
C MET D 383 -40.78 13.40 -1.17
N PRO D 384 -41.24 14.65 -1.07
CA PRO D 384 -40.36 15.79 -1.38
C PRO D 384 -39.36 16.03 -0.26
N MET D 385 -38.35 16.82 -0.58
CA MET D 385 -37.32 17.21 0.36
C MET D 385 -37.66 18.59 0.96
N ARG D 386 -36.73 19.13 1.73
CA ARG D 386 -36.86 20.49 2.25
C ARG D 386 -35.86 21.42 1.58
N LEU E 26 -2.28 -0.14 -13.00
CA LEU E 26 -1.09 0.55 -13.50
C LEU E 26 0.19 -0.23 -13.23
N PRO E 27 0.64 -1.08 -14.21
CA PRO E 27 1.98 -1.67 -14.15
C PRO E 27 3.03 -0.60 -14.43
N PRO E 28 3.75 -0.15 -13.40
CA PRO E 28 4.59 1.05 -13.56
C PRO E 28 5.97 0.76 -14.14
N LEU E 29 6.84 1.79 -14.11
CA LEU E 29 8.26 1.59 -14.39
C LEU E 29 8.83 0.45 -13.56
N GLY E 30 8.59 0.50 -12.27
CA GLY E 30 9.07 -0.53 -11.37
C GLY E 30 8.43 -0.34 -10.01
N PHE E 31 8.83 -1.21 -9.08
CA PHE E 31 8.35 -1.14 -7.71
C PHE E 31 9.58 -1.12 -6.81
N ALA E 32 9.84 0.04 -6.20
CA ALA E 32 11.08 0.24 -5.46
C ALA E 32 11.23 -0.80 -4.35
N ILE E 33 12.39 -1.43 -4.30
CA ILE E 33 12.67 -2.45 -3.30
C ILE E 33 13.70 -1.98 -2.28
N ALA E 34 14.72 -1.22 -2.69
CA ALA E 34 15.68 -0.77 -1.67
C ALA E 34 16.62 0.30 -2.23
N GLN E 35 17.60 0.67 -1.42
CA GLN E 35 18.69 1.58 -1.73
C GLN E 35 19.90 0.81 -2.27
N LEU E 36 20.83 1.55 -2.87
CA LEU E 36 22.07 0.95 -3.37
C LEU E 36 23.24 1.85 -2.97
N LEU E 37 23.79 1.61 -1.78
CA LEU E 37 25.09 2.11 -1.34
C LEU E 37 25.20 3.63 -1.34
N GLY E 38 24.13 4.35 -1.67
CA GLY E 38 24.15 5.80 -1.50
C GLY E 38 23.57 6.67 -2.59
N ILE E 39 23.64 6.24 -3.85
CA ILE E 39 23.19 7.09 -4.95
C ILE E 39 22.13 6.44 -5.82
N TYR E 40 21.95 5.13 -5.79
CA TYR E 40 20.97 4.45 -6.62
C TYR E 40 19.81 3.95 -5.77
N ILE E 41 18.64 3.86 -6.40
CA ILE E 41 17.46 3.24 -5.82
C ILE E 41 17.05 2.11 -6.75
N LEU E 42 16.98 0.89 -6.22
CA LEU E 42 16.67 -0.26 -7.05
C LEU E 42 15.22 -0.67 -6.82
N ALA E 43 14.56 -0.97 -7.95
CA ALA E 43 13.13 -1.24 -8.01
C ALA E 43 12.87 -2.49 -8.83
N GLN E 44 12.07 -3.42 -8.30
CA GLN E 44 11.75 -4.64 -9.03
C GLN E 44 10.50 -4.42 -9.88
N ALA E 45 10.53 -4.97 -11.09
CA ALA E 45 9.41 -4.90 -12.02
C ALA E 45 9.23 -6.27 -12.66
N GLU E 46 8.40 -6.34 -13.70
CA GLU E 46 8.22 -7.59 -14.43
C GLU E 46 9.49 -8.02 -15.15
N ASP E 47 10.41 -7.10 -15.43
CA ASP E 47 11.63 -7.42 -16.17
C ASP E 47 12.77 -7.81 -15.23
N SER E 48 13.18 -6.90 -14.37
CA SER E 48 14.31 -7.12 -13.47
C SER E 48 14.34 -5.97 -12.46
N LEU E 49 15.40 -5.93 -11.65
CA LEU E 49 15.63 -4.78 -10.79
C LEU E 49 16.27 -3.66 -11.61
N LEU E 50 15.83 -2.44 -11.34
CA LEU E 50 16.21 -1.26 -12.10
C LEU E 50 16.91 -0.30 -11.16
N LEU E 51 18.04 0.25 -11.61
CA LEU E 51 18.83 1.20 -10.81
C LEU E 51 18.51 2.61 -11.28
N ILE E 52 17.72 3.33 -10.49
CA ILE E 52 17.38 4.71 -10.78
C ILE E 52 18.38 5.59 -10.04
N ASP E 53 19.08 6.45 -10.79
CA ASP E 53 19.94 7.46 -10.19
C ASP E 53 19.03 8.50 -9.54
N MET E 54 18.90 8.42 -8.21
CA MET E 54 17.85 9.18 -7.53
C MET E 54 18.04 10.68 -7.73
N HIS E 55 19.27 11.18 -7.59
CA HIS E 55 19.48 12.61 -7.73
C HIS E 55 19.20 13.09 -9.14
N ALA E 56 19.65 12.35 -10.16
CA ALA E 56 19.46 12.78 -11.54
C ALA E 56 17.99 12.73 -11.93
N ALA E 57 17.32 11.60 -11.66
CA ALA E 57 15.91 11.48 -12.02
C ALA E 57 15.06 12.48 -11.25
N ALA E 58 15.36 12.69 -9.97
CA ALA E 58 14.62 13.66 -9.18
C ALA E 58 14.90 15.08 -9.64
N GLU E 59 16.12 15.38 -10.10
CA GLU E 59 16.38 16.68 -10.69
C GLU E 59 15.54 16.90 -11.94
N ARG E 60 15.46 15.88 -12.80
CA ARG E 60 14.62 15.98 -13.98
C ARG E 60 13.17 16.25 -13.60
N VAL E 61 12.62 15.44 -12.68
CA VAL E 61 11.21 15.57 -12.33
C VAL E 61 10.95 16.88 -11.59
N ASN E 62 11.90 17.34 -10.76
CA ASN E 62 11.72 18.60 -10.04
C ASN E 62 11.74 19.78 -11.00
N TYR E 63 12.65 19.77 -11.97
CA TYR E 63 12.66 20.80 -13.00
C TYR E 63 11.34 20.81 -13.76
N GLU E 64 10.86 19.62 -14.14
CA GLU E 64 9.60 19.53 -14.88
C GLU E 64 8.43 20.07 -14.06
N LYS E 65 8.31 19.63 -12.81
CA LYS E 65 7.18 20.04 -11.98
C LYS E 65 7.25 21.52 -11.64
N MET E 66 8.46 22.04 -11.39
CA MET E 66 8.59 23.46 -11.09
C MET E 66 8.22 24.32 -12.30
N LYS E 67 8.63 23.92 -13.51
CA LYS E 67 8.23 24.69 -14.67
C LYS E 67 6.73 24.56 -14.96
N ARG E 68 6.15 23.38 -14.71
CA ARG E 68 4.71 23.22 -14.89
C ARG E 68 3.92 24.07 -13.90
N GLN E 69 4.43 24.19 -12.66
CA GLN E 69 3.83 25.04 -11.65
C GLN E 69 4.20 26.50 -11.82
N ARG E 70 5.15 26.81 -12.71
CA ARG E 70 5.49 28.20 -13.02
C ARG E 70 4.67 28.75 -14.17
N GLN E 71 4.49 27.96 -15.25
CA GLN E 71 3.61 28.39 -16.33
C GLN E 71 2.19 28.61 -15.85
N GLU E 72 1.80 27.97 -14.76
CA GLU E 72 0.47 28.08 -14.18
C GLU E 72 0.56 28.73 -12.81
N ASN E 73 -0.32 29.70 -12.55
CA ASN E 73 -0.40 30.44 -11.30
C ASN E 73 0.77 31.41 -11.14
N GLY E 74 1.73 31.36 -12.06
CA GLY E 74 2.82 32.32 -12.10
C GLY E 74 3.76 32.33 -10.91
N ASN E 75 3.74 31.31 -10.07
CA ASN E 75 4.65 31.27 -8.93
C ASN E 75 4.83 29.83 -8.47
N LEU E 76 5.89 29.59 -7.70
CA LEU E 76 6.15 28.28 -7.14
C LEU E 76 5.46 28.14 -5.78
N GLN E 77 5.11 26.91 -5.44
CA GLN E 77 4.47 26.62 -4.18
C GLN E 77 5.45 26.82 -3.02
N SER E 78 5.04 27.55 -2.00
CA SER E 78 5.89 27.90 -0.88
C SER E 78 5.50 27.11 0.38
N GLN E 79 6.34 27.24 1.41
CA GLN E 79 6.12 26.52 2.66
C GLN E 79 6.93 27.17 3.77
N HIS E 80 6.47 27.24 4.95
CA HIS E 80 7.27 27.93 5.88
C HIS E 80 7.92 26.98 6.59
N LEU E 81 8.44 27.30 7.74
CA LEU E 81 9.15 26.27 8.48
C LEU E 81 9.62 26.81 9.82
N LEU E 82 9.80 25.89 10.77
CA LEU E 82 10.57 26.16 11.98
C LEU E 82 12.03 26.40 11.64
N ILE E 83 12.74 26.98 12.60
CA ILE E 83 14.21 27.05 12.60
C ILE E 83 14.76 27.68 11.33
N PRO E 84 14.73 29.01 11.19
CA PRO E 84 15.42 29.66 10.06
C PRO E 84 16.92 29.38 10.02
N VAL E 85 17.61 29.89 8.99
CA VAL E 85 18.78 29.21 8.45
C VAL E 85 20.12 29.89 8.73
N THR E 86 20.15 31.15 9.18
CA THR E 86 21.41 31.87 9.38
C THR E 86 22.19 32.01 8.08
N PHE E 87 21.63 32.85 7.20
CA PHE E 87 22.05 32.93 5.80
C PHE E 87 23.50 33.39 5.64
N ALA E 88 23.86 34.51 6.27
CA ALA E 88 25.12 35.26 6.22
C ALA E 88 25.29 36.16 4.98
N ALA E 89 24.42 36.08 3.96
CA ALA E 89 23.98 37.23 3.17
C ALA E 89 25.03 38.26 2.72
N SER E 90 25.88 37.94 1.74
CA SER E 90 26.83 38.90 1.19
C SER E 90 26.20 40.27 0.91
N HIS E 91 27.02 41.33 0.91
CA HIS E 91 26.54 42.71 0.99
C HIS E 91 25.40 43.00 0.04
N GLU E 92 25.66 42.91 -1.27
CA GLU E 92 24.68 43.37 -2.26
C GLU E 92 23.47 42.46 -2.38
N GLU E 93 23.54 41.24 -1.84
CA GLU E 93 22.35 40.39 -1.82
C GLU E 93 21.27 40.94 -0.90
N CYS E 94 21.66 41.65 0.17
CA CYS E 94 20.69 42.33 1.00
C CYS E 94 19.96 43.42 0.22
N ALA E 95 20.70 44.18 -0.60
CA ALA E 95 20.06 45.18 -1.45
C ALA E 95 19.20 44.53 -2.54
N ALA E 96 19.61 43.36 -3.02
CA ALA E 96 18.77 42.62 -3.96
C ALA E 96 17.46 42.22 -3.30
N LEU E 97 17.50 41.83 -2.04
CA LEU E 97 16.26 41.61 -1.28
C LEU E 97 15.51 42.91 -1.08
N ALA E 98 16.22 44.03 -0.95
CA ALA E 98 15.56 45.33 -0.89
C ALA E 98 14.83 45.63 -2.19
N ASP E 99 15.44 45.27 -3.33
CA ASP E 99 14.69 45.21 -4.57
C ASP E 99 13.49 44.29 -4.41
N HIS E 100 12.48 44.49 -5.25
CA HIS E 100 11.18 43.84 -5.06
C HIS E 100 11.32 42.35 -4.76
N ALA E 101 10.95 41.95 -3.54
CA ALA E 101 10.96 40.55 -3.13
C ALA E 101 9.73 39.81 -3.64
N GLU E 102 8.90 40.47 -4.44
CA GLU E 102 7.75 39.82 -5.04
C GLU E 102 8.16 38.66 -5.93
N THR E 103 9.24 38.83 -6.70
CA THR E 103 9.76 37.74 -7.51
C THR E 103 10.26 36.60 -6.62
N LEU E 104 10.91 36.93 -5.51
CA LEU E 104 11.35 35.89 -4.58
C LEU E 104 10.17 35.11 -4.04
N ALA E 105 9.07 35.79 -3.71
CA ALA E 105 7.85 35.10 -3.35
C ALA E 105 7.31 34.26 -4.51
N GLY E 106 7.59 34.69 -5.74
CA GLY E 106 7.21 33.91 -6.91
C GLY E 106 8.04 32.66 -7.11
N PHE E 107 9.25 32.63 -6.56
CA PHE E 107 10.09 31.43 -6.59
C PHE E 107 9.89 30.55 -5.36
N GLY E 108 8.93 30.88 -4.50
CA GLY E 108 8.66 30.12 -3.31
C GLY E 108 9.57 30.43 -2.14
N LEU E 109 10.49 31.38 -2.29
CA LEU E 109 11.46 31.72 -1.24
C LEU E 109 11.12 33.08 -0.67
N GLU E 110 10.58 33.09 0.54
CA GLU E 110 10.36 34.30 1.32
C GLU E 110 11.37 34.32 2.46
N LEU E 111 12.12 35.41 2.58
CA LEU E 111 13.18 35.49 3.58
C LEU E 111 13.26 36.92 4.11
N SER E 112 13.83 37.04 5.31
CA SER E 112 13.83 38.29 6.05
C SER E 112 15.25 38.67 6.46
N ASP E 113 15.45 39.97 6.65
CA ASP E 113 16.73 40.54 7.06
C ASP E 113 16.81 40.59 8.57
N MET E 114 17.92 40.08 9.12
CA MET E 114 18.12 40.06 10.57
C MET E 114 18.91 41.24 11.10
N GLY E 115 19.70 41.89 10.26
CA GLY E 115 20.50 43.03 10.66
C GLY E 115 21.89 42.96 10.06
N GLY E 116 22.54 44.11 9.98
CA GLY E 116 23.84 44.18 9.35
C GLY E 116 23.81 43.71 7.92
N ASN E 117 24.41 42.55 7.64
CA ASN E 117 24.34 41.94 6.32
C ASN E 117 24.10 40.44 6.44
N THR E 118 23.07 40.06 7.21
CA THR E 118 22.64 38.67 7.30
C THR E 118 21.16 38.56 6.98
N LEU E 119 20.73 37.34 6.66
CA LEU E 119 19.34 37.06 6.34
C LEU E 119 18.94 35.73 6.98
N ALA E 120 17.69 35.34 6.76
CA ALA E 120 17.19 34.03 7.18
C ALA E 120 15.91 33.74 6.41
N VAL E 121 15.79 32.53 5.86
CA VAL E 121 14.62 32.20 5.06
C VAL E 121 13.47 31.80 5.99
N ARG E 122 12.33 32.45 5.82
CA ARG E 122 11.12 32.11 6.55
C ARG E 122 10.30 31.07 5.82
N ALA E 123 10.43 30.99 4.50
CA ALA E 123 9.67 30.05 3.69
C ALA E 123 10.54 29.56 2.54
N ALA E 124 10.54 28.25 2.35
CA ALA E 124 11.21 27.58 1.24
C ALA E 124 10.19 26.97 0.31
N PRO E 125 10.51 26.80 -0.98
CA PRO E 125 9.57 26.12 -1.87
C PRO E 125 9.42 24.66 -1.46
N VAL E 126 8.20 24.15 -1.57
CA VAL E 126 7.96 22.73 -1.43
C VAL E 126 8.47 22.12 -2.74
N MET E 127 8.59 20.79 -2.79
CA MET E 127 9.22 19.96 -3.80
C MET E 127 10.74 19.93 -3.65
N LEU E 128 11.34 20.77 -2.79
CA LEU E 128 12.75 20.60 -2.48
C LEU E 128 12.98 20.33 -1.00
N GLY E 129 12.77 21.31 -0.13
CA GLY E 129 12.96 21.15 1.31
C GLY E 129 14.24 20.44 1.73
N LYS E 130 14.21 19.93 2.96
CA LYS E 130 15.02 18.83 3.50
C LYS E 130 16.50 19.13 3.78
N SER E 131 17.05 20.23 3.25
CA SER E 131 18.27 20.86 3.76
C SER E 131 18.74 21.98 2.85
N ASP E 132 19.74 22.74 3.30
CA ASP E 132 20.62 23.55 2.44
C ASP E 132 19.83 24.62 1.68
N VAL E 133 18.67 25.00 2.23
CA VAL E 133 17.85 26.08 1.65
C VAL E 133 18.66 27.34 1.42
N VAL E 134 19.76 27.50 2.16
CA VAL E 134 20.63 28.65 1.97
C VAL E 134 21.17 28.69 0.54
N SER E 135 21.49 27.51 -0.02
CA SER E 135 21.98 27.47 -1.39
C SER E 135 20.93 27.94 -2.39
N LEU E 136 19.68 27.46 -2.24
CA LEU E 136 18.61 27.88 -3.14
C LEU E 136 18.39 29.38 -3.06
N ALA E 137 18.26 29.90 -1.83
CA ALA E 137 18.01 31.33 -1.65
C ALA E 137 19.18 32.15 -2.16
N ARG E 138 20.42 31.67 -1.94
CA ARG E 138 21.59 32.38 -2.43
C ARG E 138 21.62 32.41 -3.95
N ASP E 139 21.30 31.28 -4.59
CA ASP E 139 21.26 31.25 -6.05
C ASP E 139 20.26 32.27 -6.59
N VAL E 140 19.03 32.23 -6.10
CA VAL E 140 18.01 33.11 -6.66
C VAL E 140 18.30 34.57 -6.31
N LEU E 141 18.84 34.82 -5.11
CA LEU E 141 19.08 36.18 -4.66
C LEU E 141 20.27 36.81 -5.38
N GLY E 142 21.33 36.02 -5.63
CA GLY E 142 22.41 36.50 -6.46
C GLY E 142 21.99 36.67 -7.91
N GLU E 143 20.96 35.91 -8.34
CA GLU E 143 20.37 36.17 -9.63
C GLU E 143 19.57 37.47 -9.65
N LEU E 144 19.08 37.92 -8.50
CA LEU E 144 18.33 39.17 -8.44
C LEU E 144 19.19 40.40 -8.73
N ALA E 145 20.51 40.26 -8.70
CA ALA E 145 21.37 41.32 -9.20
C ALA E 145 21.23 41.44 -10.71
N GLN E 146 21.44 42.65 -11.23
CA GLN E 146 21.34 42.94 -12.66
C GLN E 146 19.93 42.61 -13.18
N VAL E 147 18.97 43.38 -12.67
CA VAL E 147 17.60 43.25 -13.15
C VAL E 147 17.53 43.57 -14.64
N GLY E 148 16.79 42.74 -15.37
CA GLY E 148 16.68 42.91 -16.81
C GLY E 148 15.24 42.90 -17.30
N ALA E 154 15.52 37.61 -13.85
CA ALA E 154 14.42 37.87 -14.75
C ALA E 154 14.87 37.88 -16.21
N SER E 155 13.90 37.80 -17.12
CA SER E 155 14.12 37.84 -18.57
C SER E 155 14.84 36.60 -19.09
N HIS E 156 15.25 35.71 -18.18
CA HIS E 156 15.83 34.43 -18.57
C HIS E 156 14.95 33.27 -18.12
N GLU E 157 14.67 33.20 -16.82
CA GLU E 157 13.73 32.25 -16.21
C GLU E 157 14.28 30.83 -16.24
N ASN E 158 15.39 30.62 -16.93
CA ASN E 158 16.09 29.34 -16.86
C ASN E 158 17.20 29.37 -15.83
N ARG E 159 16.83 29.87 -14.65
CA ARG E 159 17.55 29.58 -13.42
C ARG E 159 16.81 28.57 -12.57
N ILE E 160 15.57 28.24 -12.95
CA ILE E 160 14.72 27.27 -12.27
C ILE E 160 15.24 25.87 -12.56
N LEU E 161 16.27 25.77 -13.40
CA LEU E 161 16.92 24.51 -13.72
C LEU E 161 17.85 24.09 -12.59
N ALA E 162 18.77 23.18 -12.88
CA ALA E 162 19.71 22.63 -11.90
C ALA E 162 20.28 23.69 -10.97
N THR E 163 20.36 24.93 -11.42
CA THR E 163 20.73 26.02 -10.53
C THR E 163 19.73 26.16 -9.38
N MET E 164 18.43 26.27 -9.70
CA MET E 164 17.41 26.21 -8.66
C MET E 164 17.10 24.78 -8.26
N SER E 165 17.29 23.84 -9.17
CA SER E 165 17.19 22.42 -8.84
C SER E 165 18.47 21.90 -8.20
N CYS E 166 19.24 22.79 -7.59
CA CYS E 166 20.43 22.40 -6.85
C CYS E 166 20.01 21.95 -5.46
N HIS E 167 18.97 21.14 -5.43
CA HIS E 167 18.59 20.27 -4.33
C HIS E 167 18.27 18.86 -4.80
N GLY E 168 17.61 18.72 -5.96
CA GLY E 168 17.22 17.41 -6.46
C GLY E 168 16.41 16.64 -5.43
N SER E 169 16.74 15.36 -5.28
CA SER E 169 16.32 14.56 -4.14
C SER E 169 17.43 14.59 -3.11
N ILE E 170 17.34 13.70 -2.13
CA ILE E 170 18.44 13.52 -1.18
C ILE E 170 19.73 13.25 -1.94
N ARG E 171 20.75 14.04 -1.61
CA ARG E 171 22.07 13.93 -2.20
C ARG E 171 22.67 12.53 -2.07
N ALA E 172 22.97 12.13 -0.83
CA ALA E 172 23.42 10.77 -0.59
C ALA E 172 22.84 10.17 0.69
N GLY E 173 21.93 10.86 1.37
CA GLY E 173 21.44 10.33 2.63
C GLY E 173 19.95 10.10 2.71
N ARG E 174 19.56 8.82 2.75
CA ARG E 174 18.24 8.35 3.15
C ARG E 174 17.14 8.71 2.14
N ARG E 175 16.19 7.79 1.98
CA ARG E 175 15.00 8.00 1.16
C ARG E 175 13.79 7.38 1.81
N LEU E 176 13.81 7.30 3.14
CA LEU E 176 12.77 6.73 4.00
C LEU E 176 12.79 5.21 3.97
N THR E 177 11.69 4.59 4.41
CA THR E 177 11.63 3.15 4.63
C THR E 177 10.89 2.41 3.53
N LEU E 178 10.74 3.05 2.34
CA LEU E 178 10.17 2.59 1.07
C LEU E 178 8.80 3.16 0.71
N PRO E 179 7.86 3.42 1.65
CA PRO E 179 6.59 4.01 1.21
C PRO E 179 6.70 5.49 0.91
N GLU E 180 7.85 5.88 0.34
CA GLU E 180 8.01 7.08 -0.47
C GLU E 180 8.93 6.83 -1.65
N MET E 181 9.65 5.71 -1.67
CA MET E 181 10.54 5.40 -2.79
C MET E 181 9.74 5.18 -4.07
N ASN E 182 8.60 4.51 -3.96
CA ASN E 182 7.74 4.32 -5.12
C ASN E 182 7.21 5.64 -5.65
N ALA E 183 7.09 6.65 -4.77
CA ALA E 183 6.68 7.98 -5.23
C ALA E 183 7.68 8.56 -6.21
N LEU E 184 8.99 8.46 -5.94
CA LEU E 184 9.94 8.87 -6.96
C LEU E 184 9.93 7.89 -8.13
N LEU E 185 9.66 6.61 -7.87
CA LEU E 185 9.53 5.66 -8.99
C LEU E 185 8.39 6.05 -9.93
N ARG E 186 7.47 6.91 -9.48
CA ARG E 186 6.44 7.50 -10.33
C ARG E 186 6.88 8.83 -10.96
N ASP E 187 8.18 9.02 -11.15
CA ASP E 187 8.69 10.32 -11.60
C ASP E 187 8.21 10.67 -13.01
N MET E 188 8.38 9.74 -13.95
CA MET E 188 8.19 10.05 -15.35
C MET E 188 6.79 9.77 -15.86
N GLU E 189 5.88 9.32 -15.00
CA GLU E 189 4.47 9.22 -15.36
C GLU E 189 3.87 10.62 -15.35
N ASN E 190 3.33 11.03 -16.51
CA ASN E 190 2.73 12.34 -16.75
C ASN E 190 3.75 13.48 -16.71
N THR E 191 5.04 13.18 -16.73
CA THR E 191 6.09 14.20 -16.81
C THR E 191 7.04 13.82 -17.94
N PRO E 192 7.23 14.68 -18.95
CA PRO E 192 8.08 14.32 -20.10
C PRO E 192 9.56 14.48 -19.83
N ARG E 193 10.37 14.33 -20.87
CA ARG E 193 11.83 14.44 -20.79
C ARG E 193 12.39 13.37 -19.84
N SER E 194 12.19 12.12 -20.22
CA SER E 194 12.53 10.97 -19.39
C SER E 194 13.82 10.30 -19.81
N ASN E 195 13.92 9.87 -21.07
CA ASN E 195 15.04 9.05 -21.51
C ASN E 195 16.36 9.82 -21.42
N GLN E 196 16.45 10.95 -22.13
CA GLN E 196 17.67 11.73 -22.18
C GLN E 196 17.67 12.73 -21.03
N CYS E 197 18.68 12.65 -20.18
CA CYS E 197 18.81 13.55 -19.02
C CYS E 197 19.39 14.88 -19.48
N ASN E 198 19.85 15.69 -18.52
CA ASN E 198 20.39 17.00 -18.84
C ASN E 198 21.59 16.92 -19.78
N HIS E 199 22.27 15.78 -19.84
CA HIS E 199 23.37 15.55 -20.77
C HIS E 199 23.08 14.45 -21.77
N GLY E 200 22.43 13.37 -21.34
CA GLY E 200 22.23 12.19 -22.16
C GLY E 200 22.53 10.93 -21.39
N ARG E 201 23.07 11.11 -20.18
CA ARG E 201 23.39 9.98 -19.32
C ARG E 201 22.12 9.30 -18.86
N PRO E 202 22.03 7.97 -18.92
CA PRO E 202 20.82 7.29 -18.44
C PRO E 202 20.66 7.43 -16.94
N THR E 203 19.40 7.43 -16.52
CA THR E 203 19.06 7.54 -15.11
C THR E 203 18.38 6.29 -14.55
N TRP E 204 18.23 5.24 -15.35
CA TRP E 204 17.58 4.00 -14.94
C TRP E 204 18.12 2.80 -15.70
N VAL E 205 17.26 1.80 -15.89
CA VAL E 205 17.58 0.41 -16.17
C VAL E 205 18.78 0.18 -17.07
N LYS E 206 19.62 -0.78 -16.68
CA LYS E 206 20.60 -1.45 -17.53
C LYS E 206 20.49 -2.97 -17.44
N LEU E 207 20.20 -3.51 -16.26
CA LEU E 207 20.15 -4.95 -16.07
C LEU E 207 18.77 -5.51 -16.41
N THR E 208 18.75 -6.68 -17.03
CA THR E 208 17.55 -7.43 -17.35
C THR E 208 17.52 -8.71 -16.51
N LEU E 209 16.52 -9.54 -16.76
CA LEU E 209 16.43 -10.83 -16.07
C LEU E 209 17.61 -11.74 -16.43
N LYS E 210 18.27 -11.49 -17.55
CA LYS E 210 19.43 -12.27 -17.96
C LYS E 210 20.73 -11.70 -17.39
N GLU E 211 20.76 -11.51 -16.07
CA GLU E 211 22.00 -11.18 -15.38
C GLU E 211 22.74 -12.43 -14.91
N LEU E 212 22.20 -13.61 -15.23
CA LEU E 212 22.88 -14.86 -14.89
C LEU E 212 24.23 -14.98 -15.58
N ASP E 213 24.42 -14.29 -16.72
CA ASP E 213 25.72 -14.29 -17.37
C ASP E 213 26.80 -13.72 -16.45
N THR E 214 26.42 -12.81 -15.55
CA THR E 214 27.38 -12.26 -14.60
C THR E 214 27.88 -13.33 -13.64
N LEU E 215 27.10 -14.39 -13.44
CA LEU E 215 27.47 -15.48 -12.56
C LEU E 215 28.45 -16.46 -13.20
N PHE E 216 29.07 -16.10 -14.32
CA PHE E 216 30.08 -16.96 -14.93
C PHE E 216 31.45 -16.30 -14.92
N LEU F 26 33.10 -2.74 8.87
CA LEU F 26 34.28 -3.57 9.14
C LEU F 26 34.23 -4.97 8.50
N PRO F 27 33.24 -5.81 8.74
CA PRO F 27 33.22 -7.18 8.22
C PRO F 27 33.02 -7.21 6.71
N PRO F 28 33.87 -7.93 5.98
CA PRO F 28 33.68 -8.02 4.53
C PRO F 28 32.38 -8.76 4.19
N LEU F 29 31.75 -8.33 3.09
CA LEU F 29 30.57 -8.98 2.54
C LEU F 29 29.42 -9.01 3.56
N GLY F 30 28.97 -7.83 3.95
CA GLY F 30 27.85 -7.72 4.87
C GLY F 30 26.83 -6.66 4.53
N PHE F 31 25.60 -7.07 4.26
CA PHE F 31 24.47 -6.18 3.99
C PHE F 31 23.22 -7.03 3.86
N ALA F 32 22.12 -6.37 3.51
CA ALA F 32 20.84 -7.01 3.22
C ALA F 32 19.99 -6.00 2.48
N ILE F 33 19.54 -6.34 1.27
CA ILE F 33 18.89 -5.31 0.46
C ILE F 33 17.46 -5.68 0.06
N ALA F 34 17.28 -6.64 -0.85
CA ALA F 34 15.92 -6.90 -1.30
C ALA F 34 15.52 -8.37 -1.45
N GLN F 35 16.39 -9.19 -2.04
CA GLN F 35 16.02 -10.54 -2.49
C GLN F 35 14.71 -10.50 -3.29
N LEU F 36 14.79 -9.89 -4.48
CA LEU F 36 13.61 -9.53 -5.27
C LEU F 36 12.61 -10.67 -5.41
N LEU F 37 12.95 -11.74 -6.13
CA LEU F 37 12.08 -12.91 -6.11
C LEU F 37 12.82 -14.21 -5.88
N GLY F 38 14.01 -14.37 -6.45
CA GLY F 38 14.72 -15.63 -6.38
C GLY F 38 16.22 -15.48 -6.43
N ILE F 39 16.71 -14.27 -6.17
CA ILE F 39 18.14 -14.03 -6.10
C ILE F 39 18.41 -12.94 -5.07
N TYR F 40 19.00 -13.33 -3.94
CA TYR F 40 19.22 -12.40 -2.83
C TYR F 40 20.30 -11.38 -3.17
N ILE F 41 20.13 -10.17 -2.64
CA ILE F 41 21.05 -9.06 -2.91
C ILE F 41 21.40 -8.40 -1.59
N LEU F 42 22.70 -8.10 -1.42
CA LEU F 42 23.20 -7.38 -0.25
C LEU F 42 24.31 -6.44 -0.69
N ALA F 43 24.17 -5.14 -0.40
CA ALA F 43 25.07 -4.12 -0.94
C ALA F 43 25.51 -3.15 0.15
N GLN F 44 26.63 -3.46 0.82
CA GLN F 44 27.30 -2.50 1.69
C GLN F 44 28.80 -2.74 1.76
N ALA F 45 29.34 -3.60 0.89
CA ALA F 45 30.72 -4.06 0.98
C ALA F 45 31.66 -3.00 0.38
N GLU F 46 31.76 -1.88 1.08
CA GLU F 46 32.71 -0.80 0.77
C GLU F 46 32.55 -0.33 -0.68
N ASP F 47 31.38 0.23 -0.98
CA ASP F 47 31.02 0.84 -2.26
C ASP F 47 30.96 -0.17 -3.40
N SER F 48 30.91 -1.47 -3.10
CA SER F 48 30.82 -2.52 -4.12
C SER F 48 29.64 -3.40 -3.77
N LEU F 49 28.56 -3.29 -4.55
CA LEU F 49 27.39 -4.11 -4.28
C LEU F 49 27.67 -5.57 -4.62
N LEU F 50 26.94 -6.46 -3.95
CA LEU F 50 27.05 -7.89 -4.14
C LEU F 50 25.66 -8.49 -4.26
N LEU F 51 25.61 -9.73 -4.72
CA LEU F 51 24.35 -10.45 -4.84
C LEU F 51 24.56 -11.93 -4.51
N ILE F 52 23.76 -12.44 -3.59
CA ILE F 52 23.78 -13.86 -3.27
C ILE F 52 22.99 -14.61 -4.33
N ASP F 53 23.40 -15.84 -4.62
CA ASP F 53 22.71 -16.59 -5.67
C ASP F 53 21.26 -16.85 -5.29
N MET F 54 21.04 -17.74 -4.34
CA MET F 54 19.72 -18.04 -3.78
C MET F 54 19.92 -19.04 -2.65
N HIS F 55 18.83 -19.70 -2.24
CA HIS F 55 18.95 -20.97 -1.54
C HIS F 55 19.94 -21.92 -2.20
N ALA F 56 20.18 -21.75 -3.51
CA ALA F 56 21.29 -22.45 -4.14
C ALA F 56 22.61 -22.17 -3.45
N ALA F 57 22.74 -20.98 -2.85
CA ALA F 57 23.85 -20.70 -1.95
C ALA F 57 23.56 -21.15 -0.52
N ALA F 58 22.31 -21.00 -0.07
CA ALA F 58 21.89 -21.43 1.26
C ALA F 58 21.71 -22.92 1.36
N GLU F 59 22.14 -23.65 0.35
CA GLU F 59 22.23 -25.10 0.37
C GLU F 59 23.65 -25.62 0.16
N ARG F 60 24.41 -24.97 -0.72
CA ARG F 60 25.82 -25.36 -0.89
C ARG F 60 26.63 -25.00 0.35
N VAL F 61 26.51 -23.77 0.84
CA VAL F 61 27.24 -23.36 2.02
C VAL F 61 26.67 -24.00 3.29
N ASN F 62 25.36 -24.22 3.32
CA ASN F 62 24.71 -24.80 4.49
C ASN F 62 24.95 -26.31 4.61
N TYR F 63 25.58 -26.94 3.61
CA TYR F 63 25.85 -28.36 3.66
C TYR F 63 27.32 -28.71 3.54
N GLU F 64 28.20 -27.74 3.32
CA GLU F 64 29.62 -28.00 3.56
C GLU F 64 29.89 -28.15 5.04
N LYS F 65 29.12 -27.44 5.88
CA LYS F 65 29.16 -27.72 7.30
C LYS F 65 28.64 -29.11 7.63
N MET F 66 27.88 -29.74 6.72
CA MET F 66 27.57 -31.15 6.90
C MET F 66 28.84 -32.00 6.79
N LYS F 67 29.72 -31.69 5.84
CA LYS F 67 31.01 -32.37 5.77
C LYS F 67 31.85 -32.05 7.00
N ARG F 68 31.75 -30.83 7.52
CA ARG F 68 32.52 -30.47 8.73
C ARG F 68 31.96 -31.16 9.97
N GLN F 69 30.66 -31.47 9.99
CA GLN F 69 30.06 -32.21 11.09
C GLN F 69 30.22 -33.72 10.93
N ARG F 70 30.53 -34.19 9.73
CA ARG F 70 30.80 -35.61 9.53
C ARG F 70 32.07 -36.06 10.26
N GLN F 71 32.98 -35.14 10.56
CA GLN F 71 34.20 -35.49 11.28
C GLN F 71 34.09 -35.29 12.78
N GLU F 72 33.20 -34.39 13.23
CA GLU F 72 33.06 -34.13 14.66
C GLU F 72 32.54 -35.36 15.39
N ASN F 73 31.58 -36.06 14.79
CA ASN F 73 31.05 -37.31 15.34
C ASN F 73 31.00 -38.36 14.25
N GLY F 74 30.68 -39.58 14.65
CA GLY F 74 30.72 -40.70 13.71
C GLY F 74 29.71 -40.58 12.59
N ASN F 75 28.47 -40.21 12.92
CA ASN F 75 27.40 -40.20 11.95
C ASN F 75 26.54 -38.94 12.14
N LEU F 76 25.77 -38.63 11.10
CA LEU F 76 24.98 -37.40 11.08
C LEU F 76 23.84 -37.48 12.09
N GLN F 77 23.66 -36.40 12.86
CA GLN F 77 22.66 -36.45 13.97
C GLN F 77 21.29 -36.79 13.40
N SER F 78 20.63 -37.84 13.89
CA SER F 78 19.30 -38.12 13.19
C SER F 78 18.00 -38.16 14.04
N GLN F 79 16.78 -37.81 13.50
CA GLN F 79 15.60 -37.97 14.34
C GLN F 79 14.77 -39.16 13.85
N HIS F 80 14.25 -39.94 14.80
CA HIS F 80 13.36 -41.04 14.48
C HIS F 80 11.99 -40.52 14.10
N LEU F 81 11.10 -41.31 13.64
CA LEU F 81 9.87 -40.75 13.29
C LEU F 81 8.86 -41.36 13.91
N LEU F 82 7.72 -40.88 14.07
CA LEU F 82 6.99 -41.98 14.69
C LEU F 82 6.38 -42.77 13.58
N ILE F 83 5.61 -42.01 12.88
CA ILE F 83 4.90 -42.65 11.78
C ILE F 83 5.87 -42.82 10.63
N PRO F 84 6.23 -44.05 10.25
CA PRO F 84 7.11 -44.25 9.10
C PRO F 84 6.43 -43.86 7.80
N VAL F 85 7.24 -43.49 6.82
CA VAL F 85 6.72 -43.01 5.54
C VAL F 85 7.10 -44.01 4.46
N THR F 86 6.09 -44.56 3.78
CA THR F 86 6.28 -45.52 2.70
C THR F 86 6.27 -44.80 1.36
N PHE F 87 7.04 -45.34 0.41
CA PHE F 87 7.11 -44.73 -0.91
C PHE F 87 7.31 -45.81 -1.97
N ALA F 88 7.50 -45.38 -3.22
CA ALA F 88 7.45 -46.27 -4.37
C ALA F 88 8.71 -47.13 -4.49
N ALA F 89 9.88 -46.49 -4.54
CA ALA F 89 11.17 -47.19 -4.55
C ALA F 89 11.29 -48.12 -5.77
N SER F 90 11.45 -47.48 -6.93
CA SER F 90 11.68 -48.21 -8.18
C SER F 90 12.63 -49.39 -7.99
N HIS F 91 12.26 -50.53 -8.57
CA HIS F 91 12.95 -51.82 -8.42
C HIS F 91 13.28 -52.13 -6.97
N GLU F 92 12.52 -51.53 -6.05
CA GLU F 92 12.60 -51.68 -4.61
C GLU F 92 13.85 -51.01 -4.05
N GLU F 93 14.78 -50.64 -4.93
CA GLU F 93 16.04 -50.00 -4.56
C GLU F 93 16.69 -50.63 -3.33
N CYS F 94 16.45 -51.91 -3.11
CA CYS F 94 17.04 -52.64 -1.98
C CYS F 94 18.40 -53.22 -2.33
N ALA F 95 18.79 -53.21 -3.60
CA ALA F 95 20.17 -53.54 -3.96
C ALA F 95 21.14 -52.49 -3.43
N ALA F 96 20.64 -51.32 -3.04
CA ALA F 96 21.44 -50.28 -2.42
C ALA F 96 21.08 -50.01 -0.97
N LEU F 97 20.02 -50.64 -0.45
CA LEU F 97 19.58 -50.43 0.93
C LEU F 97 19.91 -51.59 1.84
N ALA F 98 19.59 -52.82 1.43
CA ALA F 98 19.80 -53.98 2.29
C ALA F 98 21.29 -54.22 2.54
N ASP F 99 22.09 -54.25 1.47
CA ASP F 99 23.52 -54.47 1.63
C ASP F 99 24.20 -53.23 2.19
N HIS F 100 23.85 -52.05 1.69
CA HIS F 100 24.43 -50.79 2.17
C HIS F 100 23.51 -50.17 3.23
N ALA F 101 23.48 -50.84 4.38
CA ALA F 101 22.70 -50.37 5.52
C ALA F 101 23.55 -49.63 6.55
N GLU F 102 24.84 -49.97 6.65
CA GLU F 102 25.69 -49.31 7.63
C GLU F 102 25.99 -47.86 7.23
N THR F 103 26.38 -47.64 5.98
CA THR F 103 26.69 -46.28 5.53
C THR F 103 25.43 -45.44 5.41
N LEU F 104 24.34 -46.04 4.93
CA LEU F 104 23.09 -45.30 4.80
C LEU F 104 22.60 -44.82 6.16
N ALA F 105 22.69 -45.68 7.18
CA ALA F 105 22.39 -45.24 8.53
C ALA F 105 23.45 -44.29 9.07
N GLY F 106 24.67 -44.37 8.55
CA GLY F 106 25.74 -43.49 8.98
C GLY F 106 25.62 -42.08 8.43
N PHE F 107 24.82 -41.88 7.39
CA PHE F 107 24.56 -40.54 6.88
C PHE F 107 23.14 -40.07 7.18
N GLY F 108 22.50 -40.63 8.20
CA GLY F 108 21.26 -40.08 8.73
C GLY F 108 20.01 -40.89 8.47
N LEU F 109 19.85 -41.41 7.26
CA LEU F 109 18.62 -42.09 6.89
C LEU F 109 18.58 -43.51 7.43
N GLU F 110 17.40 -43.94 7.88
CA GLU F 110 17.17 -45.31 8.29
C GLU F 110 15.84 -45.77 7.68
N LEU F 111 15.90 -46.87 6.93
CA LEU F 111 14.73 -47.38 6.22
C LEU F 111 14.55 -48.86 6.51
N SER F 112 13.30 -49.30 6.47
CA SER F 112 12.93 -50.70 6.59
C SER F 112 12.11 -51.11 5.37
N ASP F 113 12.13 -52.41 5.08
CA ASP F 113 11.47 -52.96 3.91
C ASP F 113 10.12 -53.54 4.34
N MET F 114 9.10 -52.69 4.35
CA MET F 114 7.74 -53.10 4.73
C MET F 114 7.06 -53.64 3.48
N GLY F 115 7.13 -54.96 3.28
CA GLY F 115 6.50 -55.58 2.14
C GLY F 115 7.35 -55.54 0.89
N GLY F 116 6.84 -56.15 -0.17
CA GLY F 116 7.57 -56.22 -1.42
C GLY F 116 7.41 -54.93 -2.22
N ASN F 117 8.54 -54.41 -2.71
CA ASN F 117 8.58 -53.20 -3.52
C ASN F 117 7.99 -51.99 -2.80
N THR F 118 8.09 -51.98 -1.47
CA THR F 118 7.63 -50.86 -0.67
C THR F 118 8.64 -50.60 0.43
N LEU F 119 9.13 -49.37 0.51
CA LEU F 119 10.16 -48.97 1.48
C LEU F 119 9.58 -47.91 2.41
N ALA F 120 9.84 -48.09 3.70
CA ALA F 120 9.33 -47.19 4.74
C ALA F 120 10.50 -46.60 5.51
N VAL F 121 10.69 -45.30 5.40
CA VAL F 121 11.69 -44.60 6.19
C VAL F 121 11.16 -44.38 7.61
N ARG F 122 12.02 -44.62 8.60
CA ARG F 122 11.66 -44.44 10.00
C ARG F 122 12.62 -43.55 10.77
N ALA F 123 13.67 -43.05 10.13
CA ALA F 123 14.58 -42.10 10.76
C ALA F 123 15.28 -41.31 9.67
N ALA F 124 15.39 -40.00 9.87
CA ALA F 124 15.95 -39.11 8.86
C ALA F 124 16.81 -38.05 9.52
N PRO F 125 17.84 -37.55 8.84
CA PRO F 125 18.70 -36.53 9.43
C PRO F 125 17.94 -35.25 9.75
N VAL F 126 18.34 -34.60 10.85
CA VAL F 126 17.68 -33.37 11.27
C VAL F 126 18.13 -32.15 10.47
N MET F 127 19.28 -32.23 9.80
CA MET F 127 19.74 -31.10 9.02
C MET F 127 18.92 -30.88 7.76
N LEU F 128 18.16 -31.89 7.33
CA LEU F 128 17.09 -31.65 6.37
C LEU F 128 15.94 -30.90 7.05
N GLY F 129 15.47 -31.42 8.18
CA GLY F 129 14.58 -30.69 9.05
C GLY F 129 13.13 -30.59 8.61
N LYS F 130 12.89 -29.86 7.52
CA LYS F 130 11.53 -29.42 7.21
C LYS F 130 10.58 -30.58 6.97
N SER F 131 10.74 -31.30 5.85
CA SER F 131 9.84 -32.39 5.50
C SER F 131 10.24 -33.09 4.21
N ASP F 132 9.37 -33.99 3.73
CA ASP F 132 9.50 -34.68 2.45
C ASP F 132 10.77 -35.55 2.45
N VAL F 133 10.77 -36.52 3.36
CA VAL F 133 11.87 -37.48 3.42
C VAL F 133 11.84 -38.45 2.24
N VAL F 134 10.70 -38.55 1.54
CA VAL F 134 10.60 -39.44 0.39
C VAL F 134 11.56 -39.01 -0.70
N SER F 135 11.61 -37.70 -0.99
CA SER F 135 12.51 -37.20 -2.02
C SER F 135 13.96 -37.49 -1.67
N LEU F 136 14.35 -37.21 -0.43
CA LEU F 136 15.72 -37.45 0.01
C LEU F 136 16.07 -38.93 -0.10
N ALA F 137 15.17 -39.79 0.38
CA ALA F 137 15.43 -41.24 0.34
C ALA F 137 15.58 -41.72 -1.10
N ARG F 138 14.69 -41.29 -1.99
CA ARG F 138 14.72 -41.80 -3.35
C ARG F 138 15.92 -41.29 -4.13
N ASP F 139 16.29 -40.02 -3.95
CA ASP F 139 17.42 -39.50 -4.70
C ASP F 139 18.76 -39.72 -4.01
N VAL F 140 18.77 -40.34 -2.82
CA VAL F 140 20.02 -40.82 -2.25
C VAL F 140 20.20 -42.33 -2.43
N LEU F 141 19.11 -43.09 -2.59
CA LEU F 141 19.24 -44.54 -2.78
C LEU F 141 19.94 -44.87 -4.09
N GLY F 142 19.59 -44.16 -5.17
CA GLY F 142 20.23 -44.42 -6.45
C GLY F 142 21.61 -43.82 -6.62
N GLU F 143 22.04 -42.97 -5.68
CA GLU F 143 23.33 -42.32 -5.80
C GLU F 143 24.48 -43.23 -5.37
N LEU F 144 24.26 -44.06 -4.36
CA LEU F 144 25.33 -44.88 -3.77
C LEU F 144 25.48 -46.24 -4.46
N ALA F 145 25.06 -46.36 -5.71
CA ALA F 145 25.21 -47.60 -6.46
C ALA F 145 26.60 -47.61 -7.09
N GLN F 146 27.56 -48.18 -6.37
CA GLN F 146 28.95 -48.23 -6.80
C GLN F 146 29.52 -49.59 -6.42
N VAL F 147 30.86 -49.67 -6.40
CA VAL F 147 31.62 -50.88 -6.05
C VAL F 147 31.55 -51.91 -7.19
N ALA F 154 35.26 -47.20 -6.16
CA ALA F 154 35.91 -47.15 -4.85
C ALA F 154 34.89 -47.41 -3.74
N SER F 155 35.12 -46.80 -2.57
CA SER F 155 34.21 -46.91 -1.45
C SER F 155 33.92 -45.59 -0.75
N HIS F 156 34.66 -44.52 -1.07
CA HIS F 156 34.47 -43.21 -0.45
C HIS F 156 33.85 -42.29 -1.50
N GLU F 157 32.57 -41.99 -1.33
CA GLU F 157 31.80 -41.17 -2.27
C GLU F 157 31.35 -39.89 -1.56
N ASN F 158 32.01 -38.78 -1.87
CA ASN F 158 31.59 -37.50 -1.31
C ASN F 158 30.30 -36.99 -1.96
N ARG F 159 30.02 -37.42 -3.20
CA ARG F 159 28.82 -36.98 -3.91
C ARG F 159 27.55 -37.27 -3.13
N ILE F 160 27.59 -38.27 -2.24
CA ILE F 160 26.42 -38.59 -1.40
C ILE F 160 25.94 -37.35 -0.68
N LEU F 161 26.87 -36.54 -0.16
CA LEU F 161 26.49 -35.30 0.50
C LEU F 161 25.83 -34.34 -0.49
N ALA F 162 26.44 -34.18 -1.67
CA ALA F 162 26.05 -33.11 -2.59
C ALA F 162 24.56 -33.21 -2.94
N THR F 163 24.11 -34.40 -3.34
CA THR F 163 22.70 -34.59 -3.65
C THR F 163 21.82 -34.18 -2.49
N MET F 164 22.16 -34.63 -1.27
CA MET F 164 21.37 -34.30 -0.09
C MET F 164 21.28 -32.80 0.14
N SER F 165 22.26 -32.04 -0.36
CA SER F 165 22.24 -30.59 -0.17
C SER F 165 21.23 -29.90 -1.08
N CYS F 166 20.94 -30.48 -2.26
CA CYS F 166 20.27 -29.72 -3.30
C CYS F 166 18.80 -29.47 -3.04
N HIS F 167 18.19 -30.12 -2.04
CA HIS F 167 16.79 -29.84 -1.74
C HIS F 167 16.49 -29.72 -0.26
N GLY F 168 17.39 -30.11 0.64
CA GLY F 168 17.12 -30.04 2.07
C GLY F 168 17.60 -28.74 2.71
N SER F 169 17.08 -27.62 2.24
CA SER F 169 17.46 -26.31 2.76
C SER F 169 16.25 -25.38 2.64
N ILE F 170 16.48 -24.08 2.72
CA ILE F 170 15.41 -23.11 2.48
C ILE F 170 14.85 -23.36 1.09
N ARG F 171 13.58 -23.71 1.02
CA ARG F 171 12.97 -24.05 -0.25
C ARG F 171 12.34 -22.80 -0.89
N ALA F 172 12.15 -22.88 -2.20
CA ALA F 172 11.51 -21.79 -2.93
C ALA F 172 10.13 -21.50 -2.33
N GLY F 173 9.98 -20.33 -1.72
CA GLY F 173 8.78 -20.01 -0.99
C GLY F 173 8.82 -18.66 -0.33
N ARG F 174 8.55 -18.62 0.98
CA ARG F 174 8.47 -17.36 1.71
C ARG F 174 9.78 -16.59 1.61
N ARG F 175 9.65 -15.27 1.44
CA ARG F 175 10.80 -14.41 1.26
C ARG F 175 11.73 -14.45 2.47
N LEU F 176 12.91 -13.85 2.32
CA LEU F 176 13.92 -13.92 3.37
C LEU F 176 13.42 -13.24 4.64
N THR F 177 13.87 -13.75 5.77
CA THR F 177 13.59 -13.12 7.05
C THR F 177 14.54 -11.95 7.25
N LEU F 178 13.99 -10.75 7.31
CA LEU F 178 14.81 -9.57 7.60
C LEU F 178 15.63 -9.69 8.87
N PRO F 179 15.15 -10.30 9.96
CA PRO F 179 16.04 -10.57 11.10
C PRO F 179 17.26 -11.39 10.72
N GLU F 180 17.15 -12.28 9.74
CA GLU F 180 18.28 -13.08 9.29
C GLU F 180 18.71 -12.75 7.86
N MET F 181 18.25 -11.62 7.31
CA MET F 181 18.61 -11.27 5.95
C MET F 181 20.11 -11.08 5.79
N ASN F 182 20.68 -10.12 6.53
CA ASN F 182 22.13 -9.96 6.54
C ASN F 182 22.81 -11.09 7.29
N ALA F 183 22.15 -11.63 8.31
CA ALA F 183 22.72 -12.72 9.09
C ALA F 183 22.94 -13.96 8.24
N LEU F 184 22.01 -14.26 7.33
CA LEU F 184 22.18 -15.42 6.47
C LEU F 184 23.40 -15.27 5.58
N LEU F 185 23.60 -14.08 4.99
CA LEU F 185 24.78 -13.85 4.17
C LEU F 185 26.06 -13.96 4.98
N ARG F 186 26.06 -13.36 6.17
CA ARG F 186 27.25 -13.42 7.03
C ARG F 186 27.58 -14.84 7.43
N ASP F 187 26.56 -15.64 7.78
CA ASP F 187 26.80 -17.02 8.17
C ASP F 187 27.23 -17.87 6.98
N MET F 188 26.66 -17.61 5.80
CA MET F 188 27.08 -18.34 4.60
C MET F 188 28.53 -18.06 4.27
N GLU F 189 28.96 -16.79 4.39
CA GLU F 189 30.35 -16.46 4.13
C GLU F 189 31.27 -16.97 5.23
N ASN F 190 30.78 -17.07 6.47
CA ASN F 190 31.63 -17.46 7.58
C ASN F 190 32.14 -18.89 7.43
N THR F 191 31.25 -19.80 7.03
CA THR F 191 31.62 -21.20 6.82
C THR F 191 31.84 -21.53 5.35
N PRO F 192 31.92 -20.52 4.49
CA PRO F 192 32.04 -20.73 3.06
C PRO F 192 33.40 -21.32 2.71
N ARG F 193 33.58 -21.61 1.42
CA ARG F 193 34.83 -22.11 0.88
C ARG F 193 35.23 -21.32 -0.35
N SER F 194 34.99 -20.00 -0.34
CA SER F 194 35.55 -19.11 -1.35
C SER F 194 35.12 -19.48 -2.77
N ASN F 195 33.86 -19.17 -3.12
CA ASN F 195 33.20 -19.63 -4.34
C ASN F 195 32.91 -21.13 -4.27
N GLN F 196 31.97 -21.50 -3.39
CA GLN F 196 31.54 -22.88 -3.16
C GLN F 196 31.35 -23.67 -4.45
N CYS F 197 31.01 -22.98 -5.55
CA CYS F 197 31.02 -23.55 -6.90
C CYS F 197 30.31 -24.90 -6.98
N ASN F 198 29.12 -24.97 -6.36
CA ASN F 198 28.30 -26.17 -6.51
C ASN F 198 27.88 -26.37 -7.95
N HIS F 199 27.65 -25.28 -8.68
CA HIS F 199 27.23 -25.31 -10.07
C HIS F 199 28.28 -24.72 -11.00
N GLY F 200 29.47 -24.41 -10.47
CA GLY F 200 30.48 -23.71 -11.22
C GLY F 200 30.34 -22.20 -11.23
N ARG F 201 29.15 -21.69 -10.93
CA ARG F 201 28.86 -20.26 -10.89
C ARG F 201 29.23 -19.67 -9.53
N PRO F 202 30.05 -18.62 -9.50
CA PRO F 202 30.31 -17.96 -8.22
C PRO F 202 29.01 -17.42 -7.62
N THR F 203 28.80 -17.75 -6.34
CA THR F 203 27.58 -17.32 -5.67
C THR F 203 27.51 -15.80 -5.56
N TRP F 204 28.46 -15.21 -4.85
CA TRP F 204 28.53 -13.77 -4.69
C TRP F 204 29.32 -13.20 -5.86
N VAL F 205 28.68 -12.35 -6.65
CA VAL F 205 29.31 -11.77 -7.83
C VAL F 205 29.64 -10.32 -7.52
N LYS F 206 30.92 -9.98 -7.58
CA LYS F 206 31.32 -8.61 -7.34
C LYS F 206 30.79 -7.70 -8.43
N LEU F 207 30.37 -6.50 -8.02
CA LEU F 207 29.98 -5.47 -8.96
C LEU F 207 30.28 -4.17 -8.23
N THR F 208 31.19 -3.35 -8.76
CA THR F 208 31.64 -2.19 -8.02
C THR F 208 30.83 -0.95 -8.38
N LEU F 209 31.03 0.10 -7.57
CA LEU F 209 30.39 1.39 -7.87
C LEU F 209 30.84 1.92 -9.23
N LYS F 210 32.13 1.80 -9.53
CA LYS F 210 32.63 2.21 -10.83
C LYS F 210 32.05 1.36 -11.95
N GLU F 211 31.79 0.07 -11.68
CA GLU F 211 31.15 -0.76 -12.70
C GLU F 211 29.72 -0.35 -12.96
N LEU F 212 28.97 0.01 -11.90
CA LEU F 212 27.62 0.54 -12.10
C LEU F 212 27.66 1.84 -12.89
N ASP F 213 28.63 2.72 -12.57
CA ASP F 213 28.76 3.96 -13.33
C ASP F 213 29.08 3.69 -14.79
N THR F 214 29.95 2.71 -15.05
CA THR F 214 30.32 2.36 -16.42
C THR F 214 29.13 1.79 -17.19
N LEU F 215 28.34 0.92 -16.55
CA LEU F 215 27.24 0.26 -17.24
C LEU F 215 26.11 1.21 -17.59
N PHE F 216 26.14 2.46 -17.12
CA PHE F 216 25.19 3.48 -17.54
C PHE F 216 25.56 3.90 -18.97
N LEU F 217 25.12 3.11 -19.97
CA LEU F 217 25.43 3.35 -21.38
C LEU F 217 24.92 4.72 -21.81
N ARG F 218 25.85 5.63 -22.11
CA ARG F 218 25.52 7.02 -22.41
C ARG F 218 25.47 7.29 -23.90
N PRO G 27 41.39 48.05 26.02
CA PRO G 27 42.28 49.21 26.08
C PRO G 27 43.47 49.08 25.11
N PRO G 28 43.39 49.76 23.95
CA PRO G 28 42.29 50.63 23.55
C PRO G 28 41.11 49.87 22.95
N LEU G 29 40.24 50.58 22.25
CA LEU G 29 39.04 50.09 21.58
C LEU G 29 37.98 49.59 22.57
N GLY G 30 38.24 49.66 23.86
CA GLY G 30 37.22 49.39 24.86
C GLY G 30 37.32 48.00 25.47
N PHE G 31 36.26 47.66 26.19
CA PHE G 31 36.13 46.37 26.88
C PHE G 31 34.66 45.95 26.74
N ALA G 32 34.42 44.85 26.02
CA ALA G 32 33.06 44.45 25.69
C ALA G 32 32.24 44.19 26.95
N ILE G 33 31.03 44.74 26.99
CA ILE G 33 30.13 44.60 28.13
C ILE G 33 28.89 43.81 27.76
N ALA G 34 28.36 43.98 26.55
CA ALA G 34 27.13 43.30 26.15
C ALA G 34 26.97 43.44 24.64
N GLN G 35 25.83 42.97 24.14
CA GLN G 35 25.49 43.04 22.73
C GLN G 35 24.16 43.78 22.59
N LEU G 36 23.86 44.20 21.36
CA LEU G 36 22.68 45.01 21.07
C LEU G 36 21.82 44.28 20.04
N LEU G 37 20.91 43.44 20.53
CA LEU G 37 19.81 42.86 19.74
C LEU G 37 20.30 41.79 18.76
N GLY G 38 21.61 41.65 18.60
CA GLY G 38 22.11 40.56 17.78
C GLY G 38 23.19 40.90 16.78
N ILE G 39 23.33 42.18 16.44
CA ILE G 39 24.32 42.60 15.45
C ILE G 39 25.44 43.43 16.06
N TYR G 40 25.22 44.09 17.18
CA TYR G 40 26.22 44.96 17.79
C TYR G 40 26.81 44.35 19.03
N ILE G 41 28.06 44.71 19.29
CA ILE G 41 28.72 44.45 20.55
C ILE G 41 29.24 45.78 21.09
N LEU G 42 28.75 46.20 22.24
CA LEU G 42 29.13 47.49 22.79
C LEU G 42 30.24 47.30 23.81
N ALA G 43 31.32 48.05 23.66
CA ALA G 43 32.51 47.90 24.47
C ALA G 43 32.77 49.18 25.24
N GLN G 44 32.97 49.04 26.56
CA GLN G 44 33.21 50.19 27.42
C GLN G 44 34.68 50.58 27.40
N ALA G 45 34.95 51.86 27.15
CA ALA G 45 36.30 52.40 27.18
C ALA G 45 36.33 53.60 28.14
N GLU G 46 37.49 54.25 28.21
CA GLU G 46 37.58 55.47 28.99
C GLU G 46 36.76 56.60 28.36
N ASP G 47 36.63 56.58 27.03
CA ASP G 47 35.86 57.61 26.34
C ASP G 47 34.36 57.36 26.51
N SER G 48 33.87 56.25 26.00
CA SER G 48 32.47 55.87 26.05
C SER G 48 32.36 54.43 25.57
N LEU G 49 31.13 53.95 25.44
CA LEU G 49 30.90 52.63 24.86
C LEU G 49 30.80 52.74 23.35
N LEU G 50 31.40 51.76 22.67
CA LEU G 50 31.57 51.76 21.23
C LEU G 50 30.77 50.60 20.66
N LEU G 51 29.96 50.88 19.63
CA LEU G 51 29.16 49.85 18.98
C LEU G 51 29.98 49.24 17.85
N ILE G 52 30.35 47.98 17.99
CA ILE G 52 31.13 47.26 16.99
C ILE G 52 30.18 46.37 16.22
N ASP G 53 30.16 46.52 14.90
CA ASP G 53 29.43 45.63 14.00
C ASP G 53 30.18 44.31 13.96
N MET G 54 29.74 43.35 14.78
CA MET G 54 30.54 42.15 15.01
C MET G 54 30.74 41.33 13.74
N HIS G 55 29.70 41.23 12.90
CA HIS G 55 29.86 40.47 11.66
C HIS G 55 30.85 41.14 10.72
N ALA G 56 30.74 42.46 10.54
CA ALA G 56 31.67 43.17 9.68
C ALA G 56 33.09 43.14 10.23
N ALA G 57 33.23 43.33 11.55
CA ALA G 57 34.55 43.30 12.16
C ALA G 57 35.20 41.94 12.01
N ALA G 58 34.41 40.87 12.23
CA ALA G 58 34.95 39.52 12.06
C ALA G 58 35.24 39.21 10.60
N GLU G 59 34.44 39.73 9.68
CA GLU G 59 34.74 39.57 8.26
C GLU G 59 36.08 40.21 7.91
N ARG G 60 36.30 41.42 8.39
CA ARG G 60 37.57 42.10 8.12
C ARG G 60 38.74 41.35 8.75
N VAL G 61 38.59 40.91 9.99
CA VAL G 61 39.71 40.25 10.67
C VAL G 61 39.98 38.89 10.03
N ASN G 62 38.94 38.18 9.59
CA ASN G 62 39.13 36.90 8.93
C ASN G 62 39.77 37.09 7.55
N TYR G 63 39.38 38.14 6.82
CA TYR G 63 40.02 38.45 5.55
C TYR G 63 41.50 38.71 5.74
N GLU G 64 41.86 39.53 6.74
CA GLU G 64 43.26 39.82 6.99
C GLU G 64 44.02 38.57 7.42
N LYS G 65 43.44 37.77 8.31
CA LYS G 65 44.09 36.55 8.78
C LYS G 65 44.30 35.57 7.65
N MET G 66 43.30 35.41 6.78
CA MET G 66 43.42 34.48 5.66
C MET G 66 44.48 34.95 4.66
N LYS G 67 44.54 36.25 4.37
CA LYS G 67 45.58 36.73 3.46
C LYS G 67 46.97 36.56 4.08
N ARG G 68 47.09 36.82 5.39
CA ARG G 68 48.37 36.63 6.06
C ARG G 68 48.79 35.17 6.04
N GLN G 69 47.84 34.26 6.26
CA GLN G 69 48.09 32.83 6.16
C GLN G 69 48.21 32.34 4.72
N ARG G 70 47.90 33.19 3.74
CA ARG G 70 48.01 32.82 2.34
C ARG G 70 49.37 33.18 1.76
N GLN G 71 49.84 34.41 2.00
CA GLN G 71 51.16 34.77 1.49
C GLN G 71 52.26 33.92 2.13
N GLU G 72 52.07 33.54 3.38
CA GLU G 72 52.97 32.63 4.08
C GLU G 72 52.37 31.23 4.10
N ASN G 73 53.23 30.23 3.87
CA ASN G 73 52.86 28.81 3.85
C ASN G 73 52.06 28.44 2.62
N GLY G 74 51.65 29.43 1.82
CA GLY G 74 51.02 29.20 0.54
C GLY G 74 49.67 28.50 0.57
N ASN G 75 49.09 28.34 1.76
CA ASN G 75 47.78 27.69 1.88
C ASN G 75 47.19 28.00 3.24
N LEU G 76 45.89 27.81 3.35
CA LEU G 76 45.17 27.96 4.61
C LEU G 76 45.25 26.69 5.43
N GLN G 77 44.96 26.83 6.73
CA GLN G 77 45.04 25.70 7.66
C GLN G 77 43.76 24.88 7.56
N SER G 78 43.89 23.63 7.14
CA SER G 78 42.76 22.74 6.99
C SER G 78 42.34 22.14 8.34
N GLN G 79 41.12 21.62 8.40
CA GLN G 79 40.62 20.92 9.57
C GLN G 79 39.63 19.87 9.12
N HIS G 80 39.96 18.61 9.34
CA HIS G 80 39.01 17.54 9.10
C HIS G 80 37.91 17.57 10.15
N LEU G 81 36.70 17.22 9.72
CA LEU G 81 35.52 17.30 10.59
C LEU G 81 34.70 16.02 10.50
N LEU G 82 33.97 15.75 11.57
CA LEU G 82 33.05 14.62 11.62
C LEU G 82 31.79 14.93 10.81
N ILE G 83 31.10 13.87 10.39
CA ILE G 83 29.83 13.89 9.67
C ILE G 83 29.84 14.97 8.59
N PRO G 84 30.53 14.74 7.48
CA PRO G 84 30.61 15.77 6.43
C PRO G 84 29.23 16.11 5.86
N VAL G 85 29.11 17.34 5.37
CA VAL G 85 27.88 17.81 4.73
C VAL G 85 28.02 17.65 3.22
N THR G 86 26.96 17.15 2.60
CA THR G 86 26.93 16.86 1.17
C THR G 86 26.11 17.95 0.47
N PHE G 87 26.64 18.51 -0.63
CA PHE G 87 26.03 19.75 -1.14
C PHE G 87 24.79 19.48 -2.00
N ALA G 88 25.00 18.95 -3.21
CA ALA G 88 24.06 19.01 -4.34
C ALA G 88 24.84 18.95 -5.66
N ALA G 89 25.87 19.78 -5.78
CA ALA G 89 26.98 19.60 -6.72
C ALA G 89 26.49 19.50 -8.18
N SER G 90 26.07 20.66 -8.70
CA SER G 90 25.71 20.76 -10.11
C SER G 90 26.77 20.11 -10.99
N HIS G 91 26.33 19.67 -12.18
CA HIS G 91 27.09 18.68 -12.96
C HIS G 91 28.50 19.16 -13.28
N GLU G 92 28.63 20.38 -13.79
CA GLU G 92 29.96 20.87 -14.17
C GLU G 92 30.84 21.17 -12.96
N GLU G 93 30.24 21.35 -11.77
CA GLU G 93 31.05 21.53 -10.57
C GLU G 93 31.78 20.25 -10.19
N CYS G 94 31.20 19.09 -10.48
CA CYS G 94 31.90 17.83 -10.27
C CYS G 94 33.13 17.74 -11.16
N ALA G 95 33.01 18.17 -12.42
CA ALA G 95 34.17 18.21 -13.31
C ALA G 95 35.18 19.26 -12.85
N ALA G 96 34.70 20.37 -12.27
CA ALA G 96 35.61 21.34 -11.68
C ALA G 96 36.39 20.75 -10.51
N LEU G 97 35.75 19.85 -9.76
CA LEU G 97 36.49 19.07 -8.76
C LEU G 97 37.47 18.12 -9.43
N ALA G 98 37.09 17.58 -10.59
CA ALA G 98 38.03 16.77 -11.36
C ALA G 98 39.23 17.60 -11.80
N ASP G 99 39.00 18.86 -12.14
CA ASP G 99 40.08 19.82 -12.27
C ASP G 99 40.80 19.92 -10.93
N HIS G 100 42.09 20.31 -10.99
CA HIS G 100 43.00 20.16 -9.86
C HIS G 100 42.39 20.61 -8.54
N ALA G 101 42.20 19.66 -7.62
CA ALA G 101 41.63 19.96 -6.32
C ALA G 101 42.65 20.52 -5.35
N GLU G 102 43.92 20.57 -5.74
CA GLU G 102 44.95 21.14 -4.87
C GLU G 102 44.73 22.63 -4.61
N THR G 103 44.04 23.32 -5.51
CA THR G 103 43.63 24.69 -5.22
C THR G 103 42.65 24.72 -4.05
N LEU G 104 41.67 23.81 -4.06
CA LEU G 104 40.71 23.72 -2.97
C LEU G 104 41.41 23.37 -1.66
N ALA G 105 42.39 22.46 -1.70
CA ALA G 105 43.18 22.17 -0.51
C ALA G 105 44.00 23.38 -0.08
N GLY G 106 44.42 24.21 -1.04
CA GLY G 106 45.12 25.44 -0.69
C GLY G 106 44.25 26.41 0.07
N PHE G 107 42.95 26.42 -0.22
CA PHE G 107 41.99 27.20 0.56
C PHE G 107 41.54 26.48 1.82
N GLY G 108 42.17 25.35 2.16
CA GLY G 108 41.76 24.58 3.31
C GLY G 108 40.49 23.78 3.13
N LEU G 109 40.11 23.49 1.89
CA LEU G 109 38.87 22.79 1.58
C LEU G 109 39.19 21.49 0.86
N GLU G 110 39.13 20.38 1.58
CA GLU G 110 39.23 19.05 0.99
C GLU G 110 37.82 18.48 0.89
N LEU G 111 37.42 18.09 -0.31
CA LEU G 111 36.09 17.53 -0.52
C LEU G 111 36.17 16.40 -1.54
N SER G 112 35.32 15.41 -1.35
CA SER G 112 35.28 14.21 -2.18
C SER G 112 33.93 14.10 -2.89
N ASP G 113 33.87 13.19 -3.86
CA ASP G 113 32.64 12.90 -4.58
C ASP G 113 32.02 11.64 -4.02
N MET G 114 30.75 11.75 -3.60
CA MET G 114 30.06 10.59 -3.04
C MET G 114 29.47 9.70 -4.12
N GLY G 115 29.09 10.28 -5.26
CA GLY G 115 28.47 9.53 -6.33
C GLY G 115 27.38 10.32 -7.03
N GLY G 116 26.92 9.83 -8.17
CA GLY G 116 25.96 10.58 -8.97
C GLY G 116 26.52 11.93 -9.35
N ASN G 117 25.94 13.00 -8.80
CA ASN G 117 26.48 14.35 -8.97
C ASN G 117 26.44 15.08 -7.63
N THR G 118 26.99 14.47 -6.58
CA THR G 118 27.01 15.12 -5.27
C THR G 118 28.39 14.97 -4.64
N LEU G 119 28.74 15.94 -3.78
CA LEU G 119 30.06 16.02 -3.16
C LEU G 119 29.90 16.35 -1.68
N ALA G 120 30.98 16.12 -0.92
CA ALA G 120 30.96 16.39 0.52
C ALA G 120 32.34 16.86 0.98
N VAL G 121 32.37 17.89 1.82
CA VAL G 121 33.63 18.38 2.40
C VAL G 121 34.09 17.44 3.52
N ARG G 122 35.21 16.76 3.28
CA ARG G 122 35.87 16.04 4.35
C ARG G 122 36.61 16.98 5.29
N ALA G 123 36.98 18.16 4.82
CA ALA G 123 37.72 19.13 5.61
C ALA G 123 37.27 20.54 5.24
N ALA G 124 37.32 21.43 6.24
CA ALA G 124 36.96 22.83 6.11
C ALA G 124 38.08 23.67 6.70
N PRO G 125 38.22 24.92 6.25
CA PRO G 125 39.26 25.78 6.83
C PRO G 125 38.94 26.14 8.28
N VAL G 126 40.00 26.24 9.09
CA VAL G 126 39.87 26.79 10.44
C VAL G 126 39.66 28.29 10.30
N MET G 127 39.32 28.95 11.41
CA MET G 127 39.01 30.39 11.46
C MET G 127 37.66 30.65 10.81
N LEU G 128 37.07 29.62 10.22
CA LEU G 128 35.72 29.67 9.68
C LEU G 128 34.86 28.52 10.19
N GLY G 129 35.44 27.33 10.36
CA GLY G 129 34.83 26.21 11.06
C GLY G 129 33.35 25.96 10.80
N LYS G 130 32.54 26.06 11.86
CA LYS G 130 31.11 25.82 11.72
C LYS G 130 30.46 26.92 10.89
N SER G 131 29.74 26.52 9.86
CA SER G 131 29.10 27.45 8.94
C SER G 131 28.22 26.65 7.99
N ASP G 132 27.65 27.35 7.00
CA ASP G 132 27.16 26.72 5.79
C ASP G 132 28.36 26.44 4.88
N VAL G 133 29.14 25.43 5.30
CA VAL G 133 30.37 25.07 4.59
C VAL G 133 30.10 24.82 3.12
N VAL G 134 28.87 24.41 2.79
CA VAL G 134 28.46 24.26 1.41
C VAL G 134 28.61 25.58 0.66
N SER G 135 28.34 26.70 1.33
CA SER G 135 28.44 28.00 0.66
C SER G 135 29.88 28.34 0.30
N LEU G 136 30.82 28.14 1.24
CA LEU G 136 32.23 28.41 0.95
C LEU G 136 32.74 27.49 -0.16
N ALA G 137 32.44 26.20 -0.05
CA ALA G 137 32.87 25.25 -1.06
C ALA G 137 32.27 25.59 -2.42
N ARG G 138 31.00 26.01 -2.44
CA ARG G 138 30.33 26.35 -3.69
C ARG G 138 30.94 27.59 -4.32
N ASP G 139 31.26 28.60 -3.51
CA ASP G 139 31.92 29.79 -4.05
C ASP G 139 33.25 29.42 -4.69
N VAL G 140 34.11 28.71 -3.95
CA VAL G 140 35.44 28.42 -4.48
C VAL G 140 35.36 27.46 -5.66
N LEU G 141 34.34 26.60 -5.71
CA LEU G 141 34.21 25.63 -6.79
C LEU G 141 33.60 26.25 -8.05
N GLY G 142 32.63 27.14 -7.89
CA GLY G 142 32.06 27.85 -9.02
C GLY G 142 32.97 28.93 -9.57
N GLU G 143 33.98 29.35 -8.78
CA GLU G 143 35.00 30.21 -9.36
C GLU G 143 35.90 29.48 -10.35
N LEU G 144 35.79 28.16 -10.45
CA LEU G 144 36.65 27.35 -11.32
C LEU G 144 36.11 27.25 -12.74
N ALA G 145 35.31 28.21 -13.19
CA ALA G 145 34.80 28.21 -14.56
C ALA G 145 35.90 28.60 -15.55
N ALA G 154 40.68 30.31 -14.55
CA ALA G 154 42.02 30.24 -14.00
C ALA G 154 42.49 31.60 -13.48
N SER G 155 43.67 31.61 -12.89
CA SER G 155 44.34 32.81 -12.37
C SER G 155 43.49 33.38 -11.24
N HIS G 156 43.54 34.71 -11.03
CA HIS G 156 42.90 35.41 -9.93
C HIS G 156 43.45 34.98 -8.57
N GLU G 157 43.29 35.83 -7.55
CA GLU G 157 43.53 35.41 -6.18
C GLU G 157 42.48 35.88 -5.19
N ASN G 158 41.78 36.98 -5.45
CA ASN G 158 40.94 37.61 -4.43
C ASN G 158 39.49 37.13 -4.53
N ARG G 159 39.33 35.82 -4.43
CA ARG G 159 38.09 35.22 -3.97
C ARG G 159 38.19 34.81 -2.51
N ILE G 160 39.34 35.07 -1.88
CA ILE G 160 39.51 34.86 -0.44
C ILE G 160 38.93 36.00 0.37
N LEU G 161 38.41 37.03 -0.28
CA LEU G 161 37.75 38.16 0.37
C LEU G 161 36.32 37.76 0.75
N ALA G 162 35.46 38.75 0.99
CA ALA G 162 34.10 38.54 1.47
C ALA G 162 33.37 37.41 0.75
N THR G 163 33.79 37.08 -0.47
CA THR G 163 33.27 35.88 -1.12
C THR G 163 33.66 34.63 -0.33
N MET G 164 34.93 34.53 0.10
CA MET G 164 35.31 33.47 1.02
C MET G 164 34.99 33.84 2.47
N SER G 165 34.95 35.14 2.77
CA SER G 165 34.46 35.62 4.05
C SER G 165 32.96 35.78 4.07
N CYS G 166 32.25 35.00 3.23
CA CYS G 166 30.80 34.87 3.21
C CYS G 166 30.29 34.10 4.41
N HIS G 167 31.24 33.80 5.29
CA HIS G 167 30.97 33.24 6.61
C HIS G 167 31.13 34.27 7.72
N GLY G 168 32.24 35.01 7.73
CA GLY G 168 32.45 36.04 8.75
C GLY G 168 32.45 35.43 10.14
N SER G 169 31.79 36.12 11.07
CA SER G 169 31.41 35.49 12.32
C SER G 169 30.05 34.84 12.14
N ILE G 170 29.52 34.25 13.21
CA ILE G 170 28.14 33.80 13.17
C ILE G 170 27.27 34.99 12.84
N ARG G 171 26.31 34.78 11.94
CA ARG G 171 25.68 35.89 11.21
C ARG G 171 25.02 36.89 12.14
N ALA G 172 23.96 36.47 12.86
CA ALA G 172 23.27 37.38 13.74
C ALA G 172 22.88 36.74 15.07
N GLY G 173 23.33 35.52 15.36
CA GLY G 173 22.99 34.84 16.59
C GLY G 173 24.22 34.30 17.27
N ARG G 174 23.99 33.72 18.46
CA ARG G 174 24.95 32.90 19.19
C ARG G 174 26.13 33.67 19.78
N ARG G 175 26.42 34.85 19.21
CA ARG G 175 26.93 35.99 19.95
C ARG G 175 27.69 35.61 21.21
N LEU G 176 28.74 34.79 21.07
CA LEU G 176 29.42 34.21 22.24
C LEU G 176 29.78 35.31 23.24
N THR G 177 29.82 34.93 24.52
CA THR G 177 29.69 35.87 25.61
C THR G 177 30.93 36.76 25.73
N LEU G 178 30.91 37.60 26.76
CA LEU G 178 31.90 38.67 26.94
C LEU G 178 33.36 38.22 26.87
N PRO G 179 33.79 37.09 27.46
CA PRO G 179 35.22 36.74 27.39
C PRO G 179 35.76 36.67 25.97
N GLU G 180 35.12 35.91 25.08
CA GLU G 180 35.51 35.89 23.68
C GLU G 180 35.04 37.14 22.94
N MET G 181 34.07 37.86 23.50
CA MET G 181 33.70 39.16 22.94
C MET G 181 34.89 40.11 22.94
N ASN G 182 35.70 40.09 24.00
CA ASN G 182 36.91 40.89 24.02
C ASN G 182 37.91 40.43 22.95
N ALA G 183 38.01 39.11 22.76
CA ALA G 183 38.88 38.60 21.70
C ALA G 183 38.45 39.12 20.34
N LEU G 184 37.14 39.19 20.10
CA LEU G 184 36.64 39.85 18.90
C LEU G 184 36.97 41.34 18.91
N LEU G 185 36.92 41.98 20.08
CA LEU G 185 37.32 43.39 20.23
C LEU G 185 38.79 43.63 19.93
N ARG G 186 39.60 42.57 19.86
CA ARG G 186 40.97 42.71 19.37
C ARG G 186 41.07 42.54 17.86
N ASP G 187 40.02 42.93 17.13
CA ASP G 187 39.96 42.69 15.69
C ASP G 187 41.06 43.45 14.95
N MET G 188 41.03 44.79 15.02
CA MET G 188 42.01 45.59 14.30
C MET G 188 43.37 45.60 14.96
N GLU G 189 43.50 45.05 16.16
CA GLU G 189 44.82 44.78 16.71
C GLU G 189 45.49 43.68 15.89
N ASN G 190 46.73 43.92 15.48
CA ASN G 190 47.54 43.06 14.62
C ASN G 190 47.03 42.99 13.19
N THR G 191 45.95 43.71 12.85
CA THR G 191 45.40 43.64 11.49
C THR G 191 45.05 45.01 10.96
N PRO G 192 45.59 45.40 9.80
CA PRO G 192 45.15 46.65 9.16
C PRO G 192 43.87 46.46 8.36
N ARG G 193 43.48 47.48 7.60
CA ARG G 193 42.32 47.42 6.71
C ARG G 193 41.02 47.32 7.53
N GLY G 200 32.65 48.31 2.48
CA GLY G 200 33.74 48.96 3.19
C GLY G 200 33.26 49.93 4.24
N ARG G 201 32.24 49.52 5.00
CA ARG G 201 31.66 50.38 6.02
C ARG G 201 32.50 50.34 7.30
N PRO G 202 32.61 51.46 8.02
CA PRO G 202 33.27 51.43 9.33
C PRO G 202 32.50 50.55 10.32
N THR G 203 33.23 50.03 11.30
CA THR G 203 32.71 48.99 12.18
C THR G 203 32.65 49.42 13.65
N TRP G 204 32.76 50.71 13.95
CA TRP G 204 32.79 51.15 15.34
C TRP G 204 32.21 52.55 15.54
N VAL G 205 32.74 53.26 16.54
CA VAL G 205 32.08 54.27 17.37
C VAL G 205 31.10 55.18 16.65
N LYS G 206 29.94 55.39 17.29
CA LYS G 206 29.06 56.50 17.03
C LYS G 206 28.66 57.24 18.29
N LEU G 207 28.69 56.58 19.46
CA LEU G 207 28.25 57.21 20.70
C LEU G 207 29.12 58.40 21.08
N THR G 208 28.55 59.59 20.94
CA THR G 208 29.14 60.83 21.43
C THR G 208 28.09 61.66 22.16
N LEU G 209 27.17 60.98 22.83
CA LEU G 209 25.92 61.58 23.32
C LEU G 209 25.13 62.20 22.17
N LYS G 210 25.28 61.63 20.97
CA LYS G 210 24.36 61.94 19.88
C LYS G 210 23.02 61.26 20.11
N GLU G 211 23.03 60.07 20.73
CA GLU G 211 21.79 59.48 21.22
C GLU G 211 21.14 60.38 22.26
N LEU G 212 21.92 61.20 22.96
CA LEU G 212 21.35 62.20 23.86
C LEU G 212 20.52 63.22 23.09
N ASP G 213 21.08 63.76 22.00
CA ASP G 213 20.31 64.65 21.15
C ASP G 213 19.11 63.94 20.55
N THR G 214 19.24 62.64 20.27
CA THR G 214 18.11 61.87 19.75
C THR G 214 17.03 61.65 20.81
N LEU G 215 17.37 61.71 22.10
CA LEU G 215 16.42 61.46 23.17
C LEU G 215 16.14 62.67 24.05
N PHE G 216 16.87 63.76 23.90
CA PHE G 216 16.62 64.96 24.70
C PHE G 216 16.09 66.10 23.85
#